data_8HK7
#
_entry.id   8HK7
#
_cell.length_a   1.00
_cell.length_b   1.00
_cell.length_c   1.00
_cell.angle_alpha   90.00
_cell.angle_beta   90.00
_cell.angle_gamma   90.00
#
_symmetry.space_group_name_H-M   'P 1'
#
loop_
_entity.id
_entity.type
_entity.pdbx_description
1 polymer Polycystin-2
2 non-polymer 2-acetamido-2-deoxy-beta-D-glucopyranose
3 non-polymer 'CALCIUM ION'
4 non-polymer 2-{2-oxo-2-[(4S)-2,2,4-trimethyl-3,4-dihydroquinolin-1(2H)-yl]ethyl}-1H-isoindole-1,3(2H)-dione
#
_entity_poly.entity_id   1
_entity_poly.type   'polypeptide(L)'
_entity_poly.pdbx_seq_one_letter_code
;MSAWSHPQFEKGGGSGGGSGGSAWSHPQFEKGSAAAPRVAWAERLVRGLRGLWGTRLMEESSTNREKYLKSVLRELVTYL
LFLIVLCILTYGMMSSNVYYYTRMMSQLFLDTPVSKTEKTNFKTLSSMEDFWKFTEGSLLDGLYWKMQPSNQTEADNRSF
IFYENLLLGVPRIRQLRVRNGSCSIPQDLRDEIKECYDVYSVSSEDRAPFGPRNGTAWIYTSEKDLNGSSHWGIIATYSG
AGYYLDLSRTREETAAQVASLKKNVWLDRGTRATFIDFSVYNANINLFCVVRLLVEFPATGGVIPSWQFQPLKLIRYVTT
FDFFLAACEIIFCFFIFYYVVEEILEIRIHKLHYFRSFWNCLDVVIVVLSVVAIGINIYRTSNVEVLLQFLEDQNTFPNF
EHLAYWQIQFNNIAAVTVFFVWIKLFKFINFNRTMSQLSTTMSRCAKDLFGFAIMPFIIFLAYAQLAYLVFGTQVDDFST
FQECIFTQFRIILGDINFAEIEEANRVLGPIYFTTFVFFMFFILLNMFLAIINDTYSEVKSDLAQQKAEMELSDLIRKGY
HKALVKLKLKK
;
_entity_poly.pdbx_strand_id   A,B,C,D
#
loop_
_chem_comp.id
_chem_comp.type
_chem_comp.name
_chem_comp.formula
AQV non-polymer 2-{2-oxo-2-[(4S)-2,2,4-trimethyl-3,4-dihydroquinolin-1(2H)-yl]ethyl}-1H-isoindole-1,3(2H)-dione 'C22 H22 N2 O3'
CA non-polymer 'CALCIUM ION' 'Ca 2'
NAG D-saccharide, beta linking 2-acetamido-2-deoxy-beta-D-glucopyranose 'C8 H15 N O6'
#
# COMPACT_ATOMS: atom_id res chain seq x y z
CA LYS A 67 35.25 25.31 40.76
C LYS A 67 34.43 25.35 39.47
N TYR A 68 35.10 25.69 38.37
CA TYR A 68 34.47 25.72 37.06
C TYR A 68 33.90 24.34 36.70
N LEU A 69 34.72 23.31 36.81
CA LEU A 69 34.24 21.95 36.61
C LEU A 69 33.20 21.58 37.66
N LYS A 70 33.38 22.04 38.89
CA LYS A 70 32.38 21.81 39.92
C LYS A 70 31.06 22.50 39.58
N SER A 71 31.13 23.71 39.04
CA SER A 71 29.91 24.44 38.65
C SER A 71 29.19 23.70 37.53
N VAL A 72 29.92 23.28 36.49
CA VAL A 72 29.24 22.57 35.42
C VAL A 72 28.74 21.22 35.90
N LEU A 73 29.41 20.61 36.88
CA LEU A 73 28.94 19.33 37.41
C LEU A 73 27.65 19.49 38.21
N ARG A 74 27.55 20.55 39.03
CA ARG A 74 26.32 20.77 39.77
C ARG A 74 25.18 21.15 38.83
N GLU A 75 25.48 21.91 37.78
CA GLU A 75 24.47 22.18 36.76
C GLU A 75 24.00 20.89 36.10
N LEU A 76 24.95 20.00 35.79
CA LEU A 76 24.61 18.71 35.21
C LEU A 76 23.70 17.91 36.14
N VAL A 77 24.05 17.82 37.41
CA VAL A 77 23.28 16.97 38.30
C VAL A 77 21.89 17.53 38.53
N THR A 78 21.76 18.86 38.65
CA THR A 78 20.42 19.41 38.80
C THR A 78 19.60 19.22 37.53
N TYR A 79 20.25 19.26 36.36
CA TYR A 79 19.53 18.99 35.13
C TYR A 79 19.03 17.55 35.07
N LEU A 80 19.86 16.59 35.49
CA LEU A 80 19.38 15.21 35.51
C LEU A 80 18.27 14.99 36.53
N LEU A 81 18.32 15.64 37.69
CA LEU A 81 17.18 15.55 38.60
C LEU A 81 15.91 16.11 37.97
N PHE A 82 16.02 17.25 37.30
CA PHE A 82 14.86 17.81 36.61
C PHE A 82 14.33 16.84 35.55
N LEU A 83 15.24 16.26 34.77
CA LEU A 83 14.86 15.36 33.69
C LEU A 83 14.18 14.11 34.23
N ILE A 84 14.72 13.53 35.31
CA ILE A 84 14.13 12.31 35.85
C ILE A 84 12.76 12.61 36.46
N VAL A 85 12.61 13.79 37.09
CA VAL A 85 11.30 14.16 37.61
C VAL A 85 10.29 14.28 36.47
N LEU A 86 10.69 14.94 35.38
CA LEU A 86 9.79 15.10 34.23
C LEU A 86 9.44 13.74 33.62
N CYS A 87 10.42 12.85 33.51
CA CYS A 87 10.16 11.53 32.95
C CYS A 87 9.20 10.73 33.83
N ILE A 88 9.37 10.82 35.15
CA ILE A 88 8.44 10.15 36.06
C ILE A 88 7.03 10.70 35.87
N LEU A 89 6.90 12.02 35.76
CA LEU A 89 5.59 12.62 35.56
C LEU A 89 4.94 12.13 34.27
N THR A 90 5.72 12.09 33.18
CA THR A 90 5.17 11.66 31.91
C THR A 90 4.77 10.19 31.93
N TYR A 91 5.60 9.35 32.54
CA TYR A 91 5.26 7.93 32.63
C TYR A 91 3.99 7.73 33.45
N GLY A 92 3.87 8.44 34.57
CA GLY A 92 2.68 8.29 35.40
C GLY A 92 1.42 8.78 34.70
N MET A 93 1.51 9.93 34.02
CA MET A 93 0.34 10.50 33.39
C MET A 93 -0.12 9.67 32.19
N MET A 94 0.79 8.90 31.60
CA MET A 94 0.46 8.07 30.42
C MET A 94 0.00 6.71 30.92
N SER A 95 -1.31 6.48 30.86
CA SER A 95 -1.86 5.20 31.29
C SER A 95 -1.48 4.09 30.31
N SER A 96 -1.43 2.86 30.82
CA SER A 96 -1.05 1.73 30.00
C SER A 96 -2.26 1.03 29.43
N ASN A 97 -2.16 0.65 28.15
CA ASN A 97 -3.22 -0.08 27.45
C ASN A 97 -4.54 0.68 27.47
N VAL A 98 -4.45 2.02 27.40
CA VAL A 98 -5.64 2.84 27.24
C VAL A 98 -6.07 2.95 25.79
N TYR A 99 -5.21 2.54 24.86
CA TYR A 99 -5.59 2.54 23.45
C TYR A 99 -6.73 1.56 23.16
N TYR A 100 -6.72 0.40 23.81
CA TYR A 100 -7.71 -0.62 23.52
C TYR A 100 -9.11 -0.18 23.91
N TYR A 101 -9.23 0.64 24.95
CA TYR A 101 -10.52 1.19 25.35
C TYR A 101 -11.14 2.00 24.22
N THR A 102 -10.38 2.95 23.69
CA THR A 102 -10.88 3.76 22.59
C THR A 102 -11.10 2.92 21.34
N ARG A 103 -10.25 1.90 21.12
CA ARG A 103 -10.40 1.12 19.90
C ARG A 103 -11.67 0.29 19.95
N MET A 104 -11.99 -0.29 21.11
CA MET A 104 -13.27 -0.99 21.26
C MET A 104 -14.44 -0.04 21.08
N MET A 105 -14.37 1.17 21.67
CA MET A 105 -15.46 2.12 21.51
C MET A 105 -15.68 2.46 20.04
N SER A 106 -14.59 2.76 19.33
CA SER A 106 -14.70 3.16 17.93
C SER A 106 -15.18 2.01 17.06
N GLN A 107 -14.70 0.80 17.32
CA GLN A 107 -15.17 -0.34 16.54
C GLN A 107 -16.65 -0.59 16.76
N LEU A 108 -17.12 -0.44 18.00
CA LEU A 108 -18.54 -0.65 18.28
C LEU A 108 -19.40 0.41 17.61
N PHE A 109 -18.97 1.67 17.64
CA PHE A 109 -19.85 2.74 17.18
C PHE A 109 -19.59 3.21 15.75
N LEU A 110 -18.60 2.65 15.05
CA LEU A 110 -18.26 3.12 13.73
C LEU A 110 -18.21 2.03 12.66
N ASP A 111 -17.92 0.78 13.03
CA ASP A 111 -17.71 -0.26 12.05
C ASP A 111 -18.89 -1.20 11.87
N THR A 112 -19.75 -1.34 12.87
CA THR A 112 -20.93 -2.17 12.71
C THR A 112 -21.86 -1.57 11.66
N PRO A 113 -22.42 -2.38 10.76
CA PRO A 113 -23.36 -1.83 9.78
C PRO A 113 -24.58 -1.24 10.48
N VAL A 114 -25.15 -0.20 9.85
CA VAL A 114 -26.26 0.52 10.47
C VAL A 114 -27.45 -0.39 10.72
N SER A 115 -27.59 -1.45 9.93
CA SER A 115 -28.56 -2.51 10.18
C SER A 115 -28.12 -3.76 9.43
N LYS A 116 -28.93 -4.83 9.55
CA LYS A 116 -28.48 -6.15 9.13
C LYS A 116 -28.28 -6.22 7.61
N THR A 117 -29.16 -5.59 6.85
CA THR A 117 -29.19 -5.82 5.41
C THR A 117 -28.12 -5.05 4.64
N GLU A 118 -28.16 -3.71 4.67
CA GLU A 118 -27.20 -2.90 3.93
C GLU A 118 -25.82 -2.89 4.57
N LYS A 119 -24.80 -2.59 3.77
CA LYS A 119 -23.40 -2.75 4.14
C LYS A 119 -22.77 -1.47 4.68
N THR A 120 -23.44 -0.33 4.58
CA THR A 120 -22.85 0.94 4.96
C THR A 120 -22.84 1.11 6.48
N ASN A 121 -21.80 1.79 6.97
CA ASN A 121 -21.66 2.11 8.39
C ASN A 121 -21.49 3.62 8.54
N PHE A 122 -21.21 4.03 9.78
CA PHE A 122 -21.04 5.46 10.05
C PHE A 122 -19.84 6.04 9.32
N LYS A 123 -18.74 5.30 9.25
CA LYS A 123 -17.54 5.80 8.59
C LYS A 123 -17.76 6.07 7.11
N THR A 124 -18.75 5.41 6.49
CA THR A 124 -19.08 5.62 5.08
C THR A 124 -20.57 5.92 4.99
N LEU A 125 -20.93 7.19 5.18
CA LEU A 125 -22.29 7.67 5.03
C LEU A 125 -22.38 8.56 3.81
N SER A 126 -23.51 8.50 3.13
CA SER A 126 -23.66 9.20 1.85
C SER A 126 -24.89 10.08 1.74
N SER A 127 -25.96 9.82 2.48
CA SER A 127 -27.21 10.56 2.31
C SER A 127 -27.82 10.80 3.68
N MET A 128 -28.94 11.54 3.68
CA MET A 128 -29.66 11.80 4.92
C MET A 128 -30.41 10.56 5.41
N GLU A 129 -30.94 9.77 4.47
CA GLU A 129 -31.62 8.53 4.85
C GLU A 129 -30.67 7.57 5.54
N ASP A 130 -29.41 7.53 5.11
CA ASP A 130 -28.42 6.71 5.80
C ASP A 130 -28.23 7.17 7.23
N PHE A 131 -28.19 8.49 7.44
CA PHE A 131 -28.07 9.01 8.81
C PHE A 131 -29.29 8.63 9.65
N TRP A 132 -30.49 8.72 9.07
CA TRP A 132 -31.69 8.33 9.81
C TRP A 132 -31.68 6.85 10.15
N LYS A 133 -31.20 6.02 9.23
CA LYS A 133 -31.09 4.58 9.51
C LYS A 133 -30.07 4.32 10.61
N PHE A 134 -28.95 5.04 10.59
CA PHE A 134 -27.94 4.85 11.63
C PHE A 134 -28.44 5.29 13.00
N THR A 135 -29.14 6.41 13.07
CA THR A 135 -29.53 6.98 14.36
C THR A 135 -30.61 6.17 15.08
N GLU A 136 -31.28 5.25 14.39
CA GLU A 136 -32.23 4.34 15.04
C GLU A 136 -31.84 2.89 14.85
N GLY A 137 -30.68 2.62 14.28
CA GLY A 137 -30.22 1.27 14.06
C GLY A 137 -29.03 0.92 14.94
N SER A 138 -27.82 0.99 14.36
CA SER A 138 -26.62 0.60 15.10
C SER A 138 -26.35 1.51 16.29
N LEU A 139 -26.85 2.75 16.26
CA LEU A 139 -26.62 3.66 17.37
C LEU A 139 -27.35 3.18 18.63
N LEU A 140 -28.63 2.88 18.51
CA LEU A 140 -29.38 2.41 19.68
C LEU A 140 -28.93 1.02 20.10
N ASP A 141 -28.59 0.17 19.14
CA ASP A 141 -28.16 -1.19 19.46
C ASP A 141 -26.86 -1.21 20.25
N GLY A 142 -25.91 -0.34 19.92
CA GLY A 142 -24.64 -0.27 20.61
C GLY A 142 -24.61 0.69 21.78
N LEU A 143 -25.73 1.30 22.13
CA LEU A 143 -25.78 2.25 23.23
C LEU A 143 -26.62 1.79 24.41
N TYR A 144 -27.66 1.00 24.18
CA TYR A 144 -28.51 0.48 25.25
C TYR A 144 -28.39 -1.05 25.24
N TRP A 145 -27.74 -1.59 26.26
CA TRP A 145 -27.55 -3.03 26.39
C TRP A 145 -28.61 -3.59 27.32
N LYS A 146 -29.29 -4.64 26.85
CA LYS A 146 -30.54 -5.10 27.45
C LYS A 146 -30.43 -5.44 28.92
N MET A 147 -29.65 -6.46 29.26
CA MET A 147 -29.61 -6.97 30.62
C MET A 147 -28.25 -7.59 30.89
N GLN A 148 -27.81 -7.51 32.15
CA GLN A 148 -26.49 -8.04 32.49
C GLN A 148 -26.49 -9.56 32.57
N PRO A 149 -27.37 -10.22 33.35
CA PRO A 149 -27.34 -11.69 33.28
C PRO A 149 -27.87 -12.24 31.97
N ASP A 156 -32.58 -3.81 36.67
CA ASP A 156 -32.64 -2.36 36.60
C ASP A 156 -32.53 -1.88 35.15
N ASN A 157 -32.24 -0.59 34.98
CA ASN A 157 -32.12 0.00 33.65
C ASN A 157 -30.95 1.01 33.64
N ARG A 158 -29.76 0.49 33.39
CA ARG A 158 -28.55 1.30 33.48
C ARG A 158 -27.63 1.21 32.27
N SER A 159 -27.80 0.21 31.41
CA SER A 159 -27.12 0.15 30.11
C SER A 159 -25.60 0.18 30.27
N PHE A 160 -25.09 -0.88 30.87
CA PHE A 160 -23.64 -1.10 30.95
C PHE A 160 -23.15 -1.55 29.58
N ILE A 161 -22.51 -0.63 28.84
CA ILE A 161 -21.95 -0.97 27.54
C ILE A 161 -20.83 -1.99 27.72
N PHE A 162 -20.84 -3.03 26.89
CA PHE A 162 -19.93 -4.16 27.03
C PHE A 162 -20.02 -4.80 28.41
N TYR A 163 -21.13 -4.58 29.09
CA TYR A 163 -21.46 -5.03 30.45
C TYR A 163 -20.67 -4.29 31.52
N GLU A 164 -19.71 -3.43 31.16
CA GLU A 164 -18.85 -2.83 32.17
C GLU A 164 -18.48 -1.38 31.89
N ASN A 165 -19.34 -0.59 31.24
CA ASN A 165 -18.98 0.77 30.90
C ASN A 165 -19.93 1.85 31.41
N LEU A 166 -21.19 1.53 31.75
CA LEU A 166 -22.06 2.43 32.52
C LEU A 166 -22.24 3.78 31.81
N LEU A 167 -22.99 3.74 30.71
CA LEU A 167 -23.47 4.95 30.07
C LEU A 167 -23.98 5.95 31.10
N LEU A 168 -23.40 7.15 31.10
CA LEU A 168 -23.70 8.17 32.10
C LEU A 168 -24.82 9.08 31.62
N GLY A 169 -25.85 9.20 32.45
CA GLY A 169 -26.94 10.11 32.14
C GLY A 169 -27.63 9.73 30.84
N VAL A 170 -27.89 10.74 30.01
CA VAL A 170 -28.58 10.54 28.74
C VAL A 170 -27.76 11.18 27.63
N PRO A 171 -27.85 10.66 26.41
CA PRO A 171 -27.22 11.31 25.27
C PRO A 171 -28.03 12.52 24.82
N ARG A 172 -27.38 13.36 24.02
CA ARG A 172 -27.99 14.58 23.52
C ARG A 172 -27.69 14.73 22.04
N ILE A 173 -28.69 15.16 21.27
CA ILE A 173 -28.56 15.39 19.83
C ILE A 173 -28.87 16.85 19.55
N ARG A 174 -28.06 17.47 18.70
CA ARG A 174 -28.15 18.91 18.44
C ARG A 174 -28.04 19.17 16.95
N GLN A 175 -28.74 20.20 16.48
CA GLN A 175 -28.79 20.52 15.07
C GLN A 175 -28.50 22.01 14.86
N LEU A 176 -27.74 22.31 13.81
CA LEU A 176 -27.47 23.68 13.39
C LEU A 176 -27.99 23.87 11.97
N ARG A 177 -28.66 24.98 11.71
CA ARG A 177 -29.29 25.22 10.42
C ARG A 177 -29.28 26.70 10.08
N VAL A 178 -29.50 26.98 8.80
CA VAL A 178 -29.41 28.34 8.26
C VAL A 178 -30.77 28.80 7.76
N ARG A 179 -30.84 30.04 7.30
CA ARG A 179 -32.09 30.67 6.88
C ARG A 179 -32.32 30.48 5.39
N ASN A 180 -33.60 30.39 5.02
CA ASN A 180 -33.97 30.45 3.62
C ASN A 180 -33.75 31.85 3.07
N GLY A 181 -33.38 31.92 1.79
CA GLY A 181 -33.16 33.19 1.15
C GLY A 181 -31.88 33.85 1.56
N SER A 182 -30.74 33.26 1.19
CA SER A 182 -29.44 33.83 1.49
C SER A 182 -28.52 33.87 0.28
N CYS A 183 -29.05 33.82 -0.95
CA CYS A 183 -28.26 34.03 -2.15
C CYS A 183 -28.42 35.46 -2.63
N SER A 184 -27.72 35.78 -3.72
CA SER A 184 -28.14 36.78 -4.69
C SER A 184 -28.48 36.00 -5.94
N ILE A 185 -29.70 35.48 -6.02
CA ILE A 185 -30.06 34.52 -7.06
C ILE A 185 -29.94 35.20 -8.42
N PRO A 186 -29.31 34.56 -9.41
CA PRO A 186 -29.22 35.17 -10.74
C PRO A 186 -30.60 35.45 -11.31
N GLN A 187 -30.72 36.59 -12.01
CA GLN A 187 -32.01 37.00 -12.54
C GLN A 187 -32.53 36.01 -13.57
N ASP A 188 -31.63 35.39 -14.33
CA ASP A 188 -32.05 34.42 -15.33
C ASP A 188 -32.73 33.22 -14.67
N LEU A 189 -32.13 32.71 -13.59
CA LEU A 189 -32.71 31.58 -12.88
C LEU A 189 -33.57 32.06 -11.71
N ARG A 190 -34.51 32.97 -11.98
CA ARG A 190 -35.38 33.49 -10.94
C ARG A 190 -36.79 32.91 -10.99
N ASP A 191 -37.26 32.50 -12.17
CA ASP A 191 -38.52 31.79 -12.29
C ASP A 191 -38.35 30.28 -12.24
N GLU A 192 -37.12 29.80 -12.10
CA GLU A 192 -36.84 28.37 -12.11
C GLU A 192 -36.57 27.84 -10.70
N ILE A 193 -35.82 28.59 -9.90
CA ILE A 193 -35.49 28.22 -8.52
C ILE A 193 -36.08 29.28 -7.60
N LYS A 194 -36.53 28.84 -6.42
CA LYS A 194 -37.27 29.74 -5.54
C LYS A 194 -36.56 30.03 -4.22
N GLU A 195 -35.76 29.09 -3.72
CA GLU A 195 -35.19 29.25 -2.39
C GLU A 195 -33.71 28.89 -2.38
N CYS A 196 -32.99 29.44 -1.41
CA CYS A 196 -31.60 29.14 -1.13
C CYS A 196 -31.36 28.78 0.31
N TYR A 197 -30.21 28.16 0.54
CA TYR A 197 -29.67 27.93 1.88
C TYR A 197 -28.15 27.99 1.75
N ASP A 198 -27.56 29.12 2.12
CA ASP A 198 -26.13 29.33 1.95
C ASP A 198 -25.33 28.38 2.84
N VAL A 199 -24.01 28.40 2.65
CA VAL A 199 -23.13 27.65 3.54
C VAL A 199 -23.21 28.21 4.95
N TYR A 200 -22.77 27.41 5.91
CA TYR A 200 -22.91 27.80 7.31
C TYR A 200 -22.01 28.97 7.65
N SER A 201 -22.57 29.92 8.39
CA SER A 201 -21.85 31.05 8.96
C SER A 201 -22.73 31.67 10.03
N VAL A 202 -22.12 32.41 10.95
CA VAL A 202 -22.88 33.03 12.02
C VAL A 202 -23.85 34.07 11.47
N SER A 203 -23.53 34.67 10.32
CA SER A 203 -24.42 35.63 9.70
C SER A 203 -25.64 34.98 9.07
N SER A 204 -25.49 33.76 8.55
CA SER A 204 -26.57 33.04 7.89
C SER A 204 -27.35 32.14 8.82
N GLU A 205 -27.00 32.12 10.11
CA GLU A 205 -27.61 31.19 11.05
C GLU A 205 -29.09 31.51 11.25
N ASP A 206 -29.89 30.47 11.43
CA ASP A 206 -31.32 30.60 11.63
C ASP A 206 -31.64 30.61 13.12
N ARG A 207 -32.65 31.40 13.48
CA ARG A 207 -33.02 31.53 14.89
C ARG A 207 -34.53 31.45 15.12
N ALA A 208 -35.31 31.19 14.10
CA ALA A 208 -36.76 31.15 14.24
C ALA A 208 -37.24 29.73 14.48
N PRO A 209 -38.35 29.56 15.20
CA PRO A 209 -38.92 28.23 15.40
C PRO A 209 -39.49 27.69 14.09
N PHE A 210 -39.54 26.36 14.00
CA PHE A 210 -40.05 25.71 12.81
C PHE A 210 -40.77 24.43 13.22
N GLY A 211 -41.72 24.03 12.38
CA GLY A 211 -42.51 22.84 12.65
C GLY A 211 -43.36 22.98 13.88
N PRO A 212 -43.84 21.86 14.43
CA PRO A 212 -44.58 21.91 15.69
C PRO A 212 -43.63 22.24 16.83
N ARG A 213 -43.91 23.34 17.53
CA ARG A 213 -42.95 23.85 18.51
C ARG A 213 -42.73 22.85 19.63
N ASN A 214 -43.77 22.62 20.45
CA ASN A 214 -43.87 21.50 21.38
C ASN A 214 -42.55 21.03 21.99
N GLY A 215 -41.73 21.94 22.48
CA GLY A 215 -40.53 21.56 23.18
C GLY A 215 -39.32 22.31 22.66
N THR A 216 -38.14 21.83 23.06
CA THR A 216 -36.88 22.50 22.77
C THR A 216 -36.21 22.03 21.49
N ALA A 217 -36.74 20.99 20.84
CA ALA A 217 -36.16 20.52 19.59
C ALA A 217 -36.53 21.39 18.41
N TRP A 218 -37.45 22.34 18.58
CA TRP A 218 -37.93 23.20 17.51
C TRP A 218 -37.82 24.68 17.89
N ILE A 219 -37.04 24.98 18.92
CA ILE A 219 -36.86 26.36 19.38
C ILE A 219 -35.39 26.63 19.56
N TYR A 220 -34.92 27.73 19.01
CA TYR A 220 -33.51 28.09 19.09
C TYR A 220 -33.13 28.42 20.53
N THR A 221 -31.94 27.95 20.94
CA THR A 221 -31.42 28.20 22.27
C THR A 221 -30.00 28.75 22.13
N SER A 222 -29.72 29.87 22.79
CA SER A 222 -28.46 30.56 22.63
C SER A 222 -27.29 29.76 23.20
N GLU A 223 -26.08 30.09 22.77
CA GLU A 223 -24.89 29.38 23.24
C GLU A 223 -24.63 29.57 24.73
N LYS A 224 -25.21 30.59 25.35
CA LYS A 224 -25.08 30.79 26.79
C LYS A 224 -26.09 29.93 27.54
N ASP A 225 -27.35 29.95 27.12
CA ASP A 225 -28.34 29.07 27.73
C ASP A 225 -28.04 27.61 27.41
N LEU A 226 -27.80 27.31 26.14
CA LEU A 226 -27.34 25.98 25.76
C LEU A 226 -25.89 25.84 26.20
N ASN A 227 -25.69 25.22 27.35
CA ASN A 227 -24.44 25.31 28.09
C ASN A 227 -23.36 24.53 27.35
N GLY A 228 -22.53 25.26 26.59
CA GLY A 228 -21.53 24.64 25.76
C GLY A 228 -20.71 25.68 25.03
N SER A 229 -19.82 25.18 24.16
CA SER A 229 -18.89 26.04 23.43
C SER A 229 -18.85 25.61 21.97
N SER A 230 -17.93 26.22 21.22
CA SER A 230 -17.84 26.01 19.78
C SER A 230 -17.04 24.75 19.46
N HIS A 231 -16.96 24.44 18.17
CA HIS A 231 -16.27 23.24 17.71
C HIS A 231 -15.76 23.48 16.30
N TRP A 232 -14.57 22.98 16.01
CA TRP A 232 -13.90 23.19 14.73
C TRP A 232 -14.08 21.94 13.87
N GLY A 233 -14.94 22.05 12.85
CA GLY A 233 -15.23 20.94 11.97
C GLY A 233 -14.39 20.94 10.71
N ILE A 234 -14.69 19.98 9.84
CA ILE A 234 -13.96 19.85 8.59
C ILE A 234 -14.29 20.98 7.63
N ILE A 235 -15.58 21.30 7.48
CA ILE A 235 -15.99 22.32 6.53
C ILE A 235 -15.86 23.72 7.12
N ALA A 236 -16.37 23.94 8.33
CA ALA A 236 -16.33 25.26 8.95
C ALA A 236 -16.22 25.09 10.45
N THR A 237 -16.34 26.19 11.18
CA THR A 237 -16.34 26.21 12.64
C THR A 237 -17.76 26.51 13.10
N TYR A 238 -18.29 25.68 13.99
CA TYR A 238 -19.69 25.76 14.35
C TYR A 238 -19.86 26.45 15.71
N SER A 239 -21.01 27.12 15.86
CA SER A 239 -21.20 28.04 16.97
C SER A 239 -21.24 27.31 18.31
N GLY A 240 -22.04 26.27 18.41
CA GLY A 240 -22.29 25.60 19.68
C GLY A 240 -23.68 25.80 20.24
N ALA A 241 -24.53 26.58 19.57
CA ALA A 241 -25.93 26.73 19.91
C ALA A 241 -26.79 26.02 18.87
N GLY A 242 -28.09 26.09 19.06
CA GLY A 242 -28.98 25.55 18.05
C GLY A 242 -30.17 24.85 18.70
N TYR A 243 -30.68 23.86 18.00
CA TYR A 243 -31.86 23.09 18.41
C TYR A 243 -31.39 21.75 18.93
N TYR A 244 -31.67 21.47 20.20
CA TYR A 244 -31.18 20.27 20.84
C TYR A 244 -32.35 19.49 21.46
N LEU A 245 -32.06 18.23 21.78
CA LEU A 245 -33.03 17.35 22.43
C LEU A 245 -32.28 16.36 23.29
N ASP A 246 -32.77 16.15 24.51
CA ASP A 246 -32.16 15.20 25.44
C ASP A 246 -32.93 13.89 25.38
N LEU A 247 -32.25 12.82 25.02
CA LEU A 247 -32.87 11.51 24.93
C LEU A 247 -33.11 10.94 26.34
N SER A 248 -33.63 9.72 26.38
CA SER A 248 -33.99 9.12 27.65
C SER A 248 -32.95 8.09 28.09
N ARG A 249 -33.25 7.40 29.19
CA ARG A 249 -32.34 6.43 29.78
C ARG A 249 -32.57 5.01 29.29
N THR A 250 -33.62 4.76 28.52
CA THR A 250 -33.97 3.42 28.07
C THR A 250 -34.15 3.42 26.56
N ARG A 251 -34.15 2.23 25.97
CA ARG A 251 -34.18 2.08 24.52
C ARG A 251 -35.52 2.49 23.92
N GLU A 252 -36.62 2.12 24.57
CA GLU A 252 -37.94 2.33 23.98
C GLU A 252 -38.26 3.80 23.82
N GLU A 253 -37.99 4.61 24.86
CA GLU A 253 -38.34 6.02 24.81
C GLU A 253 -37.48 6.77 23.80
N THR A 254 -36.18 6.45 23.73
CA THR A 254 -35.34 7.07 22.71
C THR A 254 -35.77 6.67 21.31
N ALA A 255 -36.16 5.41 21.13
CA ALA A 255 -36.67 4.98 19.83
C ALA A 255 -37.92 5.76 19.44
N ALA A 256 -38.83 5.94 20.41
CA ALA A 256 -40.04 6.71 20.15
C ALA A 256 -39.71 8.16 19.81
N GLN A 257 -38.78 8.77 20.54
CA GLN A 257 -38.41 10.15 20.28
C GLN A 257 -37.78 10.32 18.91
N VAL A 258 -36.91 9.38 18.51
CA VAL A 258 -36.30 9.46 17.19
C VAL A 258 -37.34 9.24 16.11
N ALA A 259 -38.29 8.33 16.32
CA ALA A 259 -39.35 8.14 15.34
C ALA A 259 -40.20 9.39 15.19
N SER A 260 -40.49 10.06 16.31
CA SER A 260 -41.25 11.32 16.24
C SER A 260 -40.45 12.40 15.52
N LEU A 261 -39.14 12.47 15.77
CA LEU A 261 -38.32 13.45 15.08
C LEU A 261 -38.26 13.16 13.57
N LYS A 262 -38.28 11.89 13.20
CA LYS A 262 -38.25 11.55 11.78
C LYS A 262 -39.58 11.81 11.10
N LYS A 263 -40.70 11.56 11.80
CA LYS A 263 -42.01 11.79 11.23
C LYS A 263 -42.22 13.28 10.91
N ASN A 264 -42.21 14.12 11.94
CA ASN A 264 -42.21 15.56 11.75
C ASN A 264 -40.80 15.97 11.34
N VAL A 265 -40.61 16.28 10.05
CA VAL A 265 -39.28 16.40 9.47
C VAL A 265 -38.41 17.36 10.27
N TRP A 266 -37.30 16.84 10.81
CA TRP A 266 -36.37 17.62 11.61
C TRP A 266 -35.16 18.06 10.81
N LEU A 267 -34.78 17.29 9.80
CA LEU A 267 -33.67 17.60 8.91
C LEU A 267 -34.23 17.82 7.52
N ASP A 268 -34.27 19.08 7.07
CA ASP A 268 -34.87 19.36 5.77
C ASP A 268 -34.17 20.56 5.15
N ARG A 269 -33.12 20.29 4.37
CA ARG A 269 -32.61 21.21 3.36
C ARG A 269 -32.00 22.48 3.97
N GLY A 270 -32.13 22.64 5.28
CA GLY A 270 -31.57 23.80 5.95
C GLY A 270 -30.53 23.39 6.96
N THR A 271 -30.56 22.12 7.35
CA THR A 271 -29.61 21.59 8.30
C THR A 271 -28.19 21.66 7.74
N ARG A 272 -27.25 22.11 8.57
CA ARG A 272 -25.85 22.19 8.18
C ARG A 272 -24.93 21.33 9.02
N ALA A 273 -25.35 20.92 10.22
CA ALA A 273 -24.53 20.05 11.06
C ALA A 273 -25.44 19.36 12.06
N THR A 274 -24.94 18.26 12.61
CA THR A 274 -25.66 17.50 13.62
C THR A 274 -24.66 16.86 14.57
N PHE A 275 -24.86 17.07 15.86
CA PHE A 275 -23.96 16.56 16.89
C PHE A 275 -24.67 15.50 17.74
N ILE A 276 -23.92 14.48 18.11
CA ILE A 276 -24.38 13.46 19.05
C ILE A 276 -23.32 13.34 20.14
N ASP A 277 -23.73 13.54 21.39
CA ASP A 277 -22.81 13.58 22.51
C ASP A 277 -23.29 12.66 23.63
N PHE A 278 -22.36 11.93 24.23
CA PHE A 278 -22.61 11.10 25.40
C PHE A 278 -21.27 10.76 26.02
N SER A 279 -21.29 10.10 27.17
CA SER A 279 -20.05 9.73 27.85
C SER A 279 -20.30 8.51 28.71
N VAL A 280 -19.25 7.70 28.86
CA VAL A 280 -19.30 6.48 29.65
C VAL A 280 -18.16 6.51 30.66
N TYR A 281 -18.26 5.64 31.66
CA TYR A 281 -17.26 5.58 32.72
C TYR A 281 -16.98 4.13 33.07
N ASN A 282 -15.78 3.67 32.75
CA ASN A 282 -15.34 2.33 33.11
C ASN A 282 -14.90 2.30 34.56
N ALA A 283 -15.39 1.33 35.32
CA ALA A 283 -15.11 1.26 36.74
C ALA A 283 -13.90 0.40 37.10
N ASN A 284 -13.57 -0.59 36.27
CA ASN A 284 -12.40 -1.41 36.56
C ASN A 284 -11.12 -0.59 36.54
N ILE A 285 -10.99 0.32 35.58
CA ILE A 285 -9.95 1.34 35.57
C ILE A 285 -10.67 2.68 35.46
N ASN A 286 -10.45 3.56 36.44
CA ASN A 286 -11.26 4.77 36.49
C ASN A 286 -10.90 5.72 35.35
N LEU A 287 -11.68 5.67 34.28
CA LEU A 287 -11.46 6.53 33.12
C LEU A 287 -12.81 6.86 32.50
N PHE A 288 -13.04 8.13 32.23
CA PHE A 288 -14.19 8.56 31.45
C PHE A 288 -13.81 8.62 29.98
N CYS A 289 -14.82 8.45 29.12
CA CYS A 289 -14.63 8.57 27.68
C CYS A 289 -15.73 9.46 27.14
N VAL A 290 -15.33 10.52 26.43
CA VAL A 290 -16.26 11.49 25.88
C VAL A 290 -16.36 11.26 24.38
N VAL A 291 -17.60 11.09 23.90
CA VAL A 291 -17.86 10.79 22.49
C VAL A 291 -18.65 11.94 21.90
N ARG A 292 -18.22 12.44 20.74
CA ARG A 292 -18.89 13.53 20.04
C ARG A 292 -18.91 13.21 18.55
N LEU A 293 -19.96 12.53 18.10
CA LEU A 293 -20.13 12.24 16.68
C LEU A 293 -20.70 13.46 15.96
N LEU A 294 -20.11 13.79 14.82
CA LEU A 294 -20.51 14.97 14.05
C LEU A 294 -20.74 14.59 12.60
N VAL A 295 -21.87 15.05 12.05
CA VAL A 295 -22.21 14.84 10.65
C VAL A 295 -22.48 16.21 10.04
N GLU A 296 -21.75 16.54 8.98
CA GLU A 296 -21.86 17.83 8.32
C GLU A 296 -22.62 17.69 7.00
N PHE A 297 -23.58 18.58 6.78
CA PHE A 297 -24.37 18.60 5.55
C PHE A 297 -23.93 19.80 4.72
N PRO A 298 -23.11 19.59 3.68
CA PRO A 298 -22.66 20.72 2.88
C PRO A 298 -23.80 21.34 2.09
N ALA A 299 -23.55 22.55 1.59
CA ALA A 299 -24.52 23.23 0.74
C ALA A 299 -24.70 22.54 -0.60
N THR A 300 -23.84 21.60 -0.95
CA THR A 300 -23.90 20.86 -2.21
C THR A 300 -24.68 19.57 -2.10
N GLY A 301 -24.58 18.87 -0.98
CA GLY A 301 -25.31 17.62 -0.77
C GLY A 301 -24.43 16.61 -0.08
N GLY A 302 -25.06 15.53 0.36
CA GLY A 302 -24.34 14.47 1.03
C GLY A 302 -24.05 14.79 2.49
N VAL A 303 -23.22 13.95 3.09
CA VAL A 303 -22.83 14.08 4.50
C VAL A 303 -21.33 13.83 4.63
N ILE A 304 -20.75 14.32 5.72
CA ILE A 304 -19.34 14.11 6.05
C ILE A 304 -19.24 13.78 7.52
N PRO A 305 -18.89 12.55 7.90
CA PRO A 305 -18.88 12.19 9.33
C PRO A 305 -17.55 12.44 10.03
N SER A 306 -17.58 12.51 11.36
CA SER A 306 -16.40 12.70 12.18
C SER A 306 -16.71 12.24 13.60
N TRP A 307 -15.78 11.53 14.24
CA TRP A 307 -16.11 10.88 15.51
C TRP A 307 -15.36 11.47 16.70
N GLN A 308 -14.03 11.50 16.65
CA GLN A 308 -13.22 12.17 17.67
C GLN A 308 -13.51 11.62 19.06
N PHE A 309 -13.14 10.37 19.32
CA PHE A 309 -13.24 9.77 20.65
C PHE A 309 -12.11 10.29 21.54
N GLN A 310 -12.37 10.36 22.85
CA GLN A 310 -11.38 10.91 23.77
C GLN A 310 -11.54 10.37 25.19
N PRO A 311 -10.54 9.67 25.71
CA PRO A 311 -10.58 9.22 27.10
C PRO A 311 -10.12 10.30 28.08
N LEU A 312 -10.70 10.26 29.26
CA LEU A 312 -10.51 11.31 30.26
C LEU A 312 -10.39 10.69 31.65
N LYS A 313 -9.66 11.38 32.52
CA LYS A 313 -9.41 10.92 33.89
C LYS A 313 -9.70 12.07 34.85
N LEU A 314 -10.81 11.97 35.58
CA LEU A 314 -11.22 13.02 36.52
C LEU A 314 -10.89 12.67 37.96
N ILE A 315 -11.37 11.53 38.45
CA ILE A 315 -11.22 11.17 39.86
C ILE A 315 -9.81 10.67 40.10
N ARG A 316 -9.03 11.46 40.83
CA ARG A 316 -7.65 11.13 41.17
C ARG A 316 -7.52 10.93 42.67
N TYR A 317 -6.28 10.70 43.12
CA TYR A 317 -5.97 10.41 44.51
C TYR A 317 -6.72 9.16 44.98
N VAL A 318 -6.50 8.07 44.26
CA VAL A 318 -7.11 6.79 44.58
C VAL A 318 -6.12 5.82 45.22
N THR A 319 -4.90 5.73 44.71
CA THR A 319 -3.86 4.86 45.26
C THR A 319 -2.65 5.71 45.64
N THR A 320 -1.67 5.07 46.27
CA THR A 320 -0.45 5.77 46.67
C THR A 320 0.30 6.33 45.46
N PHE A 321 0.17 5.68 44.31
CA PHE A 321 0.82 6.15 43.09
C PHE A 321 0.35 7.55 42.72
N ASP A 322 -0.93 7.84 42.97
CA ASP A 322 -1.46 9.17 42.69
C ASP A 322 -0.82 10.23 43.59
N PHE A 323 -0.66 9.92 44.88
CA PHE A 323 0.00 10.86 45.77
C PHE A 323 1.47 11.04 45.40
N PHE A 324 2.12 9.97 44.94
CA PHE A 324 3.48 10.09 44.44
C PHE A 324 3.55 11.03 43.25
N LEU A 325 2.58 10.91 42.34
CA LEU A 325 2.53 11.82 41.19
C LEU A 325 2.28 13.26 41.63
N ALA A 326 1.43 13.46 42.64
CA ALA A 326 1.20 14.82 43.15
C ALA A 326 2.48 15.41 43.72
N ALA A 327 3.23 14.60 44.47
CA ALA A 327 4.51 15.07 45.01
C ALA A 327 5.48 15.40 43.88
N CYS A 328 5.48 14.58 42.83
CA CYS A 328 6.32 14.86 41.67
C CYS A 328 5.93 16.18 41.01
N GLU A 329 4.62 16.45 40.92
CA GLU A 329 4.16 17.72 40.37
C GLU A 329 4.66 18.89 41.21
N ILE A 330 4.56 18.77 42.54
CA ILE A 330 5.01 19.85 43.41
C ILE A 330 6.51 20.10 43.26
N ILE A 331 7.30 19.03 43.24
CA ILE A 331 8.74 19.23 43.14
C ILE A 331 9.11 19.75 41.75
N PHE A 332 8.35 19.38 40.71
CA PHE A 332 8.59 19.94 39.38
C PHE A 332 8.31 21.44 39.36
N CYS A 333 7.24 21.86 40.04
CA CYS A 333 6.96 23.29 40.18
C CYS A 333 8.11 24.00 40.88
N PHE A 334 8.64 23.41 41.95
CA PHE A 334 9.79 24.00 42.63
C PHE A 334 11.00 24.08 41.70
N PHE A 335 11.24 23.02 40.92
CA PHE A 335 12.36 23.01 39.99
C PHE A 335 12.26 24.14 38.98
N ILE A 336 11.08 24.32 38.38
CA ILE A 336 10.97 25.36 37.36
C ILE A 336 11.00 26.74 37.98
N PHE A 337 10.51 26.89 39.22
CA PHE A 337 10.68 28.17 39.90
C PHE A 337 12.14 28.50 40.12
N TYR A 338 12.94 27.50 40.53
CA TYR A 338 14.37 27.72 40.69
C TYR A 338 15.02 28.08 39.37
N TYR A 339 14.63 27.38 38.30
CA TYR A 339 15.20 27.68 36.98
C TYR A 339 14.87 29.10 36.55
N VAL A 340 13.62 29.53 36.73
CA VAL A 340 13.24 30.86 36.26
C VAL A 340 13.91 31.94 37.10
N VAL A 341 14.06 31.72 38.40
CA VAL A 341 14.73 32.74 39.22
C VAL A 341 16.21 32.81 38.87
N GLU A 342 16.84 31.66 38.58
CA GLU A 342 18.24 31.68 38.16
C GLU A 342 18.39 32.40 36.83
N GLU A 343 17.49 32.15 35.88
CA GLU A 343 17.56 32.83 34.60
C GLU A 343 17.38 34.33 34.76
N ILE A 344 16.43 34.75 35.59
CA ILE A 344 16.16 36.17 35.74
C ILE A 344 17.30 36.88 36.47
N LEU A 345 17.97 36.19 37.40
CA LEU A 345 19.13 36.81 38.01
C LEU A 345 20.34 36.82 37.08
N GLU A 346 20.44 35.85 36.16
CA GLU A 346 21.52 35.82 35.20
C GLU A 346 21.29 36.74 34.01
N ILE A 347 20.09 37.27 33.84
CA ILE A 347 19.77 38.19 32.76
C ILE A 347 19.67 39.63 33.25
N ARG A 348 19.98 39.88 34.52
CA ARG A 348 19.71 41.19 35.12
C ARG A 348 20.45 42.33 34.42
N ILE A 349 21.78 42.33 34.50
CA ILE A 349 22.57 43.37 33.84
C ILE A 349 23.66 42.73 32.98
N HIS A 350 24.42 41.82 33.56
CA HIS A 350 25.47 41.11 32.84
C HIS A 350 24.90 40.26 31.73
N LYS A 351 25.62 40.20 30.61
CA LYS A 351 25.14 39.57 29.38
C LYS A 351 23.83 40.19 28.90
N LEU A 352 23.88 41.46 28.51
CA LEU A 352 22.76 42.06 27.81
C LEU A 352 22.54 41.45 26.44
N HIS A 353 23.56 40.80 25.87
CA HIS A 353 23.44 40.00 24.66
C HIS A 353 23.14 38.54 24.96
N TYR A 354 22.43 38.27 26.05
CA TYR A 354 22.28 36.93 26.58
C TYR A 354 21.70 35.98 25.55
N PHE A 355 20.86 36.48 24.64
CA PHE A 355 20.13 35.65 23.69
C PHE A 355 21.02 35.31 22.50
N ARG A 356 22.01 34.48 22.75
CA ARG A 356 22.90 34.01 21.70
C ARG A 356 23.34 32.58 22.04
N SER A 357 24.07 31.97 21.09
CA SER A 357 24.55 30.59 21.16
C SER A 357 23.40 29.60 21.07
N PHE A 358 22.18 30.13 21.05
CA PHE A 358 20.92 29.41 20.85
C PHE A 358 20.56 28.51 22.04
N TRP A 359 21.54 28.19 22.88
CA TRP A 359 21.24 27.37 24.05
C TRP A 359 20.38 28.16 25.03
N ASN A 360 20.80 29.39 25.31
CA ASN A 360 19.96 30.31 26.04
C ASN A 360 18.65 30.51 25.32
N CYS A 361 18.68 30.58 23.98
CA CYS A 361 17.46 30.77 23.22
C CYS A 361 16.47 29.65 23.49
N LEU A 362 16.95 28.51 23.98
CA LEU A 362 16.06 27.43 24.37
C LEU A 362 15.66 27.51 25.85
N ASP A 363 16.60 27.84 26.74
CA ASP A 363 16.34 27.55 28.14
C ASP A 363 15.29 28.46 28.75
N VAL A 364 15.03 29.63 28.16
CA VAL A 364 13.90 30.43 28.58
C VAL A 364 12.60 29.83 28.07
N VAL A 365 12.58 29.40 26.81
CA VAL A 365 11.35 28.86 26.22
C VAL A 365 10.80 27.75 27.09
N ILE A 366 11.67 26.86 27.55
CA ILE A 366 11.27 25.78 28.45
C ILE A 366 10.38 26.31 29.55
N VAL A 367 10.93 27.22 30.36
CA VAL A 367 10.20 27.65 31.56
C VAL A 367 8.90 28.32 31.14
N VAL A 368 8.93 29.06 30.02
CA VAL A 368 7.71 29.65 29.50
C VAL A 368 6.65 28.57 29.35
N LEU A 369 6.92 27.58 28.50
CA LEU A 369 5.96 26.50 28.30
C LEU A 369 5.60 25.88 29.64
N SER A 370 6.60 25.71 30.52
CA SER A 370 6.35 25.08 31.80
C SER A 370 5.25 25.81 32.56
N VAL A 371 5.36 27.14 32.68
CA VAL A 371 4.37 27.86 33.48
C VAL A 371 3.01 27.73 32.82
N VAL A 372 2.98 27.74 31.48
CA VAL A 372 1.70 27.58 30.79
C VAL A 372 1.04 26.29 31.22
N ALA A 373 1.83 25.20 31.29
CA ALA A 373 1.29 23.93 31.74
C ALA A 373 0.59 24.09 33.09
N ILE A 374 1.27 24.74 34.04
CA ILE A 374 0.69 24.90 35.37
C ILE A 374 -0.67 25.58 35.27
N GLY A 375 -0.73 26.63 34.45
CA GLY A 375 -1.99 27.32 34.24
C GLY A 375 -3.07 26.33 33.93
N ILE A 376 -2.87 25.57 32.85
CA ILE A 376 -3.87 24.56 32.47
C ILE A 376 -4.05 23.57 33.61
N ASN A 377 -2.94 23.09 34.18
CA ASN A 377 -3.02 22.09 35.22
C ASN A 377 -3.74 22.62 36.45
N ILE A 378 -3.78 23.94 36.63
CA ILE A 378 -4.55 24.52 37.71
C ILE A 378 -5.96 24.90 37.26
N TYR A 379 -6.14 25.23 35.99
CA TYR A 379 -7.44 25.68 35.51
C TYR A 379 -8.40 24.53 35.27
N ARG A 380 -7.91 23.30 35.20
CA ARG A 380 -8.75 22.14 34.93
C ARG A 380 -8.90 21.21 36.10
N THR A 381 -8.08 21.36 37.16
CA THR A 381 -8.23 20.49 38.32
C THR A 381 -9.14 21.10 39.38
N SER A 382 -9.24 22.43 39.40
CA SER A 382 -10.08 23.11 40.37
C SER A 382 -11.49 23.38 39.85
N ASN A 383 -11.79 22.96 38.62
CA ASN A 383 -13.10 23.14 38.02
C ASN A 383 -13.72 21.81 37.63
N VAL A 384 -13.59 20.82 38.52
CA VAL A 384 -14.13 19.48 38.26
C VAL A 384 -15.42 19.30 39.04
N GLU A 385 -15.36 19.52 40.36
CA GLU A 385 -16.53 19.31 41.20
C GLU A 385 -17.69 20.24 40.84
N VAL A 386 -17.41 21.49 40.45
CA VAL A 386 -18.46 22.38 39.98
C VAL A 386 -19.11 21.84 38.72
N LEU A 387 -18.46 20.90 38.04
CA LEU A 387 -19.02 20.25 36.86
C LEU A 387 -19.30 18.77 37.05
N LEU A 388 -18.69 18.12 38.04
CA LEU A 388 -19.00 16.74 38.37
C LEU A 388 -20.20 16.61 39.30
N GLN A 389 -20.85 17.73 39.65
CA GLN A 389 -22.07 17.71 40.44
C GLN A 389 -23.17 16.88 39.80
N PHE A 390 -22.97 16.42 38.56
CA PHE A 390 -23.78 15.38 37.97
C PHE A 390 -24.03 14.22 38.93
N LEU A 391 -23.10 13.96 39.84
CA LEU A 391 -23.27 12.85 40.78
C LEU A 391 -24.54 13.00 41.61
N GLU A 392 -24.99 14.24 41.87
CA GLU A 392 -26.21 14.41 42.67
C GLU A 392 -27.47 14.17 41.85
N ASP A 393 -27.39 14.24 40.52
CA ASP A 393 -28.54 14.04 39.66
C ASP A 393 -28.12 13.23 38.43
N GLN A 394 -28.36 11.92 38.46
CA GLN A 394 -28.03 11.06 37.33
C GLN A 394 -29.20 10.92 36.36
N ASN A 395 -29.76 12.06 35.94
CA ASN A 395 -30.86 12.03 34.99
C ASN A 395 -30.77 13.16 33.97
N THR A 396 -29.60 13.79 33.85
CA THR A 396 -29.42 14.89 32.91
C THR A 396 -28.23 14.61 32.00
N PHE A 397 -27.87 15.60 31.17
CA PHE A 397 -26.74 15.44 30.27
C PHE A 397 -25.51 16.08 30.89
N PRO A 398 -24.46 15.31 31.18
CA PRO A 398 -23.25 15.92 31.75
C PRO A 398 -22.34 16.53 30.69
N ASN A 399 -22.00 17.81 30.85
CA ASN A 399 -21.12 18.51 29.91
C ASN A 399 -19.68 18.19 30.27
N PHE A 400 -18.99 17.48 29.37
CA PHE A 400 -17.59 17.16 29.56
C PHE A 400 -16.70 17.66 28.43
N GLU A 401 -17.22 18.49 27.54
CA GLU A 401 -16.44 18.95 26.39
C GLU A 401 -15.26 19.80 26.82
N HIS A 402 -15.47 20.70 27.78
CA HIS A 402 -14.39 21.60 28.21
C HIS A 402 -13.25 20.82 28.84
N LEU A 403 -13.57 19.83 29.67
CA LEU A 403 -12.54 19.03 30.31
C LEU A 403 -11.71 18.27 29.28
N ALA A 404 -12.36 17.70 28.27
CA ALA A 404 -11.63 17.01 27.21
C ALA A 404 -10.76 17.97 26.42
N TYR A 405 -11.28 19.15 26.10
CA TYR A 405 -10.49 20.13 25.35
C TYR A 405 -9.24 20.53 26.11
N TRP A 406 -9.39 20.82 27.41
CA TRP A 406 -8.23 21.24 28.19
C TRP A 406 -7.28 20.08 28.43
N GLN A 407 -7.79 18.86 28.53
CA GLN A 407 -6.91 17.70 28.62
C GLN A 407 -6.06 17.55 27.36
N ILE A 408 -6.67 17.75 26.19
CA ILE A 408 -5.90 17.67 24.95
C ILE A 408 -4.85 18.77 24.90
N GLN A 409 -5.21 19.99 25.28
CA GLN A 409 -4.24 21.07 25.28
C GLN A 409 -3.07 20.78 26.23
N PHE A 410 -3.37 20.27 27.42
CA PHE A 410 -2.32 19.94 28.37
C PHE A 410 -1.42 18.84 27.82
N ASN A 411 -2.01 17.83 27.17
CA ASN A 411 -1.20 16.76 26.60
C ASN A 411 -0.23 17.30 25.56
N ASN A 412 -0.72 18.16 24.66
CA ASN A 412 0.14 18.72 23.63
C ASN A 412 1.27 19.54 24.24
N ILE A 413 0.93 20.39 25.22
CA ILE A 413 1.94 21.24 25.84
C ILE A 413 3.00 20.40 26.53
N ALA A 414 2.57 19.39 27.29
CA ALA A 414 3.51 18.55 28.01
C ALA A 414 4.43 17.80 27.05
N ALA A 415 3.88 17.28 25.95
CA ALA A 415 4.71 16.58 24.98
C ALA A 415 5.76 17.50 24.38
N VAL A 416 5.36 18.74 24.04
CA VAL A 416 6.32 19.68 23.47
C VAL A 416 7.42 20.00 24.48
N THR A 417 7.03 20.24 25.73
CA THR A 417 8.03 20.56 26.76
C THR A 417 9.02 19.43 26.96
N VAL A 418 8.53 18.18 27.01
CA VAL A 418 9.47 17.08 27.25
C VAL A 418 10.38 16.89 26.04
N PHE A 419 9.85 17.10 24.82
CA PHE A 419 10.71 17.02 23.64
C PHE A 419 11.84 18.03 23.71
N PHE A 420 11.51 19.28 24.06
CA PHE A 420 12.54 20.32 24.12
C PHE A 420 13.52 20.06 25.26
N VAL A 421 13.03 19.59 26.40
CA VAL A 421 13.91 19.26 27.51
C VAL A 421 14.88 18.15 27.11
N TRP A 422 14.39 17.15 26.38
CA TRP A 422 15.26 16.07 25.96
C TRP A 422 16.33 16.56 24.99
N ILE A 423 15.94 17.41 24.03
CA ILE A 423 16.96 17.86 23.08
C ILE A 423 17.91 18.85 23.71
N LYS A 424 17.54 19.44 24.86
CA LYS A 424 18.50 20.32 25.54
C LYS A 424 19.67 19.55 26.19
N LEU A 425 19.76 18.23 26.03
CA LEU A 425 20.80 17.47 26.70
C LEU A 425 22.18 17.72 26.08
N PHE A 426 22.22 18.20 24.84
CA PHE A 426 23.50 18.40 24.17
C PHE A 426 24.38 19.41 24.88
N LYS A 427 23.79 20.30 25.69
CA LYS A 427 24.51 21.40 26.28
C LYS A 427 25.69 20.92 27.12
N PHE A 428 25.60 19.69 27.63
CA PHE A 428 26.62 19.15 28.53
C PHE A 428 27.62 18.26 27.82
N ILE A 429 27.18 17.44 26.87
CA ILE A 429 28.09 16.52 26.18
C ILE A 429 29.13 17.25 25.35
N ASN A 430 28.90 18.51 24.99
CA ASN A 430 29.88 19.25 24.21
C ASN A 430 31.06 19.70 25.05
N PHE A 431 30.91 19.71 26.38
CA PHE A 431 32.00 20.18 27.23
C PHE A 431 33.23 19.29 27.13
N ASN A 432 33.04 18.05 26.69
CA ASN A 432 34.15 17.13 26.49
C ASN A 432 34.80 17.42 25.13
N ARG A 433 35.68 16.54 24.68
CA ARG A 433 36.41 16.72 23.42
C ARG A 433 35.51 16.63 22.19
N THR A 434 34.19 16.53 22.38
CA THR A 434 33.25 16.54 21.27
C THR A 434 32.98 17.94 20.73
N MET A 435 33.43 18.98 21.43
CA MET A 435 33.16 20.35 21.02
C MET A 435 33.73 20.68 19.66
N SER A 436 34.76 19.96 19.22
CA SER A 436 35.36 20.17 17.90
C SER A 436 34.60 19.46 16.80
N GLN A 437 33.58 18.67 17.13
CA GLN A 437 32.83 17.90 16.14
C GLN A 437 31.56 18.60 15.68
N LEU A 438 31.11 19.55 16.48
CA LEU A 438 29.90 20.29 16.22
C LEU A 438 30.22 21.74 15.90
N SER A 439 31.51 22.01 15.65
CA SER A 439 31.92 23.34 15.28
C SER A 439 31.47 23.42 13.84
N THR A 440 32.14 22.68 12.97
CA THR A 440 31.77 22.64 11.56
C THR A 440 30.32 22.19 11.46
N THR A 441 30.03 21.05 12.09
CA THR A 441 28.69 20.46 12.08
C THR A 441 27.57 21.45 12.37
N MET A 442 27.40 21.82 13.63
CA MET A 442 26.34 22.75 14.02
C MET A 442 26.63 24.20 13.65
N SER A 443 27.90 24.50 13.40
CA SER A 443 28.28 25.74 12.74
C SER A 443 28.46 25.49 11.25
N ARG A 444 29.37 26.22 10.64
CA ARG A 444 29.67 26.08 9.21
C ARG A 444 28.42 26.08 8.33
N CYS A 445 27.57 25.09 8.51
CA CYS A 445 26.37 24.99 7.69
C CYS A 445 25.36 26.09 8.02
N ALA A 446 25.74 27.07 8.84
CA ALA A 446 24.81 28.12 9.23
C ALA A 446 24.32 28.91 8.03
N LYS A 447 25.24 29.24 7.11
CA LYS A 447 24.90 29.96 5.89
C LYS A 447 25.12 29.11 4.65
N ASP A 448 25.32 27.80 4.80
CA ASP A 448 25.47 26.91 3.66
C ASP A 448 24.20 26.11 3.39
N LEU A 449 23.77 25.30 4.35
CA LEU A 449 22.49 24.62 4.19
C LEU A 449 21.33 25.62 4.24
N PHE A 450 21.43 26.61 5.10
CA PHE A 450 20.39 27.64 5.16
C PHE A 450 20.60 28.73 4.12
N GLY A 451 21.61 28.63 3.27
CA GLY A 451 21.83 29.62 2.24
C GLY A 451 21.56 29.11 0.85
N PHE A 452 21.91 27.85 0.58
CA PHE A 452 21.64 27.24 -0.71
C PHE A 452 20.23 26.68 -0.83
N ALA A 453 19.47 26.64 0.27
CA ALA A 453 18.16 25.99 0.27
C ALA A 453 17.03 26.93 -0.12
N ILE A 454 17.31 28.20 -0.42
CA ILE A 454 16.25 29.09 -0.86
C ILE A 454 15.66 28.63 -2.18
N MET A 455 16.50 28.20 -3.12
CA MET A 455 15.99 27.73 -4.42
C MET A 455 15.10 26.50 -4.28
N PRO A 456 15.50 25.43 -3.57
CA PRO A 456 14.57 24.32 -3.39
C PRO A 456 13.30 24.71 -2.65
N PHE A 457 13.41 25.62 -1.68
CA PHE A 457 12.22 26.04 -0.94
C PHE A 457 11.24 26.78 -1.85
N ILE A 458 11.74 27.60 -2.76
CA ILE A 458 10.86 28.30 -3.69
C ILE A 458 10.26 27.32 -4.70
N ILE A 459 11.06 26.39 -5.23
CA ILE A 459 10.55 25.45 -6.22
C ILE A 459 9.49 24.55 -5.60
N PHE A 460 9.67 24.17 -4.33
CA PHE A 460 8.70 23.33 -3.64
C PHE A 460 7.34 24.02 -3.57
N LEU A 461 7.33 25.30 -3.18
CA LEU A 461 6.07 26.03 -3.07
C LEU A 461 5.46 26.28 -4.44
N ALA A 462 6.29 26.53 -5.46
CA ALA A 462 5.76 26.70 -6.81
C ALA A 462 5.08 25.42 -7.29
N TYR A 463 5.70 24.27 -7.05
CA TYR A 463 5.07 23.00 -7.44
C TYR A 463 3.81 22.75 -6.65
N ALA A 464 3.79 23.10 -5.36
CA ALA A 464 2.57 22.93 -4.56
C ALA A 464 1.45 23.79 -5.11
N GLN A 465 1.75 25.03 -5.48
CA GLN A 465 0.74 25.91 -6.07
C GLN A 465 0.22 25.34 -7.38
N LEU A 466 1.13 24.84 -8.22
CA LEU A 466 0.71 24.26 -9.50
C LEU A 466 -0.19 23.04 -9.29
N ALA A 467 0.18 22.18 -8.34
CA ALA A 467 -0.63 20.99 -8.06
C ALA A 467 -1.99 21.36 -7.51
N TYR A 468 -2.03 22.36 -6.62
CA TYR A 468 -3.32 22.79 -6.06
C TYR A 468 -4.22 23.38 -7.13
N LEU A 469 -3.63 24.11 -8.09
CA LEU A 469 -4.46 24.70 -9.14
C LEU A 469 -4.92 23.67 -10.15
N VAL A 470 -4.05 22.74 -10.55
CA VAL A 470 -4.43 21.73 -11.54
C VAL A 470 -5.36 20.70 -10.92
N PHE A 471 -4.89 20.02 -9.89
CA PHE A 471 -5.70 19.06 -9.15
C PHE A 471 -6.50 19.82 -8.09
N GLY A 472 -7.06 19.11 -7.13
CA GLY A 472 -7.77 19.73 -6.04
C GLY A 472 -9.26 19.84 -6.23
N THR A 473 -9.74 19.64 -7.45
CA THR A 473 -11.17 19.51 -7.72
C THR A 473 -11.56 18.06 -7.97
N GLN A 474 -10.59 17.15 -8.07
CA GLN A 474 -10.88 15.76 -8.40
C GLN A 474 -10.20 14.81 -7.41
N VAL A 475 -9.13 15.27 -6.76
CA VAL A 475 -8.32 14.43 -5.89
C VAL A 475 -8.39 14.99 -4.48
N ASP A 476 -8.70 14.12 -3.51
CA ASP A 476 -8.80 14.56 -2.12
C ASP A 476 -7.46 14.96 -1.53
N ASP A 477 -6.36 14.42 -2.04
CA ASP A 477 -5.04 14.72 -1.52
C ASP A 477 -4.50 16.05 -1.97
N PHE A 478 -5.19 16.73 -2.90
CA PHE A 478 -4.71 17.99 -3.44
C PHE A 478 -5.68 19.15 -3.25
N SER A 479 -6.75 18.95 -2.51
CA SER A 479 -7.58 20.07 -2.06
C SER A 479 -6.87 20.74 -0.89
N THR A 480 -7.51 21.76 -0.31
CA THR A 480 -7.07 22.41 0.93
C THR A 480 -5.56 22.65 0.94
N PHE A 481 -5.12 23.63 0.15
CA PHE A 481 -3.76 23.80 -0.36
C PHE A 481 -2.66 23.29 0.55
N GLN A 482 -2.74 23.57 1.85
CA GLN A 482 -1.69 23.10 2.77
C GLN A 482 -1.49 21.59 2.66
N GLU A 483 -2.57 20.84 2.47
CA GLU A 483 -2.45 19.39 2.37
C GLU A 483 -1.57 19.00 1.19
N CYS A 484 -1.65 19.75 0.09
CA CYS A 484 -0.78 19.50 -1.05
C CYS A 484 0.68 19.44 -0.61
N ILE A 485 1.08 20.39 0.24
CA ILE A 485 2.43 20.38 0.82
C ILE A 485 2.74 18.99 1.36
N PHE A 486 1.90 18.50 2.28
CA PHE A 486 2.14 17.20 2.88
C PHE A 486 2.20 16.11 1.83
N THR A 487 1.32 16.19 0.83
CA THR A 487 1.32 15.17 -0.23
C THR A 487 2.67 15.10 -0.90
N GLN A 488 3.28 16.25 -1.16
CA GLN A 488 4.60 16.25 -1.80
C GLN A 488 5.63 15.57 -0.91
N PHE A 489 5.55 15.81 0.41
CA PHE A 489 6.45 15.12 1.33
C PHE A 489 6.30 13.62 1.22
N ARG A 490 5.09 13.14 0.94
CA ARG A 490 4.88 11.71 0.80
C ARG A 490 5.24 11.18 -0.58
N ILE A 491 5.43 12.06 -1.56
CA ILE A 491 5.81 11.60 -2.89
C ILE A 491 7.31 11.32 -2.96
N ILE A 492 8.11 12.17 -2.32
CA ILE A 492 9.56 11.96 -2.29
C ILE A 492 9.90 10.66 -1.56
N LEU A 493 9.26 10.42 -0.41
CA LEU A 493 9.56 9.24 0.36
C LEU A 493 9.14 7.96 -0.36
N GLY A 494 7.97 7.97 -1.00
CA GLY A 494 7.52 6.82 -1.75
C GLY A 494 6.07 6.45 -1.55
N ASP A 495 5.34 7.27 -0.79
CA ASP A 495 3.91 7.06 -0.59
C ASP A 495 3.16 7.75 -1.73
N ILE A 496 2.83 6.98 -2.77
CA ILE A 496 2.28 7.53 -4.00
C ILE A 496 0.95 6.85 -4.30
N ASN A 497 0.03 7.64 -4.86
CA ASN A 497 -1.28 7.20 -5.29
C ASN A 497 -1.49 7.56 -6.76
N PHE A 498 -0.51 7.18 -7.59
CA PHE A 498 -0.41 7.65 -8.96
C PHE A 498 -1.64 7.35 -9.80
N ALA A 499 -2.42 6.33 -9.45
CA ALA A 499 -3.57 5.94 -10.26
C ALA A 499 -4.56 7.10 -10.39
N GLU A 500 -4.98 7.67 -9.25
CA GLU A 500 -5.95 8.74 -9.30
C GLU A 500 -5.36 10.03 -9.87
N ILE A 501 -4.07 10.27 -9.65
CA ILE A 501 -3.43 11.45 -10.21
C ILE A 501 -3.45 11.39 -11.73
N GLU A 502 -3.11 10.22 -12.29
CA GLU A 502 -3.12 10.06 -13.73
C GLU A 502 -4.55 10.05 -14.28
N GLU A 503 -5.50 9.50 -13.53
CA GLU A 503 -6.88 9.49 -14.00
C GLU A 503 -7.48 10.89 -14.04
N ALA A 504 -7.15 11.74 -13.06
CA ALA A 504 -7.72 13.08 -13.00
C ALA A 504 -7.32 13.90 -14.22
N ASN A 505 -6.05 13.86 -14.59
CA ASN A 505 -5.53 14.58 -15.75
C ASN A 505 -4.52 13.69 -16.44
N ARG A 506 -4.85 13.26 -17.67
CA ARG A 506 -4.02 12.28 -18.37
C ARG A 506 -2.79 12.88 -19.02
N VAL A 507 -2.67 14.21 -19.08
CA VAL A 507 -1.52 14.87 -19.69
C VAL A 507 -0.69 15.60 -18.64
N LEU A 508 -1.32 16.47 -17.84
CA LEU A 508 -0.57 17.25 -16.87
C LEU A 508 -0.16 16.44 -15.65
N GLY A 509 -0.88 15.36 -15.34
CA GLY A 509 -0.58 14.56 -14.18
C GLY A 509 0.79 13.92 -14.22
N PRO A 510 1.02 13.04 -15.20
CA PRO A 510 2.35 12.42 -15.34
C PRO A 510 3.46 13.43 -15.55
N ILE A 511 3.19 14.51 -16.29
CA ILE A 511 4.21 15.54 -16.50
C ILE A 511 4.62 16.15 -15.16
N TYR A 512 3.63 16.52 -14.35
CA TYR A 512 3.90 17.09 -13.04
C TYR A 512 4.69 16.10 -12.18
N PHE A 513 4.26 14.84 -12.16
CA PHE A 513 4.90 13.85 -11.31
C PHE A 513 6.37 13.67 -11.69
N THR A 514 6.63 13.40 -12.98
CA THR A 514 8.01 13.14 -13.40
C THR A 514 8.88 14.37 -13.24
N THR A 515 8.39 15.54 -13.64
CA THR A 515 9.20 16.75 -13.53
C THR A 515 9.52 17.07 -12.07
N PHE A 516 8.54 16.89 -11.18
CA PHE A 516 8.77 17.15 -9.77
C PHE A 516 9.82 16.21 -9.21
N VAL A 517 9.65 14.90 -9.42
CA VAL A 517 10.57 13.94 -8.83
C VAL A 517 11.95 14.02 -9.47
N PHE A 518 12.06 14.57 -10.67
CA PHE A 518 13.38 14.72 -11.29
C PHE A 518 14.05 16.00 -10.81
N PHE A 519 13.33 17.12 -10.83
CA PHE A 519 13.93 18.39 -10.46
C PHE A 519 14.30 18.45 -9.00
N MET A 520 13.51 17.83 -8.12
CA MET A 520 13.87 17.82 -6.70
C MET A 520 15.25 17.20 -6.48
N PHE A 521 15.46 16.01 -7.02
CA PHE A 521 16.75 15.34 -6.84
C PHE A 521 17.86 16.08 -7.58
N PHE A 522 17.56 16.64 -8.75
CA PHE A 522 18.56 17.39 -9.50
C PHE A 522 19.07 18.58 -8.69
N ILE A 523 18.15 19.36 -8.11
CA ILE A 523 18.59 20.53 -7.34
C ILE A 523 19.23 20.10 -6.03
N LEU A 524 18.81 18.98 -5.44
CA LEU A 524 19.49 18.50 -4.24
C LEU A 524 20.93 18.12 -4.54
N LEU A 525 21.17 17.43 -5.66
CA LEU A 525 22.53 17.11 -6.06
C LEU A 525 23.34 18.36 -6.35
N ASN A 526 22.73 19.35 -7.01
CA ASN A 526 23.43 20.62 -7.23
C ASN A 526 23.80 21.28 -5.92
N MET A 527 22.89 21.29 -4.95
CA MET A 527 23.18 21.84 -3.63
C MET A 527 24.40 21.13 -3.02
N PHE A 528 24.37 19.80 -3.03
CA PHE A 528 25.43 19.04 -2.38
C PHE A 528 26.78 19.28 -3.06
N LEU A 529 26.80 19.24 -4.39
CA LEU A 529 28.03 19.48 -5.12
C LEU A 529 28.56 20.89 -4.89
N ALA A 530 27.66 21.88 -4.88
CA ALA A 530 28.10 23.25 -4.66
C ALA A 530 28.69 23.42 -3.26
N ILE A 531 28.07 22.79 -2.26
CA ILE A 531 28.60 22.90 -0.89
C ILE A 531 29.97 22.25 -0.79
N ILE A 532 30.12 21.06 -1.38
CA ILE A 532 31.42 20.39 -1.38
C ILE A 532 32.47 21.26 -2.06
N ASN A 533 32.12 21.82 -3.22
CA ASN A 533 33.08 22.62 -3.96
C ASN A 533 33.49 23.85 -3.18
N ASP A 534 32.52 24.55 -2.61
CA ASP A 534 32.83 25.78 -1.87
C ASP A 534 33.65 25.49 -0.63
N THR A 535 33.29 24.44 0.09
CA THR A 535 34.01 24.06 1.30
C THR A 535 35.48 23.83 0.98
N TYR A 536 35.73 22.82 0.15
CA TYR A 536 37.08 22.47 -0.26
C TYR A 536 37.83 23.68 -0.80
N SER A 537 37.28 24.30 -1.85
CA SER A 537 37.88 25.46 -2.47
C SER A 537 38.14 26.57 -1.46
N GLU A 538 37.14 26.87 -0.64
CA GLU A 538 37.25 27.90 0.38
C GLU A 538 38.44 27.65 1.29
N VAL A 539 38.53 26.44 1.83
CA VAL A 539 39.62 26.08 2.73
C VAL A 539 40.75 25.34 2.02
N LYS A 540 41.02 25.74 0.78
CA LYS A 540 42.08 25.12 -0.01
C LYS A 540 43.40 25.86 0.18
CA LYS B 67 19.92 55.11 -10.41
C LYS B 67 19.82 53.63 -10.76
N TYR B 68 20.99 52.97 -10.84
CA TYR B 68 21.05 51.54 -11.10
C TYR B 68 20.27 50.76 -10.05
N LEU B 69 20.57 51.03 -8.77
CA LEU B 69 19.81 50.42 -7.69
C LEU B 69 18.36 50.87 -7.74
N LYS B 70 18.12 52.14 -8.09
CA LYS B 70 16.75 52.61 -8.23
C LYS B 70 16.03 51.89 -9.37
N SER B 71 16.73 51.63 -10.47
CA SER B 71 16.12 50.92 -11.59
C SER B 71 15.75 49.49 -11.20
N VAL B 72 16.68 48.79 -10.54
CA VAL B 72 16.37 47.42 -10.14
C VAL B 72 15.27 47.42 -9.06
N LEU B 73 15.19 48.48 -8.25
CA LEU B 73 14.16 48.54 -7.23
C LEU B 73 12.78 48.77 -7.85
N ARG B 74 12.70 49.63 -8.85
CA ARG B 74 11.41 49.85 -9.51
C ARG B 74 10.99 48.60 -10.30
N GLU B 75 11.95 47.91 -10.91
CA GLU B 75 11.64 46.64 -11.55
C GLU B 75 11.12 45.63 -10.53
N LEU B 76 11.76 45.57 -9.36
CA LEU B 76 11.31 44.68 -8.30
C LEU B 76 9.88 45.02 -7.86
N VAL B 77 9.59 46.30 -7.64
CA VAL B 77 8.28 46.64 -7.11
C VAL B 77 7.20 46.37 -8.14
N THR B 78 7.47 46.67 -9.42
CA THR B 78 6.45 46.35 -10.42
C THR B 78 6.26 44.85 -10.57
N TYR B 79 7.34 44.07 -10.39
CA TYR B 79 7.20 42.62 -10.43
C TYR B 79 6.33 42.12 -9.28
N LEU B 80 6.52 42.65 -8.07
CA LEU B 80 5.67 42.22 -6.97
C LEU B 80 4.22 42.68 -7.13
N LEU B 81 3.97 43.85 -7.70
CA LEU B 81 2.59 44.21 -8.02
C LEU B 81 1.97 43.22 -9.01
N PHE B 82 2.72 42.85 -10.05
CA PHE B 82 2.23 41.86 -10.99
C PHE B 82 1.94 40.53 -10.30
N LEU B 83 2.86 40.10 -9.43
CA LEU B 83 2.72 38.83 -8.75
C LEU B 83 1.51 38.82 -7.83
N ILE B 84 1.29 39.91 -7.08
CA ILE B 84 0.16 39.95 -6.16
C ILE B 84 -1.15 40.00 -6.94
N VAL B 85 -1.17 40.69 -8.08
CA VAL B 85 -2.38 40.70 -8.91
C VAL B 85 -2.69 39.29 -9.40
N LEU B 86 -1.66 38.58 -9.87
CA LEU B 86 -1.85 37.21 -10.34
C LEU B 86 -2.33 36.30 -9.20
N CYS B 87 -1.76 36.47 -8.00
CA CYS B 87 -2.17 35.66 -6.87
C CYS B 87 -3.62 35.90 -6.50
N ILE B 88 -4.04 37.17 -6.51
CA ILE B 88 -5.45 37.48 -6.24
C ILE B 88 -6.34 36.83 -7.28
N LEU B 89 -5.95 36.91 -8.56
CA LEU B 89 -6.74 36.29 -9.61
C LEU B 89 -6.88 34.79 -9.40
N THR B 90 -5.78 34.12 -9.07
CA THR B 90 -5.83 32.67 -8.88
C THR B 90 -6.65 32.29 -7.66
N TYR B 91 -6.51 33.05 -6.57
CA TYR B 91 -7.30 32.75 -5.37
C TYR B 91 -8.79 32.93 -5.65
N GLY B 92 -9.15 34.00 -6.36
CA GLY B 92 -10.55 34.22 -6.67
C GLY B 92 -11.13 33.17 -7.58
N MET B 93 -10.37 32.78 -8.62
CA MET B 93 -10.87 31.82 -9.58
C MET B 93 -11.00 30.42 -8.98
N MET B 94 -10.24 30.14 -7.92
CA MET B 94 -10.27 28.83 -7.28
C MET B 94 -11.33 28.85 -6.18
N SER B 95 -12.48 28.24 -6.45
CA SER B 95 -13.55 28.20 -5.47
C SER B 95 -13.18 27.29 -4.30
N SER B 96 -13.77 27.57 -3.15
CA SER B 96 -13.47 26.82 -1.94
C SER B 96 -14.46 25.68 -1.74
N ASN B 97 -13.94 24.52 -1.36
CA ASN B 97 -14.76 23.34 -1.07
C ASN B 97 -15.62 22.94 -2.26
N VAL B 98 -15.07 23.14 -3.48
CA VAL B 98 -15.73 22.64 -4.68
C VAL B 98 -15.41 21.18 -4.94
N TYR B 99 -14.43 20.63 -4.25
CA TYR B 99 -14.12 19.21 -4.39
C TYR B 99 -15.26 18.32 -3.90
N TYR B 100 -15.92 18.73 -2.82
CA TYR B 100 -16.96 17.89 -2.23
C TYR B 100 -18.17 17.75 -3.15
N TYR B 101 -18.45 18.77 -3.96
CA TYR B 101 -19.52 18.69 -4.95
C TYR B 101 -19.27 17.55 -5.92
N THR B 102 -18.10 17.54 -6.55
CA THR B 102 -17.76 16.48 -7.47
C THR B 102 -17.66 15.14 -6.77
N ARG B 103 -17.20 15.11 -5.52
CA ARG B 103 -17.05 13.83 -4.84
C ARG B 103 -18.40 13.21 -4.56
N MET B 104 -19.37 14.03 -4.12
CA MET B 104 -20.74 13.53 -3.94
C MET B 104 -21.32 13.04 -5.25
N MET B 105 -21.14 13.80 -6.34
CA MET B 105 -21.67 13.38 -7.63
C MET B 105 -21.09 12.02 -8.04
N SER B 106 -19.77 11.88 -7.92
CA SER B 106 -19.11 10.65 -8.34
C SER B 106 -19.50 9.47 -7.46
N GLN B 107 -19.61 9.70 -6.14
CA GLN B 107 -20.04 8.61 -5.26
C GLN B 107 -21.46 8.17 -5.58
N LEU B 108 -22.35 9.13 -5.88
CA LEU B 108 -23.72 8.77 -6.21
C LEU B 108 -23.79 7.98 -7.51
N PHE B 109 -23.03 8.38 -8.53
CA PHE B 109 -23.21 7.80 -9.85
C PHE B 109 -22.22 6.68 -10.19
N LEU B 110 -21.27 6.39 -9.32
CA LEU B 110 -20.23 5.42 -9.65
C LEU B 110 -20.06 4.30 -8.62
N ASP B 111 -20.42 4.54 -7.35
CA ASP B 111 -20.17 3.57 -6.30
C ASP B 111 -21.39 2.77 -5.87
N THR B 112 -22.59 3.29 -6.09
CA THR B 112 -23.78 2.53 -5.73
C THR B 112 -23.89 1.30 -6.64
N PRO B 113 -24.24 0.14 -6.09
CA PRO B 113 -24.38 -1.05 -6.93
C PRO B 113 -25.48 -0.88 -7.96
N VAL B 114 -25.33 -1.56 -9.09
CA VAL B 114 -26.28 -1.42 -10.19
C VAL B 114 -27.67 -1.86 -9.77
N SER B 115 -27.77 -2.74 -8.78
CA SER B 115 -29.05 -3.17 -8.25
C SER B 115 -28.84 -3.68 -6.82
N LYS B 116 -29.94 -4.05 -6.17
CA LYS B 116 -29.87 -4.47 -4.78
C LYS B 116 -29.10 -5.78 -4.63
N THR B 117 -29.26 -6.71 -5.55
CA THR B 117 -28.68 -8.04 -5.42
C THR B 117 -27.23 -8.09 -5.87
N GLU B 118 -26.94 -7.64 -7.09
CA GLU B 118 -25.57 -7.68 -7.62
C GLU B 118 -24.66 -6.71 -6.89
N LYS B 119 -23.37 -7.03 -6.86
CA LYS B 119 -22.37 -6.25 -6.14
C LYS B 119 -21.60 -5.30 -7.05
N THR B 120 -21.71 -5.45 -8.36
CA THR B 120 -20.94 -4.65 -9.30
C THR B 120 -21.54 -3.26 -9.47
N ASN B 121 -20.66 -2.28 -9.71
CA ASN B 121 -21.05 -0.90 -9.95
C ASN B 121 -20.48 -0.45 -11.29
N PHE B 122 -20.65 0.84 -11.58
CA PHE B 122 -20.16 1.38 -12.84
C PHE B 122 -18.65 1.30 -12.94
N LYS B 123 -17.94 1.56 -11.85
CA LYS B 123 -16.49 1.52 -11.87
C LYS B 123 -15.94 0.14 -12.20
N THR B 124 -16.71 -0.92 -11.94
CA THR B 124 -16.31 -2.29 -12.26
C THR B 124 -17.41 -2.93 -13.09
N LEU B 125 -17.36 -2.70 -14.39
CA LEU B 125 -18.29 -3.30 -15.34
C LEU B 125 -17.53 -4.29 -16.20
N SER B 126 -18.19 -5.39 -16.58
CA SER B 126 -17.53 -6.47 -17.28
C SER B 126 -18.22 -6.93 -18.55
N SER B 127 -19.52 -6.76 -18.70
CA SER B 127 -20.24 -7.29 -19.85
C SER B 127 -21.28 -6.27 -20.30
N MET B 128 -21.96 -6.59 -21.40
CA MET B 128 -23.02 -5.74 -21.91
C MET B 128 -24.27 -5.81 -21.04
N GLU B 129 -24.55 -6.99 -20.49
CA GLU B 129 -25.70 -7.13 -19.60
C GLU B 129 -25.53 -6.29 -18.35
N ASP B 130 -24.31 -6.17 -17.85
CA ASP B 130 -24.05 -5.28 -16.71
C ASP B 130 -24.37 -3.84 -17.07
N PHE B 131 -24.00 -3.41 -18.29
CA PHE B 131 -24.32 -2.06 -18.72
C PHE B 131 -25.84 -1.86 -18.81
N TRP B 132 -26.54 -2.86 -19.34
CA TRP B 132 -28.00 -2.74 -19.43
C TRP B 132 -28.63 -2.68 -18.04
N LYS B 133 -28.11 -3.45 -17.10
CA LYS B 133 -28.62 -3.37 -15.73
C LYS B 133 -28.34 -2.03 -15.10
N PHE B 134 -27.16 -1.46 -15.35
CA PHE B 134 -26.83 -0.14 -14.79
C PHE B 134 -27.70 0.95 -15.39
N THR B 135 -27.95 0.91 -16.70
CA THR B 135 -28.64 2.00 -17.36
C THR B 135 -30.12 2.08 -17.01
N GLU B 136 -30.69 1.04 -16.41
CA GLU B 136 -32.07 1.09 -15.92
C GLU B 136 -32.15 0.84 -14.42
N GLY B 137 -31.02 0.76 -13.74
CA GLY B 137 -30.99 0.54 -12.31
C GLY B 137 -30.50 1.74 -11.55
N SER B 138 -29.21 1.74 -11.17
CA SER B 138 -28.67 2.81 -10.37
C SER B 138 -28.66 4.14 -11.10
N LEU B 139 -28.65 4.11 -12.44
CA LEU B 139 -28.65 5.36 -13.20
C LEU B 139 -29.95 6.11 -13.03
N LEU B 140 -31.09 5.43 -13.22
CA LEU B 140 -32.37 6.09 -13.06
C LEU B 140 -32.65 6.44 -11.61
N ASP B 141 -32.23 5.56 -10.68
CA ASP B 141 -32.46 5.81 -9.26
C ASP B 141 -31.73 7.05 -8.77
N GLY B 142 -30.49 7.27 -9.21
CA GLY B 142 -29.72 8.42 -8.82
C GLY B 142 -29.88 9.65 -9.69
N LEU B 143 -30.78 9.61 -10.68
CA LEU B 143 -30.98 10.74 -11.58
C LEU B 143 -32.34 11.37 -11.45
N TYR B 144 -33.38 10.62 -11.11
CA TYR B 144 -34.74 11.15 -10.93
C TYR B 144 -35.13 10.94 -9.48
N TRP B 145 -35.21 12.03 -8.73
CA TRP B 145 -35.59 11.99 -7.32
C TRP B 145 -37.07 12.30 -7.19
N LYS B 146 -37.79 11.44 -6.46
CA LYS B 146 -39.24 11.38 -6.50
C LYS B 146 -39.92 12.70 -6.14
N MET B 147 -39.75 13.15 -4.90
CA MET B 147 -40.48 14.31 -4.41
C MET B 147 -39.66 15.00 -3.34
N GLN B 148 -39.83 16.32 -3.25
CA GLN B 148 -39.05 17.09 -2.27
C GLN B 148 -39.58 16.91 -0.85
N PRO B 149 -40.89 17.13 -0.56
CA PRO B 149 -41.32 16.85 0.81
C PRO B 149 -41.37 15.36 1.12
N ASP B 156 -44.91 18.89 -8.50
CA ASP B 156 -44.37 19.09 -9.84
C ASP B 156 -43.39 17.98 -10.22
N ASN B 157 -42.54 18.26 -11.22
CA ASN B 157 -41.61 17.27 -11.74
C ASN B 157 -40.31 17.97 -12.17
N ARG B 158 -39.37 18.03 -11.23
CA ARG B 158 -38.14 18.79 -11.43
C ARG B 158 -36.86 18.00 -11.16
N SER B 159 -36.92 16.93 -10.36
CA SER B 159 -35.79 16.02 -10.15
C SER B 159 -34.57 16.77 -9.61
N PHE B 160 -34.74 17.28 -8.40
CA PHE B 160 -33.63 17.89 -7.67
C PHE B 160 -32.76 16.78 -7.08
N ILE B 161 -31.61 16.54 -7.71
CA ILE B 161 -30.67 15.57 -7.19
C ILE B 161 -30.17 16.03 -5.83
N PHE B 162 -30.14 15.12 -4.86
CA PHE B 162 -29.81 15.43 -3.47
C PHE B 162 -30.68 16.55 -2.92
N TYR B 163 -31.84 16.77 -3.53
CA TYR B 163 -32.84 17.79 -3.25
C TYR B 163 -32.38 19.19 -3.67
N GLU B 164 -31.12 19.38 -4.09
CA GLU B 164 -30.65 20.74 -4.34
C GLU B 164 -29.71 20.86 -5.54
N ASN B 165 -29.88 20.04 -6.59
CA ASN B 165 -29.02 20.14 -7.76
C ASN B 165 -29.72 20.38 -9.08
N LEU B 166 -31.03 20.11 -9.21
CA LEU B 166 -31.83 20.57 -10.34
C LEU B 166 -31.26 20.09 -11.68
N LEU B 167 -31.41 18.79 -11.92
CA LEU B 167 -31.15 18.22 -13.24
C LEU B 167 -31.70 19.11 -14.34
N LEU B 168 -30.82 19.54 -15.24
CA LEU B 168 -31.17 20.50 -16.28
C LEU B 168 -31.61 19.77 -17.55
N GLY B 169 -32.79 20.12 -18.05
CA GLY B 169 -33.26 19.55 -19.30
C GLY B 169 -33.40 18.04 -19.20
N VAL B 170 -32.90 17.35 -20.24
CA VAL B 170 -32.99 15.89 -20.30
C VAL B 170 -31.61 15.34 -20.60
N PRO B 171 -31.32 14.13 -20.15
CA PRO B 171 -30.07 13.47 -20.53
C PRO B 171 -30.15 12.93 -21.95
N ARG B 172 -28.97 12.60 -22.49
CA ARG B 172 -28.86 12.10 -23.85
C ARG B 172 -27.92 10.92 -23.89
N ILE B 173 -28.27 9.89 -24.66
CA ILE B 173 -27.46 8.70 -24.82
C ILE B 173 -27.11 8.55 -26.30
N ARG B 174 -25.85 8.23 -26.58
CA ARG B 174 -25.34 8.19 -27.93
C ARG B 174 -24.51 6.94 -28.14
N GLN B 175 -24.55 6.40 -29.36
CA GLN B 175 -23.85 5.16 -29.68
C GLN B 175 -23.04 5.32 -30.96
N LEU B 176 -21.84 4.75 -30.96
CA LEU B 176 -20.97 4.70 -32.13
C LEU B 176 -20.72 3.25 -32.50
N ARG B 177 -20.80 2.93 -33.79
CA ARG B 177 -20.68 1.55 -34.23
C ARG B 177 -20.03 1.49 -35.60
N VAL B 178 -19.55 0.30 -35.95
CA VAL B 178 -18.80 0.07 -37.18
C VAL B 178 -19.56 -0.87 -38.11
N ARG B 179 -19.01 -1.10 -39.30
CA ARG B 179 -19.67 -1.88 -40.34
C ARG B 179 -19.27 -3.35 -40.25
N ASN B 180 -20.20 -4.22 -40.64
CA ASN B 180 -19.88 -5.62 -40.84
C ASN B 180 -18.98 -5.79 -42.05
N GLY B 181 -18.10 -6.78 -41.98
CA GLY B 181 -17.21 -7.07 -43.09
C GLY B 181 -16.09 -6.06 -43.23
N SER B 182 -15.18 -6.03 -42.25
CA SER B 182 -14.04 -5.14 -42.30
C SER B 182 -12.72 -5.85 -42.00
N CYS B 183 -12.64 -7.17 -42.16
CA CYS B 183 -11.39 -7.91 -42.07
C CYS B 183 -10.83 -8.17 -43.45
N SER B 184 -9.67 -8.79 -43.48
CA SER B 184 -9.26 -9.67 -44.57
C SER B 184 -9.24 -11.07 -43.97
N ILE B 185 -10.41 -11.71 -43.94
CA ILE B 185 -10.56 -12.96 -43.18
C ILE B 185 -9.64 -14.02 -43.77
N PRO B 186 -8.89 -14.75 -42.94
CA PRO B 186 -8.03 -15.81 -43.48
C PRO B 186 -8.85 -16.85 -44.24
N GLN B 187 -8.27 -17.32 -45.34
CA GLN B 187 -8.98 -18.25 -46.21
C GLN B 187 -9.29 -19.55 -45.48
N ASP B 188 -8.40 -19.97 -44.57
CA ASP B 188 -8.62 -21.19 -43.81
C ASP B 188 -9.87 -21.08 -42.95
N LEU B 189 -10.00 -19.96 -42.22
CA LEU B 189 -11.16 -19.76 -41.36
C LEU B 189 -12.25 -19.00 -42.10
N ARG B 190 -12.64 -19.48 -43.28
CA ARG B 190 -13.67 -18.82 -44.07
C ARG B 190 -15.01 -19.51 -43.99
N ASP B 191 -15.05 -20.82 -43.75
CA ASP B 191 -16.29 -21.55 -43.61
C ASP B 191 -16.81 -21.58 -42.18
N GLU B 192 -16.03 -21.09 -41.21
CA GLU B 192 -16.44 -21.11 -39.82
C GLU B 192 -16.84 -19.72 -39.32
N ILE B 193 -16.17 -18.68 -39.81
CA ILE B 193 -16.47 -17.30 -39.45
C ILE B 193 -17.11 -16.62 -40.65
N LYS B 194 -18.14 -15.82 -40.39
CA LYS B 194 -18.91 -15.21 -41.47
C LYS B 194 -18.82 -13.69 -41.46
N GLU B 195 -18.65 -13.08 -40.28
CA GLU B 195 -18.71 -11.63 -40.18
C GLU B 195 -17.57 -11.10 -39.32
N CYS B 196 -17.21 -9.83 -39.57
CA CYS B 196 -16.25 -9.09 -38.76
C CYS B 196 -16.80 -7.74 -38.34
N TYR B 197 -16.14 -7.18 -37.33
CA TYR B 197 -16.35 -5.80 -36.90
C TYR B 197 -15.00 -5.31 -36.39
N ASP B 198 -14.30 -4.55 -37.22
CA ASP B 198 -12.96 -4.09 -36.89
C ASP B 198 -12.99 -3.12 -35.71
N VAL B 199 -11.80 -2.75 -35.24
CA VAL B 199 -11.69 -1.72 -34.22
C VAL B 199 -12.19 -0.40 -34.77
N TYR B 200 -12.52 0.52 -33.86
CA TYR B 200 -13.13 1.77 -34.27
C TYR B 200 -12.13 2.65 -35.04
N SER B 201 -12.61 3.24 -36.12
CA SER B 201 -11.90 4.23 -36.90
C SER B 201 -12.90 4.92 -37.81
N VAL B 202 -12.55 6.12 -38.27
CA VAL B 202 -13.45 6.87 -39.13
C VAL B 202 -13.68 6.14 -40.45
N SER B 203 -12.69 5.35 -40.89
CA SER B 203 -12.85 4.58 -42.12
C SER B 203 -13.81 3.41 -41.95
N SER B 204 -13.86 2.81 -40.77
CA SER B 204 -14.71 1.66 -40.52
C SER B 204 -16.07 2.04 -39.95
N GLU B 205 -16.35 3.32 -39.79
CA GLU B 205 -17.58 3.76 -39.15
C GLU B 205 -18.78 3.39 -40.01
N ASP B 206 -19.88 3.07 -39.34
CA ASP B 206 -21.12 2.68 -39.99
C ASP B 206 -22.05 3.89 -40.10
N ARG B 207 -22.78 3.94 -41.22
CA ARG B 207 -23.66 5.07 -41.48
C ARG B 207 -25.05 4.66 -41.95
N ALA B 208 -25.35 3.38 -42.01
CA ALA B 208 -26.63 2.91 -42.50
C ALA B 208 -27.61 2.70 -41.36
N PRO B 209 -28.91 2.87 -41.62
CA PRO B 209 -29.91 2.58 -40.58
C PRO B 209 -30.00 1.09 -40.30
N PHE B 210 -30.43 0.78 -39.08
CA PHE B 210 -30.55 -0.61 -38.66
C PHE B 210 -31.75 -0.74 -37.74
N GLY B 211 -32.33 -1.95 -37.73
CA GLY B 211 -33.49 -2.23 -36.93
C GLY B 211 -34.70 -1.43 -37.37
N PRO B 212 -35.70 -1.32 -36.50
CA PRO B 212 -36.87 -0.48 -36.81
C PRO B 212 -36.46 0.99 -36.77
N ARG B 213 -36.62 1.67 -37.89
CA ARG B 213 -36.10 3.03 -38.01
C ARG B 213 -36.73 3.97 -36.99
N ASN B 214 -38.03 4.25 -37.16
CA ASN B 214 -38.90 4.86 -36.16
C ASN B 214 -38.21 5.86 -35.22
N GLY B 215 -37.44 6.79 -35.77
CA GLY B 215 -36.87 7.84 -34.96
C GLY B 215 -35.39 7.99 -35.23
N THR B 216 -34.73 8.74 -34.34
CA THR B 216 -33.33 9.11 -34.48
C THR B 216 -32.37 8.14 -33.81
N ALA B 217 -32.87 7.18 -33.03
CA ALA B 217 -31.99 6.22 -32.39
C ALA B 217 -31.50 5.13 -33.35
N TRP B 218 -32.04 5.08 -34.56
CA TRP B 218 -31.68 4.06 -35.54
C TRP B 218 -31.26 4.68 -36.87
N ILE B 219 -30.96 5.98 -36.86
CA ILE B 219 -30.56 6.69 -38.08
C ILE B 219 -29.32 7.50 -37.77
N TYR B 220 -28.32 7.38 -38.64
CA TYR B 220 -27.06 8.09 -38.45
C TYR B 220 -27.26 9.59 -38.61
N THR B 221 -26.61 10.36 -37.74
CA THR B 221 -26.67 11.82 -37.77
C THR B 221 -25.24 12.35 -37.76
N SER B 222 -24.93 13.24 -38.70
CA SER B 222 -23.57 13.73 -38.88
C SER B 222 -23.11 14.58 -37.70
N GLU B 223 -21.80 14.75 -37.55
CA GLU B 223 -21.25 15.53 -36.46
C GLU B 223 -21.63 17.00 -36.53
N LYS B 224 -22.04 17.49 -37.70
CA LYS B 224 -22.50 18.87 -37.83
C LYS B 224 -23.96 19.01 -37.40
N ASP B 225 -24.82 18.11 -37.89
CA ASP B 225 -26.21 18.12 -37.43
C ASP B 225 -26.30 17.71 -35.96
N LEU B 226 -25.64 16.62 -35.60
CA LEU B 226 -25.53 16.25 -34.19
C LEU B 226 -24.55 17.20 -33.53
N ASN B 227 -25.10 18.22 -32.88
CA ASN B 227 -24.34 19.41 -32.50
C ASN B 227 -23.36 19.05 -31.38
N GLY B 228 -22.10 18.82 -31.76
CA GLY B 228 -21.12 18.38 -30.80
C GLY B 228 -19.76 18.23 -31.47
N SER B 229 -18.80 17.73 -30.69
CA SER B 229 -17.42 17.61 -31.12
C SER B 229 -16.88 16.24 -30.73
N SER B 230 -15.59 16.03 -30.96
CA SER B 230 -14.95 14.75 -30.73
C SER B 230 -14.56 14.58 -29.26
N HIS B 231 -14.04 13.41 -28.95
CA HIS B 231 -13.65 13.07 -27.58
C HIS B 231 -12.52 12.05 -27.62
N TRP B 232 -11.57 12.20 -26.71
CA TRP B 232 -10.38 11.35 -26.66
C TRP B 232 -10.55 10.31 -25.57
N GLY B 233 -10.79 9.06 -25.98
CA GLY B 233 -11.03 7.98 -25.06
C GLY B 233 -9.78 7.17 -24.76
N ILE B 234 -9.96 6.11 -23.97
CA ILE B 234 -8.84 5.27 -23.58
C ILE B 234 -8.34 4.45 -24.75
N ILE B 235 -9.24 3.85 -25.53
CA ILE B 235 -8.83 3.00 -26.64
C ILE B 235 -8.51 3.81 -27.89
N ALA B 236 -9.41 4.72 -28.28
CA ALA B 236 -9.23 5.50 -29.49
C ALA B 236 -9.85 6.88 -29.29
N THR B 237 -9.87 7.66 -30.36
CA THR B 237 -10.51 8.97 -30.37
C THR B 237 -11.79 8.87 -31.18
N TYR B 238 -12.90 9.30 -30.59
CA TYR B 238 -14.20 9.08 -31.19
C TYR B 238 -14.71 10.34 -31.89
N SER B 239 -15.52 10.12 -32.93
CA SER B 239 -15.86 11.19 -33.86
C SER B 239 -16.72 12.26 -33.20
N GLY B 240 -17.79 11.84 -32.53
CA GLY B 240 -18.77 12.77 -31.99
C GLY B 240 -20.11 12.74 -32.69
N ALA B 241 -20.27 11.92 -33.71
CA ALA B 241 -21.54 11.68 -34.38
C ALA B 241 -22.03 10.28 -34.04
N GLY B 242 -23.17 9.92 -34.60
CA GLY B 242 -23.65 8.57 -34.42
C GLY B 242 -25.16 8.56 -34.22
N TYR B 243 -25.61 7.57 -33.46
CA TYR B 243 -27.03 7.33 -33.19
C TYR B 243 -27.31 7.77 -31.77
N TYR B 244 -28.20 8.75 -31.60
CA TYR B 244 -28.48 9.34 -30.31
C TYR B 244 -29.97 9.29 -30.02
N LEU B 245 -30.31 9.48 -28.74
CA LEU B 245 -31.68 9.52 -28.29
C LEU B 245 -31.76 10.44 -27.08
N ASP B 246 -32.78 11.30 -27.06
CA ASP B 246 -32.99 12.24 -25.96
C ASP B 246 -34.04 11.65 -25.03
N LEU B 247 -33.66 11.44 -23.78
CA LEU B 247 -34.58 10.90 -22.79
C LEU B 247 -35.59 11.97 -22.36
N SER B 248 -36.43 11.60 -21.40
CA SER B 248 -37.51 12.49 -20.97
C SER B 248 -37.18 13.12 -19.62
N ARG B 249 -38.13 13.89 -19.11
CA ARG B 249 -37.94 14.64 -17.87
C ARG B 249 -38.40 13.87 -16.63
N THR B 250 -39.02 12.71 -16.79
CA THR B 250 -39.56 11.95 -15.68
C THR B 250 -39.05 10.51 -15.76
N ARG B 251 -39.20 9.79 -14.64
CA ARG B 251 -38.63 8.45 -14.52
C ARG B 251 -39.34 7.43 -15.39
N GLU B 252 -40.67 7.50 -15.46
CA GLU B 252 -41.45 6.45 -16.14
C GLU B 252 -41.15 6.43 -17.63
N GLU B 253 -41.12 7.60 -18.27
CA GLU B 253 -40.92 7.64 -19.72
C GLU B 253 -39.50 7.22 -20.10
N THR B 254 -38.50 7.63 -19.31
CA THR B 254 -37.14 7.17 -19.58
C THR B 254 -37.03 5.66 -19.38
N ALA B 255 -37.69 5.13 -18.34
CA ALA B 255 -37.67 3.68 -18.14
C ALA B 255 -38.30 2.97 -19.33
N ALA B 256 -39.41 3.48 -19.83
CA ALA B 256 -40.05 2.88 -20.99
C ALA B 256 -39.16 2.94 -22.22
N GLN B 257 -38.50 4.08 -22.43
CA GLN B 257 -37.62 4.23 -23.58
C GLN B 257 -36.43 3.27 -23.50
N VAL B 258 -35.85 3.12 -22.32
CA VAL B 258 -34.73 2.20 -22.17
C VAL B 258 -35.19 0.76 -22.35
N ALA B 259 -36.38 0.42 -21.85
CA ALA B 259 -36.91 -0.93 -22.07
C ALA B 259 -37.13 -1.20 -23.55
N SER B 260 -37.65 -0.20 -24.28
CA SER B 260 -37.83 -0.37 -25.72
C SER B 260 -36.49 -0.52 -26.44
N LEU B 261 -35.48 0.25 -26.02
CA LEU B 261 -34.16 0.13 -26.62
C LEU B 261 -33.55 -1.24 -26.35
N LYS B 262 -33.82 -1.80 -25.16
CA LYS B 262 -33.29 -3.12 -24.85
C LYS B 262 -34.02 -4.23 -25.57
N LYS B 263 -35.34 -4.09 -25.75
CA LYS B 263 -36.11 -5.11 -26.46
C LYS B 263 -35.65 -5.23 -27.91
N ASN B 264 -35.82 -4.17 -28.69
CA ASN B 264 -35.26 -4.11 -30.03
C ASN B 264 -33.77 -3.83 -29.90
N VAL B 265 -32.95 -4.86 -30.10
CA VAL B 265 -31.53 -4.81 -29.72
C VAL B 265 -30.84 -3.58 -30.29
N TRP B 266 -30.33 -2.74 -29.40
CA TRP B 266 -29.64 -1.51 -29.80
C TRP B 266 -28.12 -1.66 -29.74
N LEU B 267 -27.62 -2.55 -28.89
CA LEU B 267 -26.20 -2.83 -28.77
C LEU B 267 -25.98 -4.28 -29.18
N ASP B 268 -25.41 -4.49 -30.37
CA ASP B 268 -25.24 -5.86 -30.86
C ASP B 268 -23.98 -5.94 -31.72
N ARG B 269 -22.85 -6.25 -31.08
CA ARG B 269 -21.68 -6.80 -31.75
C ARG B 269 -21.03 -5.80 -32.70
N GLY B 270 -21.66 -4.65 -32.89
CA GLY B 270 -21.10 -3.63 -33.77
C GLY B 270 -20.81 -2.37 -33.01
N THR B 271 -21.42 -2.24 -31.83
CA THR B 271 -21.21 -1.07 -30.98
C THR B 271 -19.76 -0.99 -30.53
N ARG B 272 -19.19 0.21 -30.60
CA ARG B 272 -17.83 0.43 -30.15
C ARG B 272 -17.71 1.43 -29.01
N ALA B 273 -18.72 2.27 -28.78
CA ALA B 273 -18.70 3.22 -27.68
C ALA B 273 -20.12 3.63 -27.36
N THR B 274 -20.32 4.14 -26.15
CA THR B 274 -21.61 4.64 -25.71
C THR B 274 -21.40 5.79 -24.75
N PHE B 275 -22.07 6.92 -25.02
CA PHE B 275 -21.92 8.11 -24.21
C PHE B 275 -23.24 8.43 -23.50
N ILE B 276 -23.13 8.88 -22.25
CA ILE B 276 -24.26 9.39 -21.49
C ILE B 276 -23.89 10.77 -20.98
N ASP B 277 -24.70 11.76 -21.32
CA ASP B 277 -24.41 13.15 -20.99
C ASP B 277 -25.61 13.81 -20.33
N PHE B 278 -25.35 14.60 -19.30
CA PHE B 278 -26.35 15.43 -18.63
C PHE B 278 -25.61 16.46 -17.80
N SER B 279 -26.36 17.38 -17.21
CA SER B 279 -25.74 18.43 -16.41
C SER B 279 -26.73 18.91 -15.36
N VAL B 280 -26.19 19.34 -14.22
CA VAL B 280 -26.98 19.83 -13.10
C VAL B 280 -26.46 21.20 -12.70
N TYR B 281 -27.29 21.94 -11.95
CA TYR B 281 -26.94 23.28 -11.51
C TYR B 281 -27.33 23.45 -10.05
N ASN B 282 -26.34 23.59 -9.18
CA ASN B 282 -26.57 23.86 -7.77
C ASN B 282 -26.85 25.35 -7.58
N ALA B 283 -27.92 25.67 -6.86
CA ALA B 283 -28.34 27.06 -6.70
C ALA B 283 -27.76 27.73 -5.46
N ASN B 284 -27.44 26.96 -4.41
CA ASN B 284 -26.87 27.56 -3.21
C ASN B 284 -25.52 28.20 -3.51
N ILE B 285 -24.69 27.54 -4.29
CA ILE B 285 -23.48 28.12 -4.87
C ILE B 285 -23.59 27.95 -6.38
N ASN B 286 -23.55 29.05 -7.12
CA ASN B 286 -23.84 28.97 -8.54
C ASN B 286 -22.72 28.25 -9.29
N LEU B 287 -22.91 26.96 -9.53
CA LEU B 287 -21.95 26.14 -10.25
C LEU B 287 -22.68 25.09 -11.05
N PHE B 288 -22.34 24.96 -12.32
CA PHE B 288 -22.81 23.88 -13.14
C PHE B 288 -21.84 22.72 -13.06
N CYS B 289 -22.36 21.50 -13.26
CA CYS B 289 -21.53 20.30 -13.30
C CYS B 289 -21.91 19.53 -14.56
N VAL B 290 -20.92 19.21 -15.38
CA VAL B 290 -21.12 18.50 -16.64
C VAL B 290 -20.63 17.06 -16.47
N VAL B 291 -21.51 16.10 -16.73
CA VAL B 291 -21.21 14.69 -16.56
C VAL B 291 -21.24 14.02 -17.93
N ARG B 292 -20.20 13.25 -18.23
CA ARG B 292 -20.11 12.54 -19.51
C ARG B 292 -19.56 11.13 -19.23
N LEU B 293 -20.46 10.19 -19.01
CA LEU B 293 -20.06 8.80 -18.81
C LEU B 293 -19.82 8.12 -20.15
N LEU B 294 -18.72 7.37 -20.23
CA LEU B 294 -18.33 6.72 -21.47
C LEU B 294 -18.02 5.25 -21.20
N VAL B 295 -18.57 4.38 -22.04
CA VAL B 295 -18.31 2.94 -21.99
C VAL B 295 -17.81 2.51 -23.35
N GLU B 296 -16.63 1.91 -23.39
CA GLU B 296 -16.01 1.48 -24.63
C GLU B 296 -16.10 -0.03 -24.78
N PHE B 297 -16.51 -0.48 -25.96
CA PHE B 297 -16.62 -1.89 -26.28
C PHE B 297 -15.49 -2.27 -27.22
N PRO B 298 -14.43 -2.92 -26.73
CA PRO B 298 -13.32 -3.26 -27.61
C PRO B 298 -13.72 -4.35 -28.61
N ALA B 299 -12.89 -4.49 -29.64
CA ALA B 299 -13.11 -5.54 -30.63
C ALA B 299 -12.89 -6.93 -30.07
N THR B 300 -12.32 -7.04 -28.86
CA THR B 300 -12.07 -8.31 -28.20
C THR B 300 -13.20 -8.74 -27.29
N GLY B 301 -13.84 -7.82 -26.60
CA GLY B 301 -14.94 -8.12 -25.71
C GLY B 301 -14.85 -7.30 -24.43
N GLY B 302 -15.93 -7.35 -23.66
CA GLY B 302 -15.97 -6.62 -22.41
C GLY B 302 -16.26 -5.14 -22.61
N VAL B 303 -16.11 -4.39 -21.52
CA VAL B 303 -16.36 -2.95 -21.50
C VAL B 303 -15.26 -2.26 -20.72
N ILE B 304 -15.09 -0.97 -20.97
CA ILE B 304 -14.12 -0.12 -20.26
C ILE B 304 -14.78 1.20 -19.93
N PRO B 305 -15.06 1.49 -18.66
CA PRO B 305 -15.81 2.72 -18.32
C PRO B 305 -14.92 3.93 -18.02
N SER B 306 -15.50 5.13 -18.13
CA SER B 306 -14.84 6.38 -17.80
C SER B 306 -15.91 7.42 -17.47
N TRP B 307 -15.61 8.33 -16.55
CA TRP B 307 -16.65 9.21 -16.01
C TRP B 307 -16.46 10.70 -16.31
N GLN B 308 -15.32 11.28 -15.95
CA GLN B 308 -15.00 12.68 -16.31
C GLN B 308 -16.08 13.65 -15.81
N PHE B 309 -16.14 13.78 -14.48
CA PHE B 309 -16.96 14.80 -13.86
C PHE B 309 -16.23 16.14 -13.88
N GLN B 310 -16.98 17.22 -14.12
CA GLN B 310 -16.34 18.52 -14.26
C GLN B 310 -17.26 19.66 -13.83
N PRO B 311 -16.89 20.42 -12.80
CA PRO B 311 -17.69 21.59 -12.40
C PRO B 311 -17.36 22.82 -13.24
N LEU B 312 -18.40 23.63 -13.44
CA LEU B 312 -18.32 24.77 -14.35
C LEU B 312 -19.02 25.96 -13.73
N LYS B 313 -18.57 27.16 -14.10
CA LYS B 313 -19.12 28.41 -13.58
C LYS B 313 -19.41 29.35 -14.75
N LEU B 314 -20.69 29.53 -15.06
CA LEU B 314 -21.11 30.36 -16.18
C LEU B 314 -21.60 31.75 -15.74
N ILE B 315 -22.59 31.79 -14.86
CA ILE B 315 -23.19 33.05 -14.47
C ILE B 315 -22.29 33.77 -13.48
N ARG B 316 -21.68 34.86 -13.92
CA ARG B 316 -20.80 35.67 -13.10
C ARG B 316 -21.42 37.04 -12.85
N TYR B 317 -20.64 37.91 -12.19
CA TYR B 317 -21.08 39.24 -11.79
C TYR B 317 -22.33 39.17 -10.91
N VAL B 318 -22.20 38.41 -9.82
CA VAL B 318 -23.27 38.26 -8.85
C VAL B 318 -23.03 39.07 -7.58
N THR B 319 -21.82 39.11 -7.05
CA THR B 319 -21.48 39.87 -5.86
C THR B 319 -20.36 40.85 -6.20
N THR B 320 -20.01 41.70 -5.23
CA THR B 320 -18.95 42.67 -5.44
C THR B 320 -17.61 41.99 -5.68
N PHE B 321 -17.43 40.78 -5.14
CA PHE B 321 -16.20 40.04 -5.34
C PHE B 321 -15.96 39.75 -6.82
N ASP B 322 -17.04 39.49 -7.56
CA ASP B 322 -16.92 39.24 -8.99
C ASP B 322 -16.44 40.49 -9.73
N PHE B 323 -16.97 41.66 -9.37
CA PHE B 323 -16.50 42.89 -10.00
C PHE B 323 -15.06 43.18 -9.63
N PHE B 324 -14.66 42.85 -8.39
CA PHE B 324 -13.27 42.99 -8.00
C PHE B 324 -12.38 42.10 -8.86
N LEU B 325 -12.82 40.86 -9.11
CA LEU B 325 -12.07 39.97 -9.98
C LEU B 325 -11.99 40.49 -11.40
N ALA B 326 -13.06 41.09 -11.90
CA ALA B 326 -13.04 41.68 -13.24
C ALA B 326 -12.03 42.82 -13.32
N ALA B 327 -12.00 43.67 -12.29
CA ALA B 327 -11.01 44.74 -12.24
C ALA B 327 -9.59 44.18 -12.19
N CYS B 328 -9.40 43.09 -11.44
CA CYS B 328 -8.10 42.43 -11.40
C CYS B 328 -7.70 41.90 -12.77
N GLU B 329 -8.66 41.34 -13.50
CA GLU B 329 -8.38 40.86 -14.86
C GLU B 329 -7.95 42.01 -15.76
N ILE B 330 -8.64 43.15 -15.66
CA ILE B 330 -8.30 44.29 -16.50
C ILE B 330 -6.90 44.81 -16.18
N ILE B 331 -6.59 44.95 -14.90
CA ILE B 331 -5.27 45.46 -14.53
C ILE B 331 -4.18 44.45 -14.90
N PHE B 332 -4.48 43.15 -14.83
CA PHE B 332 -3.51 42.15 -15.27
C PHE B 332 -3.25 42.26 -16.77
N CYS B 333 -4.31 42.51 -17.56
CA CYS B 333 -4.11 42.74 -18.98
C CYS B 333 -3.23 43.97 -19.22
N PHE B 334 -3.45 45.04 -18.47
CA PHE B 334 -2.59 46.22 -18.59
C PHE B 334 -1.15 45.89 -18.22
N PHE B 335 -0.96 45.11 -17.16
CA PHE B 335 0.38 44.73 -16.72
C PHE B 335 1.12 43.98 -17.81
N ILE B 336 0.46 42.98 -18.40
CA ILE B 336 1.15 42.18 -19.41
C ILE B 336 1.35 42.99 -20.69
N PHE B 337 0.46 43.93 -21.00
CA PHE B 337 0.71 44.82 -22.13
C PHE B 337 1.96 45.67 -21.89
N TYR B 338 2.11 46.20 -20.67
CA TYR B 338 3.31 46.96 -20.35
C TYR B 338 4.55 46.09 -20.44
N TYR B 339 4.47 44.86 -19.93
CA TYR B 339 5.61 43.95 -20.01
C TYR B 339 6.01 43.66 -21.45
N VAL B 340 5.02 43.38 -22.30
CA VAL B 340 5.34 43.03 -23.68
C VAL B 340 5.90 44.23 -24.44
N VAL B 341 5.37 45.43 -24.18
CA VAL B 341 5.91 46.60 -24.88
C VAL B 341 7.33 46.89 -24.41
N GLU B 342 7.61 46.72 -23.12
CA GLU B 342 8.97 46.92 -22.64
C GLU B 342 9.91 45.88 -23.23
N GLU B 343 9.46 44.62 -23.32
CA GLU B 343 10.29 43.57 -23.88
C GLU B 343 10.58 43.83 -25.35
N ILE B 344 9.59 44.30 -26.10
CA ILE B 344 9.79 44.53 -27.53
C ILE B 344 10.66 45.76 -27.76
N LEU B 345 10.58 46.77 -26.88
CA LEU B 345 11.50 47.90 -27.04
C LEU B 345 12.91 47.56 -26.56
N GLU B 346 13.07 46.52 -25.74
CA GLU B 346 14.38 46.12 -25.27
C GLU B 346 15.07 45.12 -26.21
N ILE B 347 14.46 44.79 -27.34
CA ILE B 347 14.99 43.83 -28.28
C ILE B 347 15.20 44.45 -29.66
N ARG B 348 14.95 45.77 -29.80
CA ARG B 348 14.90 46.41 -31.11
C ARG B 348 16.21 46.28 -31.87
N ILE B 349 17.27 46.90 -31.36
CA ILE B 349 18.58 46.80 -32.00
C ILE B 349 19.61 46.35 -30.98
N HIS B 350 19.65 47.01 -29.82
CA HIS B 350 20.55 46.66 -28.74
C HIS B 350 20.24 45.27 -28.20
N LYS B 351 21.30 44.53 -27.85
CA LYS B 351 21.19 43.13 -27.44
C LYS B 351 20.53 42.28 -28.52
N LEU B 352 21.19 42.13 -29.66
CA LEU B 352 20.75 41.14 -30.64
C LEU B 352 20.97 39.72 -30.14
N HIS B 353 21.85 39.52 -29.16
CA HIS B 353 22.02 38.26 -28.46
C HIS B 353 21.17 38.16 -27.21
N TYR B 354 20.00 38.82 -27.22
CA TYR B 354 19.20 39.02 -26.03
C TYR B 354 18.82 37.69 -25.38
N PHE B 355 18.70 36.63 -26.17
CA PHE B 355 18.24 35.33 -25.68
C PHE B 355 19.39 34.56 -25.03
N ARG B 356 19.81 35.04 -23.87
CA ARG B 356 20.86 34.38 -23.11
C ARG B 356 20.61 34.62 -21.62
N SER B 357 21.44 33.97 -20.79
CA SER B 357 21.37 34.00 -19.33
C SER B 357 20.11 33.28 -18.83
N PHE B 358 19.27 32.86 -19.77
CA PHE B 358 18.07 32.04 -19.55
C PHE B 358 16.97 32.82 -18.85
N TRP B 359 17.31 33.93 -18.20
CA TRP B 359 16.28 34.72 -17.54
C TRP B 359 15.39 35.38 -18.58
N ASN B 360 16.01 36.00 -19.58
CA ASN B 360 15.27 36.45 -20.74
C ASN B 360 14.54 35.29 -21.40
N CYS B 361 15.18 34.12 -21.42
CA CYS B 361 14.53 32.95 -22.03
C CYS B 361 13.21 32.64 -21.35
N LEU B 362 13.03 33.11 -20.12
CA LEU B 362 11.75 32.96 -19.45
C LEU B 362 10.81 34.13 -19.71
N ASP B 363 11.31 35.37 -19.67
CA ASP B 363 10.37 36.48 -19.51
C ASP B 363 9.55 36.75 -20.77
N VAL B 364 9.98 36.27 -21.93
CA VAL B 364 9.13 36.32 -23.11
C VAL B 364 8.06 35.23 -23.04
N VAL B 365 8.47 34.01 -22.65
CA VAL B 365 7.52 32.89 -22.61
C VAL B 365 6.31 33.26 -21.77
N ILE B 366 6.55 33.89 -20.61
CA ILE B 366 5.48 34.35 -19.76
C ILE B 366 4.42 35.07 -20.58
N VAL B 367 4.82 36.18 -21.22
CA VAL B 367 3.83 37.01 -21.87
C VAL B 367 3.14 36.22 -22.98
N VAL B 368 3.90 35.35 -23.65
CA VAL B 368 3.31 34.49 -24.66
C VAL B 368 2.14 33.73 -24.06
N LEU B 369 2.41 32.92 -23.03
CA LEU B 369 1.34 32.18 -22.37
C LEU B 369 0.24 33.13 -21.93
N SER B 370 0.64 34.30 -21.41
CA SER B 370 -0.34 35.26 -20.92
C SER B 370 -1.35 35.60 -22.00
N VAL B 371 -0.87 35.97 -23.19
CA VAL B 371 -1.81 36.40 -24.22
C VAL B 371 -2.69 35.24 -24.63
N VAL B 372 -2.14 34.02 -24.64
CA VAL B 372 -2.94 32.84 -24.96
C VAL B 372 -4.12 32.76 -24.00
N ALA B 373 -3.86 32.96 -22.71
CA ALA B 373 -4.92 32.94 -21.72
C ALA B 373 -6.04 33.90 -22.13
N ILE B 374 -5.68 35.14 -22.48
CA ILE B 374 -6.69 36.12 -22.85
C ILE B 374 -7.54 35.59 -23.97
N GLY B 375 -6.90 35.00 -24.98
CA GLY B 375 -7.63 34.41 -26.09
C GLY B 375 -8.73 33.52 -25.56
N ILE B 376 -8.35 32.51 -24.77
CA ILE B 376 -9.34 31.62 -24.20
C ILE B 376 -10.31 32.39 -23.33
N ASN B 377 -9.79 33.29 -22.50
CA ASN B 377 -10.65 34.03 -21.58
C ASN B 377 -11.61 34.92 -22.34
N ILE B 378 -11.28 35.28 -23.59
CA ILE B 378 -12.22 36.04 -24.41
C ILE B 378 -13.07 35.13 -25.28
N TYR B 379 -12.55 33.96 -25.65
CA TYR B 379 -13.28 33.08 -26.55
C TYR B 379 -14.35 32.26 -25.85
N ARG B 380 -14.31 32.19 -24.52
CA ARG B 380 -15.26 31.37 -23.77
C ARG B 380 -16.25 32.19 -22.96
N THR B 381 -16.00 33.48 -22.74
CA THR B 381 -16.93 34.29 -21.96
C THR B 381 -17.91 35.02 -22.86
N SER B 382 -17.54 35.26 -24.12
CA SER B 382 -18.40 35.99 -25.05
C SER B 382 -19.34 35.09 -25.83
N ASN B 383 -19.25 33.77 -25.64
CA ASN B 383 -20.11 32.82 -26.34
C ASN B 383 -20.90 31.98 -25.34
N VAL B 384 -21.38 32.60 -24.27
CA VAL B 384 -22.14 31.89 -23.24
C VAL B 384 -23.62 32.01 -23.52
N GLU B 385 -24.09 33.24 -23.75
CA GLU B 385 -25.51 33.46 -24.01
C GLU B 385 -25.99 32.80 -25.29
N VAL B 386 -25.15 32.77 -26.33
CA VAL B 386 -25.51 32.05 -27.55
C VAL B 386 -25.70 30.56 -27.28
N LEU B 387 -25.18 30.07 -26.16
CA LEU B 387 -25.34 28.68 -25.77
C LEU B 387 -26.16 28.50 -24.50
N LEU B 388 -26.30 29.53 -23.67
CA LEU B 388 -27.17 29.48 -22.49
C LEU B 388 -28.62 29.79 -22.84
N GLN B 389 -28.93 30.04 -24.11
CA GLN B 389 -30.30 30.24 -24.56
C GLN B 389 -31.22 29.08 -24.19
N PHE B 390 -30.65 27.97 -23.69
CA PHE B 390 -31.43 26.94 -23.03
C PHE B 390 -32.44 27.50 -22.04
N LEU B 391 -32.16 28.67 -21.46
CA LEU B 391 -33.08 29.26 -20.49
C LEU B 391 -34.45 29.51 -21.09
N GLU B 392 -34.53 29.76 -22.41
CA GLU B 392 -35.83 30.01 -23.01
C GLU B 392 -36.61 28.73 -23.28
N ASP B 393 -35.95 27.57 -23.28
CA ASP B 393 -36.61 26.29 -23.52
C ASP B 393 -35.98 25.24 -22.62
N GLN B 394 -36.62 24.95 -21.50
CA GLN B 394 -36.13 23.93 -20.56
C GLN B 394 -36.73 22.55 -20.87
N ASN B 395 -36.64 22.13 -22.14
CA ASN B 395 -37.16 20.82 -22.52
C ASN B 395 -36.25 20.13 -23.53
N THR B 396 -35.02 20.60 -23.69
CA THR B 396 -34.09 20.00 -24.64
C THR B 396 -32.79 19.62 -23.95
N PHE B 397 -31.80 19.19 -24.72
CA PHE B 397 -30.51 18.81 -24.16
C PHE B 397 -29.53 19.97 -24.31
N PRO B 398 -29.04 20.53 -23.21
CA PRO B 398 -28.08 21.64 -23.33
C PRO B 398 -26.66 21.16 -23.55
N ASN B 399 -26.02 21.65 -24.62
CA ASN B 399 -24.65 21.28 -24.95
C ASN B 399 -23.69 22.13 -24.12
N PHE B 400 -22.96 21.49 -23.21
CA PHE B 400 -21.98 22.19 -22.38
C PHE B 400 -20.58 21.62 -22.53
N GLU B 401 -20.34 20.73 -23.51
CA GLU B 401 -19.04 20.10 -23.64
C GLU B 401 -17.95 21.11 -23.99
N HIS B 402 -18.26 22.04 -24.91
CA HIS B 402 -17.25 23.01 -25.34
C HIS B 402 -16.83 23.91 -24.20
N LEU B 403 -17.79 24.36 -23.39
CA LEU B 403 -17.47 25.23 -22.27
C LEU B 403 -16.57 24.51 -21.26
N ALA B 404 -16.86 23.25 -20.97
CA ALA B 404 -16.02 22.48 -20.06
C ALA B 404 -14.62 22.29 -20.62
N TYR B 405 -14.53 21.98 -21.92
CA TYR B 405 -13.22 21.78 -22.55
C TYR B 405 -12.38 23.05 -22.45
N TRP B 406 -12.97 24.20 -22.77
CA TRP B 406 -12.21 25.43 -22.73
C TRP B 406 -11.90 25.86 -21.30
N GLN B 407 -12.78 25.54 -20.35
CA GLN B 407 -12.47 25.79 -18.95
C GLN B 407 -11.25 24.98 -18.51
N ILE B 408 -11.18 23.71 -18.91
CA ILE B 408 -10.02 22.89 -18.57
C ILE B 408 -8.76 23.46 -19.19
N GLN B 409 -8.83 23.85 -20.46
CA GLN B 409 -7.65 24.43 -21.11
C GLN B 409 -7.19 25.70 -20.40
N PHE B 410 -8.14 26.57 -20.04
CA PHE B 410 -7.78 27.80 -19.35
C PHE B 410 -7.16 27.50 -17.99
N ASN B 411 -7.69 26.50 -17.27
CA ASN B 411 -7.13 26.14 -15.98
C ASN B 411 -5.67 25.69 -16.12
N ASN B 412 -5.42 24.82 -17.10
CA ASN B 412 -4.05 24.34 -17.31
C ASN B 412 -3.11 25.49 -17.65
N ILE B 413 -3.54 26.36 -18.57
CA ILE B 413 -2.69 27.47 -18.99
C ILE B 413 -2.38 28.39 -17.81
N ALA B 414 -3.41 28.72 -17.03
CA ALA B 414 -3.20 29.62 -15.89
C ALA B 414 -2.27 29.01 -14.86
N ALA B 415 -2.42 27.72 -14.58
CA ALA B 415 -1.54 27.07 -13.63
C ALA B 415 -0.09 27.11 -14.11
N VAL B 416 0.13 26.83 -15.40
CA VAL B 416 1.50 26.86 -15.91
C VAL B 416 2.08 28.27 -15.81
N THR B 417 1.28 29.28 -16.16
CA THR B 417 1.78 30.66 -16.10
C THR B 417 2.14 31.06 -14.68
N VAL B 418 1.29 30.71 -13.70
CA VAL B 418 1.61 31.12 -12.34
C VAL B 418 2.83 30.37 -11.82
N PHE B 419 3.01 29.10 -12.21
CA PHE B 419 4.21 28.37 -11.81
C PHE B 419 5.47 29.06 -12.35
N PHE B 420 5.45 29.43 -13.63
CA PHE B 420 6.62 30.09 -14.22
C PHE B 420 6.86 31.47 -13.61
N VAL B 421 5.79 32.21 -13.36
CA VAL B 421 5.93 33.52 -12.72
C VAL B 421 6.55 33.38 -11.35
N TRP B 422 6.13 32.36 -10.59
CA TRP B 422 6.68 32.14 -9.25
C TRP B 422 8.15 31.80 -9.32
N ILE B 423 8.54 30.91 -10.24
CA ILE B 423 9.95 30.54 -10.28
C ILE B 423 10.81 31.66 -10.86
N LYS B 424 10.20 32.63 -11.55
CA LYS B 424 10.98 33.77 -12.02
C LYS B 424 11.42 34.72 -10.87
N LEU B 425 11.11 34.39 -9.61
CA LEU B 425 11.42 35.30 -8.51
C LEU B 425 12.92 35.36 -8.23
N PHE B 426 13.68 34.35 -8.67
CA PHE B 426 15.10 34.31 -8.35
C PHE B 426 15.86 35.48 -8.97
N LYS B 427 15.30 36.11 -10.00
CA LYS B 427 16.02 37.13 -10.76
C LYS B 427 16.47 38.28 -9.86
N PHE B 428 15.77 38.50 -8.75
CA PHE B 428 16.04 39.62 -7.87
C PHE B 428 16.91 39.25 -6.67
N ILE B 429 16.68 38.08 -6.08
CA ILE B 429 17.45 37.68 -4.90
C ILE B 429 18.92 37.47 -5.20
N ASN B 430 19.29 37.25 -6.46
CA ASN B 430 20.69 37.07 -6.79
C ASN B 430 21.47 38.38 -6.78
N PHE B 431 20.76 39.51 -6.86
CA PHE B 431 21.46 40.80 -6.89
C PHE B 431 22.24 41.06 -5.60
N ASN B 432 21.87 40.40 -4.52
CA ASN B 432 22.59 40.51 -3.26
C ASN B 432 23.81 39.60 -3.30
N ARG B 433 24.45 39.40 -2.14
CA ARG B 433 25.68 38.60 -2.05
C ARG B 433 25.43 37.11 -2.31
N THR B 434 24.22 36.73 -2.71
CA THR B 434 23.91 35.36 -3.07
C THR B 434 24.39 35.00 -4.47
N MET B 435 24.81 36.00 -5.26
CA MET B 435 25.21 35.73 -6.64
C MET B 435 26.40 34.80 -6.74
N SER B 436 27.23 34.72 -5.69
CA SER B 436 28.37 33.83 -5.67
C SER B 436 28.00 32.40 -5.29
N GLN B 437 26.73 32.15 -4.93
CA GLN B 437 26.29 30.84 -4.49
C GLN B 437 25.67 30.01 -5.61
N LEU B 438 25.23 30.69 -6.67
CA LEU B 438 24.57 30.04 -7.78
C LEU B 438 25.18 30.46 -9.09
N SER B 439 26.02 31.49 -9.06
CA SER B 439 26.67 31.92 -10.28
C SER B 439 27.54 30.74 -10.63
N THR B 440 28.38 30.38 -9.66
CA THR B 440 29.29 29.26 -9.80
C THR B 440 28.55 28.01 -10.25
N THR B 441 27.52 27.61 -9.52
CA THR B 441 26.76 26.41 -9.86
C THR B 441 26.08 26.40 -11.23
N MET B 442 25.57 27.55 -11.66
CA MET B 442 24.88 27.65 -12.96
C MET B 442 25.82 27.95 -14.11
N SER B 443 27.11 28.11 -13.79
CA SER B 443 28.16 28.00 -14.79
C SER B 443 28.99 26.73 -14.64
N ARG B 444 28.63 25.86 -13.69
CA ARG B 444 29.39 24.62 -13.48
C ARG B 444 28.68 23.35 -13.91
N CYS B 445 27.66 22.93 -13.17
CA CYS B 445 27.02 21.69 -13.53
C CYS B 445 26.36 21.75 -14.91
N ALA B 446 26.59 22.82 -15.66
CA ALA B 446 25.95 22.96 -16.97
C ALA B 446 26.37 21.84 -17.90
N LYS B 447 27.66 21.50 -17.91
CA LYS B 447 28.19 20.39 -18.70
C LYS B 447 28.67 19.25 -17.83
N ASP B 448 28.32 19.25 -16.55
CA ASP B 448 28.70 18.16 -15.64
C ASP B 448 27.52 17.22 -15.37
N LEU B 449 26.40 17.76 -14.89
CA LEU B 449 25.21 16.94 -14.74
C LEU B 449 24.56 16.66 -16.08
N PHE B 450 24.50 17.66 -16.95
CA PHE B 450 23.88 17.45 -18.26
C PHE B 450 24.80 16.78 -19.25
N GLY B 451 26.04 16.48 -18.86
CA GLY B 451 26.94 15.75 -19.73
C GLY B 451 27.19 14.34 -19.24
N PHE B 452 27.13 14.14 -17.93
CA PHE B 452 27.34 12.82 -17.36
C PHE B 452 26.08 11.97 -17.30
N ALA B 453 24.91 12.57 -17.58
CA ALA B 453 23.64 11.87 -17.45
C ALA B 453 23.17 11.21 -18.73
N ILE B 454 23.96 11.27 -19.80
CA ILE B 454 23.57 10.59 -21.03
C ILE B 454 23.52 9.07 -20.83
N MET B 455 24.49 8.51 -20.11
CA MET B 455 24.49 7.07 -19.87
C MET B 455 23.28 6.62 -19.07
N PRO B 456 22.94 7.23 -17.93
CA PRO B 456 21.70 6.82 -17.24
C PRO B 456 20.45 7.04 -18.08
N PHE B 457 20.42 8.11 -18.88
CA PHE B 457 19.26 8.36 -19.71
C PHE B 457 19.08 7.27 -20.76
N ILE B 458 20.18 6.78 -21.33
CA ILE B 458 20.08 5.70 -22.30
C ILE B 458 19.69 4.39 -21.62
N ILE B 459 20.28 4.09 -20.45
CA ILE B 459 19.97 2.85 -19.76
C ILE B 459 18.52 2.82 -19.32
N PHE B 460 17.99 3.97 -18.91
CA PHE B 460 16.60 4.06 -18.49
C PHE B 460 15.66 3.69 -19.63
N LEU B 461 15.90 4.25 -20.82
CA LEU B 461 15.05 3.95 -21.95
C LEU B 461 15.22 2.51 -22.42
N ALA B 462 16.44 1.97 -22.34
CA ALA B 462 16.64 0.58 -22.70
C ALA B 462 15.86 -0.35 -21.77
N TYR B 463 15.90 -0.07 -20.46
CA TYR B 463 15.13 -0.87 -19.52
C TYR B 463 13.62 -0.72 -19.75
N ALA B 464 13.18 0.49 -20.09
CA ALA B 464 11.76 0.68 -20.38
C ALA B 464 11.34 -0.13 -21.60
N GLN B 465 12.17 -0.14 -22.64
CA GLN B 465 11.88 -0.93 -23.83
C GLN B 465 11.82 -2.41 -23.49
N LEU B 466 12.78 -2.89 -22.69
CA LEU B 466 12.81 -4.29 -22.30
C LEU B 466 11.56 -4.67 -21.50
N ALA B 467 11.16 -3.81 -20.55
CA ALA B 467 9.98 -4.09 -19.75
C ALA B 467 8.72 -4.08 -20.60
N TYR B 468 8.61 -3.13 -21.54
CA TYR B 468 7.44 -3.08 -22.41
C TYR B 468 7.36 -4.31 -23.30
N LEU B 469 8.50 -4.82 -23.76
CA LEU B 469 8.47 -6.00 -24.62
C LEU B 469 8.19 -7.27 -23.83
N VAL B 470 8.78 -7.42 -22.65
CA VAL B 470 8.57 -8.63 -21.85
C VAL B 470 7.17 -8.62 -21.24
N PHE B 471 6.89 -7.62 -20.41
CA PHE B 471 5.57 -7.44 -19.82
C PHE B 471 4.69 -6.69 -20.82
N GLY B 472 3.57 -6.17 -20.38
CA GLY B 472 2.70 -5.37 -21.21
C GLY B 472 1.57 -6.13 -21.86
N THR B 473 1.64 -7.46 -21.86
CA THR B 473 0.53 -8.30 -22.26
C THR B 473 -0.17 -8.92 -21.07
N GLN B 474 0.37 -8.77 -19.86
CA GLN B 474 -0.17 -9.41 -18.67
C GLN B 474 -0.36 -8.40 -17.54
N VAL B 475 0.40 -7.31 -17.57
CA VAL B 475 0.41 -6.33 -16.49
C VAL B 475 -0.07 -5.00 -17.03
N ASP B 476 -1.04 -4.39 -16.34
CA ASP B 476 -1.60 -3.12 -16.78
C ASP B 476 -0.60 -1.97 -16.65
N ASP B 477 0.37 -2.08 -15.74
CA ASP B 477 1.33 -1.02 -15.52
C ASP B 477 2.43 -1.00 -16.56
N PHE B 478 2.48 -2.00 -17.44
CA PHE B 478 3.55 -2.08 -18.43
C PHE B 478 3.05 -2.12 -19.87
N SER B 479 1.75 -1.92 -20.09
CA SER B 479 1.24 -1.68 -21.43
C SER B 479 1.54 -0.23 -21.80
N THR B 480 1.08 0.20 -22.99
CA THR B 480 1.11 1.60 -23.42
C THR B 480 2.45 2.26 -23.09
N PHE B 481 3.49 1.89 -23.84
CA PHE B 481 4.91 2.02 -23.49
C PHE B 481 5.26 3.21 -22.61
N GLN B 482 4.71 4.39 -22.90
CA GLN B 482 5.03 5.56 -22.08
C GLN B 482 4.74 5.30 -20.61
N GLU B 483 3.66 4.57 -20.31
CA GLU B 483 3.34 4.28 -18.92
C GLU B 483 4.47 3.51 -18.23
N CYS B 484 5.13 2.62 -18.96
CA CYS B 484 6.28 1.92 -18.42
C CYS B 484 7.27 2.90 -17.82
N ILE B 485 7.55 3.99 -18.54
CA ILE B 485 8.42 5.05 -18.03
C ILE B 485 7.98 5.43 -16.62
N PHE B 486 6.72 5.83 -16.49
CA PHE B 486 6.22 6.26 -15.19
C PHE B 486 6.37 5.16 -14.15
N THR B 487 6.11 3.91 -14.55
CA THR B 487 6.23 2.81 -13.60
C THR B 487 7.64 2.74 -13.03
N GLN B 488 8.65 2.94 -13.87
CA GLN B 488 10.02 2.92 -13.38
C GLN B 488 10.25 4.03 -12.37
N PHE B 489 9.69 5.21 -12.62
CA PHE B 489 9.81 6.29 -11.65
C PHE B 489 9.22 5.89 -10.30
N ARG B 490 8.19 5.06 -10.31
CA ARG B 490 7.59 4.62 -9.06
C ARG B 490 8.33 3.44 -8.45
N ILE B 491 9.22 2.77 -9.20
CA ILE B 491 9.96 1.66 -8.63
C ILE B 491 11.14 2.16 -7.82
N ILE B 492 11.82 3.21 -8.31
CA ILE B 492 12.94 3.78 -7.58
C ILE B 492 12.48 4.36 -6.25
N LEU B 493 11.38 5.09 -6.26
CA LEU B 493 10.89 5.72 -5.05
C LEU B 493 10.43 4.69 -4.02
N GLY B 494 9.74 3.64 -4.47
CA GLY B 494 9.31 2.61 -3.56
C GLY B 494 7.89 2.13 -3.76
N ASP B 495 7.21 2.64 -4.78
CA ASP B 495 5.86 2.21 -5.11
C ASP B 495 5.97 0.99 -6.03
N ILE B 496 5.90 -0.20 -5.44
CA ILE B 496 6.16 -1.44 -6.15
C ILE B 496 4.96 -2.37 -6.01
N ASN B 497 4.70 -3.11 -7.08
CA ASN B 497 3.65 -4.11 -7.16
C ASN B 497 4.24 -5.45 -7.57
N PHE B 498 5.29 -5.86 -6.87
CA PHE B 498 6.14 -6.98 -7.28
C PHE B 498 5.38 -8.28 -7.46
N ALA B 499 4.24 -8.44 -6.80
CA ALA B 499 3.51 -9.71 -6.87
C ALA B 499 3.12 -10.04 -8.31
N GLU B 500 2.45 -9.09 -8.99
CA GLU B 500 1.99 -9.35 -10.34
C GLU B 500 3.15 -9.42 -11.33
N ILE B 501 4.21 -8.64 -11.11
CA ILE B 501 5.38 -8.71 -11.98
C ILE B 501 6.01 -10.10 -11.91
N GLU B 502 6.17 -10.62 -10.70
CA GLU B 502 6.75 -11.96 -10.54
C GLU B 502 5.81 -13.04 -11.05
N GLU B 503 4.49 -12.83 -10.90
CA GLU B 503 3.54 -13.82 -11.39
C GLU B 503 3.53 -13.89 -12.91
N ALA B 504 3.65 -12.74 -13.58
CA ALA B 504 3.59 -12.73 -15.04
C ALA B 504 4.74 -13.52 -15.66
N ASN B 505 5.95 -13.32 -15.15
CA ASN B 505 7.14 -14.04 -15.63
C ASN B 505 7.98 -14.40 -14.43
N ARG B 506 8.12 -15.69 -14.15
CA ARG B 506 8.78 -16.14 -12.93
C ARG B 506 10.29 -16.13 -13.04
N VAL B 507 10.86 -15.92 -14.22
CA VAL B 507 12.30 -15.88 -14.41
C VAL B 507 12.79 -14.49 -14.78
N LEU B 508 12.20 -13.89 -15.82
CA LEU B 508 12.64 -12.58 -16.26
C LEU B 508 12.20 -11.45 -15.35
N GLY B 509 11.10 -11.62 -14.62
CA GLY B 509 10.57 -10.59 -13.76
C GLY B 509 11.52 -10.18 -12.65
N PRO B 510 11.85 -11.12 -11.76
CA PRO B 510 12.82 -10.80 -10.70
C PRO B 510 14.18 -10.36 -11.23
N ILE B 511 14.64 -10.97 -12.32
CA ILE B 511 15.91 -10.57 -12.91
C ILE B 511 15.87 -9.10 -13.31
N TYR B 512 14.82 -8.72 -14.03
CA TYR B 512 14.66 -7.33 -14.45
C TYR B 512 14.61 -6.40 -13.24
N PHE B 513 13.82 -6.76 -12.23
CA PHE B 513 13.66 -5.90 -11.06
C PHE B 513 14.99 -5.68 -10.36
N THR B 514 15.68 -6.76 -10.01
CA THR B 514 16.93 -6.63 -9.27
C THR B 514 18.00 -5.92 -10.08
N THR B 515 18.16 -6.30 -11.36
CA THR B 515 19.19 -5.67 -12.18
C THR B 515 18.92 -4.18 -12.35
N PHE B 516 17.65 -3.80 -12.55
CA PHE B 516 17.31 -2.40 -12.70
C PHE B 516 17.64 -1.62 -11.44
N VAL B 517 17.14 -2.09 -10.29
CA VAL B 517 17.33 -1.34 -9.06
C VAL B 517 18.79 -1.34 -8.62
N PHE B 518 19.59 -2.29 -9.08
CA PHE B 518 21.01 -2.27 -8.74
C PHE B 518 21.79 -1.36 -9.67
N PHE B 519 21.56 -1.48 -10.98
CA PHE B 519 22.32 -0.70 -11.95
C PHE B 519 22.02 0.78 -11.85
N MET B 520 20.77 1.15 -11.58
CA MET B 520 20.44 2.56 -11.45
C MET B 520 21.29 3.23 -10.37
N PHE B 521 21.28 2.64 -9.17
CA PHE B 521 22.05 3.22 -8.07
C PHE B 521 23.55 3.13 -8.33
N PHE B 522 24.00 2.04 -8.95
CA PHE B 522 25.43 1.91 -9.26
C PHE B 522 25.90 3.04 -10.17
N ILE B 523 25.15 3.29 -11.25
CA ILE B 523 25.58 4.33 -12.19
C ILE B 523 25.40 5.72 -11.58
N LEU B 524 24.41 5.91 -10.70
CA LEU B 524 24.29 7.20 -10.02
C LEU B 524 25.52 7.45 -9.14
N LEU B 525 25.96 6.44 -8.40
CA LEU B 525 27.15 6.61 -7.58
C LEU B 525 28.39 6.86 -8.43
N ASN B 526 28.53 6.14 -9.55
CA ASN B 526 29.66 6.42 -10.44
C ASN B 526 29.61 7.84 -10.97
N MET B 527 28.42 8.33 -11.34
CA MET B 527 28.28 9.70 -11.79
C MET B 527 28.80 10.67 -10.72
N PHE B 528 28.30 10.52 -9.50
CA PHE B 528 28.61 11.50 -8.46
C PHE B 528 30.09 11.45 -8.10
N LEU B 529 30.65 10.25 -8.00
CA LEU B 529 32.08 10.09 -7.73
C LEU B 529 32.91 10.69 -8.84
N ALA B 530 32.50 10.51 -10.10
CA ALA B 530 33.25 11.07 -11.21
C ALA B 530 33.21 12.59 -11.18
N ILE B 531 32.08 13.17 -10.80
CA ILE B 531 32.00 14.63 -10.69
C ILE B 531 32.96 15.12 -9.60
N ILE B 532 32.96 14.45 -8.46
CA ILE B 532 33.83 14.83 -7.36
C ILE B 532 35.29 14.77 -7.78
N ASN B 533 35.73 13.60 -8.23
CA ASN B 533 37.10 13.40 -8.67
C ASN B 533 37.50 14.41 -9.72
N ASP B 534 36.64 14.61 -10.72
CA ASP B 534 36.93 15.55 -11.79
C ASP B 534 37.07 16.97 -11.26
N THR B 535 36.11 17.38 -10.42
CA THR B 535 36.13 18.72 -9.84
C THR B 535 37.42 18.98 -9.09
N TYR B 536 37.70 18.15 -8.09
CA TYR B 536 38.90 18.29 -7.28
C TYR B 536 40.14 18.32 -8.15
N SER B 537 40.29 17.31 -9.01
CA SER B 537 41.44 17.22 -9.90
C SER B 537 41.56 18.47 -10.76
N GLU B 538 40.44 18.90 -11.34
CA GLU B 538 40.41 20.08 -12.19
C GLU B 538 40.95 21.31 -11.45
N VAL B 539 40.44 21.52 -10.23
CA VAL B 539 40.85 22.67 -9.43
C VAL B 539 41.91 22.30 -8.39
N LYS B 540 42.81 21.38 -8.76
CA LYS B 540 43.87 20.95 -7.86
C LYS B 540 45.03 21.93 -7.90
CA LYS C 67 39.48 7.76 -43.86
C LYS C 67 39.05 7.18 -42.52
N TYR C 68 39.83 7.47 -41.48
CA TYR C 68 39.52 7.02 -40.13
C TYR C 68 38.15 7.53 -39.69
N LEU C 69 37.94 8.84 -39.83
CA LEU C 69 36.62 9.40 -39.54
C LEU C 69 35.58 8.84 -40.50
N LYS C 70 35.96 8.63 -41.77
CA LYS C 70 35.03 8.02 -42.71
C LYS C 70 34.69 6.60 -42.30
N SER C 71 35.67 5.85 -41.81
CA SER C 71 35.42 4.48 -41.37
C SER C 71 34.46 4.45 -40.18
N VAL C 72 34.71 5.31 -39.18
CA VAL C 72 33.82 5.33 -38.03
C VAL C 72 32.44 5.84 -38.44
N LEU C 73 32.36 6.71 -39.44
CA LEU C 73 31.08 7.22 -39.89
C LEU C 73 30.28 6.14 -40.60
N ARG C 74 30.94 5.32 -41.44
CA ARG C 74 30.21 4.25 -42.10
C ARG C 74 29.80 3.17 -41.10
N GLU C 75 30.64 2.91 -40.11
CA GLU C 75 30.24 2.01 -39.03
C GLU C 75 29.02 2.55 -38.30
N LEU C 76 29.03 3.86 -38.02
CA LEU C 76 27.88 4.48 -37.36
C LEU C 76 26.61 4.34 -38.20
N VAL C 77 26.70 4.62 -39.50
CA VAL C 77 25.48 4.61 -40.31
C VAL C 77 24.95 3.19 -40.45
N THR C 78 25.83 2.20 -40.61
CA THR C 78 25.33 0.83 -40.68
C THR C 78 24.73 0.40 -39.35
N TYR C 79 25.27 0.89 -38.24
CA TYR C 79 24.69 0.57 -36.95
C TYR C 79 23.29 1.17 -36.81
N LEU C 80 23.10 2.41 -37.26
CA LEU C 80 21.75 2.99 -37.20
C LEU C 80 20.78 2.29 -38.13
N LEU C 81 21.22 1.85 -39.32
CA LEU C 81 20.32 1.04 -40.15
C LEU C 81 19.92 -0.24 -39.44
N PHE C 82 20.88 -0.92 -38.81
CA PHE C 82 20.57 -2.13 -38.06
C PHE C 82 19.58 -1.83 -36.94
N LEU C 83 19.81 -0.74 -36.22
CA LEU C 83 18.96 -0.39 -35.09
C LEU C 83 17.55 -0.06 -35.54
N ILE C 84 17.40 0.68 -36.64
CA ILE C 84 16.07 1.05 -37.10
C ILE C 84 15.33 -0.18 -37.62
N VAL C 85 16.04 -1.10 -38.27
CA VAL C 85 15.41 -2.34 -38.70
C VAL C 85 14.90 -3.13 -37.50
N LEU C 86 15.74 -3.24 -36.47
CA LEU C 86 15.33 -3.97 -35.27
C LEU C 86 14.14 -3.30 -34.58
N CYS C 87 14.15 -1.97 -34.52
CA CYS C 87 13.04 -1.25 -33.89
C CYS C 87 11.74 -1.46 -34.68
N ILE C 88 11.82 -1.44 -36.02
CA ILE C 88 10.65 -1.71 -36.84
C ILE C 88 10.12 -3.10 -36.56
N LEU C 89 11.02 -4.08 -36.47
CA LEU C 89 10.58 -5.45 -36.20
C LEU C 89 9.89 -5.55 -34.84
N THR C 90 10.47 -4.92 -33.82
CA THR C 90 9.88 -5.00 -32.49
C THR C 90 8.52 -4.30 -32.44
N TYR C 91 8.39 -3.15 -33.10
CA TYR C 91 7.11 -2.47 -33.13
C TYR C 91 6.06 -3.31 -33.84
N GLY C 92 6.46 -3.94 -34.96
CA GLY C 92 5.51 -4.75 -35.70
C GLY C 92 5.05 -5.97 -34.93
N MET C 93 5.98 -6.67 -34.27
CA MET C 93 5.62 -7.90 -33.59
C MET C 93 4.76 -7.63 -32.36
N MET C 94 4.85 -6.44 -31.79
CA MET C 94 4.10 -6.10 -30.57
C MET C 94 2.76 -5.50 -30.98
N SER C 95 1.70 -6.30 -30.87
CA SER C 95 0.37 -5.82 -31.23
C SER C 95 -0.11 -4.77 -30.23
N SER C 96 -1.01 -3.92 -30.71
CA SER C 96 -1.53 -2.84 -29.89
C SER C 96 -2.82 -3.25 -29.20
N ASN C 97 -2.93 -2.90 -27.92
CA ASN C 97 -4.13 -3.17 -27.12
C ASN C 97 -4.45 -4.66 -27.08
N VAL C 98 -3.40 -5.48 -27.06
CA VAL C 98 -3.58 -6.92 -26.85
C VAL C 98 -3.68 -7.27 -25.38
N TYR C 99 -3.35 -6.33 -24.49
CA TYR C 99 -3.49 -6.57 -23.07
C TYR C 99 -4.96 -6.74 -22.67
N TYR C 100 -5.86 -5.97 -23.29
CA TYR C 100 -7.26 -6.01 -22.89
C TYR C 100 -7.91 -7.34 -23.21
N TYR C 101 -7.46 -8.01 -24.26
CA TYR C 101 -7.94 -9.36 -24.58
C TYR C 101 -7.69 -10.32 -23.44
N THR C 102 -6.43 -10.40 -22.99
CA THR C 102 -6.09 -11.27 -21.88
C THR C 102 -6.77 -10.82 -20.59
N ARG C 103 -6.94 -9.51 -20.40
CA ARG C 103 -7.53 -9.04 -19.15
C ARG C 103 -9.00 -9.44 -19.08
N MET C 104 -9.72 -9.32 -20.20
CA MET C 104 -11.11 -9.79 -20.23
C MET C 104 -11.18 -11.29 -20.00
N MET C 105 -10.30 -12.06 -20.64
CA MET C 105 -10.32 -13.51 -20.44
C MET C 105 -10.10 -13.86 -18.96
N SER C 106 -9.10 -13.24 -18.35
CA SER C 106 -8.78 -13.55 -16.96
C SER C 106 -9.88 -13.10 -16.01
N GLN C 107 -10.48 -11.94 -16.26
CA GLN C 107 -11.58 -11.49 -15.41
C GLN C 107 -12.77 -12.42 -15.53
N LEU C 108 -13.06 -12.90 -16.73
CA LEU C 108 -14.18 -13.81 -16.91
C LEU C 108 -13.93 -15.15 -16.21
N PHE C 109 -12.72 -15.68 -16.31
CA PHE C 109 -12.48 -17.04 -15.83
C PHE C 109 -11.88 -17.13 -14.43
N LEU C 110 -11.56 -16.00 -13.80
CA LEU C 110 -10.88 -16.02 -12.51
C LEU C 110 -11.56 -15.20 -11.42
N ASP C 111 -12.33 -14.18 -11.76
CA ASP C 111 -12.90 -13.28 -10.77
C ASP C 111 -14.36 -13.51 -10.48
N THR C 112 -15.12 -14.09 -11.41
CA THR C 112 -16.51 -14.39 -11.13
C THR C 112 -16.61 -15.44 -10.03
N PRO C 113 -17.54 -15.30 -9.08
CA PRO C 113 -17.70 -16.34 -8.06
C PRO C 113 -18.11 -17.66 -8.69
N VAL C 114 -17.69 -18.76 -8.06
CA VAL C 114 -17.93 -20.08 -8.61
C VAL C 114 -19.42 -20.36 -8.77
N SER C 115 -20.25 -19.74 -7.92
CA SER C 115 -21.69 -19.76 -8.08
C SER C 115 -22.27 -18.56 -7.33
N LYS C 116 -23.60 -18.44 -7.38
CA LYS C 116 -24.25 -17.21 -6.95
C LYS C 116 -24.08 -16.95 -5.45
N THR C 117 -24.14 -18.01 -4.63
CA THR C 117 -24.25 -17.82 -3.19
C THR C 117 -22.91 -17.53 -2.52
N GLU C 118 -21.96 -18.46 -2.60
CA GLU C 118 -20.67 -18.26 -1.94
C GLU C 118 -19.78 -17.27 -2.67
N LYS C 119 -18.81 -16.71 -1.94
CA LYS C 119 -18.03 -15.57 -2.40
C LYS C 119 -16.69 -15.97 -3.03
N THR C 120 -16.29 -17.23 -2.92
CA THR C 120 -14.98 -17.66 -3.39
C THR C 120 -14.94 -17.81 -4.89
N ASN C 121 -13.79 -17.52 -5.48
CA ASN C 121 -13.55 -17.67 -6.91
C ASN C 121 -12.33 -18.57 -7.12
N PHE C 122 -11.92 -18.68 -8.39
CA PHE C 122 -10.78 -19.54 -8.71
C PHE C 122 -9.49 -19.02 -8.09
N LYS C 123 -9.30 -17.70 -8.07
CA LYS C 123 -8.08 -17.14 -7.50
C LYS C 123 -7.93 -17.44 -6.02
N THR C 124 -9.03 -17.69 -5.31
CA THR C 124 -9.00 -18.04 -3.89
C THR C 124 -9.78 -19.34 -3.71
N LEU C 125 -9.09 -20.45 -3.92
CA LEU C 125 -9.64 -21.78 -3.70
C LEU C 125 -8.95 -22.41 -2.50
N SER C 126 -9.71 -23.19 -1.74
CA SER C 126 -9.21 -23.72 -0.47
C SER C 126 -9.36 -25.23 -0.31
N SER C 127 -10.33 -25.87 -0.96
CA SER C 127 -10.59 -27.28 -0.73
C SER C 127 -10.92 -27.95 -2.06
N MET C 128 -11.14 -29.26 -2.01
CA MET C 128 -11.52 -30.02 -3.19
C MET C 128 -12.97 -29.75 -3.59
N GLU C 129 -13.84 -29.57 -2.60
CA GLU C 129 -15.23 -29.25 -2.89
C GLU C 129 -15.36 -27.92 -3.61
N ASP C 130 -14.51 -26.95 -3.27
CA ASP C 130 -14.51 -25.68 -4.00
C ASP C 130 -14.13 -25.91 -5.46
N PHE C 131 -13.15 -26.77 -5.72
CA PHE C 131 -12.78 -27.08 -7.09
C PHE C 131 -13.94 -27.74 -7.84
N TRP C 132 -14.63 -28.67 -7.18
CA TRP C 132 -15.77 -29.32 -7.82
C TRP C 132 -16.88 -28.33 -8.11
N LYS C 133 -17.12 -27.39 -7.20
CA LYS C 133 -18.12 -26.34 -7.46
C LYS C 133 -17.70 -25.45 -8.61
N PHE C 134 -16.42 -25.10 -8.70
CA PHE C 134 -15.95 -24.26 -9.79
C PHE C 134 -16.07 -24.97 -11.14
N THR C 135 -15.72 -26.25 -11.19
CA THR C 135 -15.65 -26.96 -12.46
C THR C 135 -17.01 -27.23 -13.09
N GLU C 136 -18.10 -27.09 -12.33
CA GLU C 136 -19.44 -27.20 -12.88
C GLU C 136 -20.25 -25.93 -12.67
N GLY C 137 -19.63 -24.87 -12.18
CA GLY C 137 -20.30 -23.60 -11.95
C GLY C 137 -19.82 -22.52 -12.89
N SER C 138 -18.92 -21.67 -12.41
CA SER C 138 -18.45 -20.54 -13.21
C SER C 138 -17.69 -20.99 -14.45
N LEU C 139 -17.10 -22.18 -14.42
CA LEU C 139 -16.36 -22.66 -15.57
C LEU C 139 -17.28 -22.91 -16.76
N LEU C 140 -18.36 -23.66 -16.54
CA LEU C 140 -19.28 -23.93 -17.63
C LEU C 140 -20.04 -22.68 -18.05
N ASP C 141 -20.38 -21.83 -17.08
CA ASP C 141 -21.12 -20.60 -17.40
C ASP C 141 -20.32 -19.66 -18.27
N GLY C 142 -19.02 -19.52 -18.03
CA GLY C 142 -18.16 -18.66 -18.82
C GLY C 142 -17.52 -19.31 -20.01
N LEU C 143 -17.84 -20.57 -20.31
CA LEU C 143 -17.24 -21.28 -21.43
C LEU C 143 -18.23 -21.62 -22.53
N TYR C 144 -19.50 -21.85 -22.20
CA TYR C 144 -20.52 -22.16 -23.19
C TYR C 144 -21.57 -21.04 -23.14
N TRP C 145 -21.60 -20.23 -24.19
CA TRP C 145 -22.55 -19.13 -24.29
C TRP C 145 -23.74 -19.56 -25.13
N LYS C 146 -24.94 -19.35 -24.59
CA LYS C 146 -26.16 -19.98 -25.09
C LYS C 146 -26.43 -19.71 -26.56
N MET C 147 -26.68 -18.46 -26.91
CA MET C 147 -27.13 -18.13 -28.26
C MET C 147 -26.69 -16.71 -28.60
N GLN C 148 -26.43 -16.48 -29.89
CA GLN C 148 -25.95 -15.16 -30.31
C GLN C 148 -27.08 -14.14 -30.34
N PRO C 149 -28.21 -14.37 -31.03
CA PRO C 149 -29.28 -13.35 -30.93
C PRO C 149 -29.95 -13.34 -29.56
N ASP C 156 -27.10 -22.44 -34.38
CA ASP C 156 -26.12 -23.53 -34.35
C ASP C 156 -25.60 -23.76 -32.93
N ASN C 157 -24.39 -24.30 -32.84
CA ASN C 157 -23.74 -24.55 -31.55
C ASN C 157 -22.23 -24.36 -31.67
N ARG C 158 -21.78 -23.13 -31.42
CA ARG C 158 -20.37 -22.80 -31.53
C ARG C 158 -19.78 -22.16 -30.29
N SER C 159 -20.58 -21.61 -29.38
CA SER C 159 -20.12 -21.06 -28.11
C SER C 159 -19.09 -19.96 -28.32
N PHE C 160 -19.57 -18.87 -28.94
CA PHE C 160 -18.77 -17.66 -29.11
C PHE C 160 -18.68 -16.97 -27.76
N ILE C 161 -17.53 -17.10 -27.10
CA ILE C 161 -17.31 -16.41 -25.83
C ILE C 161 -17.32 -14.92 -26.07
N PHE C 162 -18.05 -14.19 -25.23
CA PHE C 162 -18.28 -12.75 -25.39
C PHE C 162 -18.89 -12.43 -26.75
N TYR C 163 -19.51 -13.42 -27.38
CA TYR C 163 -20.14 -13.42 -28.69
C TYR C 163 -19.12 -13.38 -29.83
N GLU C 164 -17.82 -13.23 -29.54
CA GLU C 164 -16.86 -13.04 -30.63
C GLU C 164 -15.52 -13.73 -30.40
N ASN C 165 -15.49 -14.88 -29.73
CA ASN C 165 -14.23 -15.56 -29.47
C ASN C 165 -14.12 -17.00 -29.98
N LEU C 166 -15.23 -17.69 -30.22
CA LEU C 166 -15.22 -18.97 -30.95
C LEU C 166 -14.31 -20.00 -30.26
N LEU C 167 -14.80 -20.49 -29.12
CA LEU C 167 -14.19 -21.65 -28.48
C LEU C 167 -13.86 -22.73 -29.49
N LEU C 168 -12.58 -23.09 -29.58
CA LEU C 168 -12.09 -24.01 -30.59
C LEU C 168 -12.14 -25.46 -30.07
N GLY C 169 -12.79 -26.32 -30.83
CA GLY C 169 -12.84 -27.73 -30.48
C GLY C 169 -13.49 -27.94 -29.12
N VAL C 170 -12.85 -28.77 -28.30
CA VAL C 170 -13.38 -29.11 -26.98
C VAL C 170 -12.27 -28.90 -25.96
N PRO C 171 -12.64 -28.57 -24.72
CA PRO C 171 -11.65 -28.51 -23.65
C PRO C 171 -11.26 -29.90 -23.17
N ARG C 172 -10.15 -29.97 -22.44
CA ARG C 172 -9.63 -31.23 -21.94
C ARG C 172 -9.21 -31.06 -20.49
N ILE C 173 -9.51 -32.06 -19.66
CA ILE C 173 -9.16 -32.07 -18.26
C ILE C 173 -8.27 -33.28 -17.99
N ARG C 174 -7.20 -33.07 -17.23
CA ARG C 174 -6.18 -34.10 -17.01
C ARG C 174 -5.83 -34.14 -15.53
N GLN C 175 -5.50 -35.34 -15.05
CA GLN C 175 -5.19 -35.55 -13.64
C GLN C 175 -3.90 -36.34 -13.49
N LEU C 176 -3.08 -35.94 -12.52
CA LEU C 176 -1.86 -36.65 -12.16
C LEU C 176 -1.96 -37.11 -10.71
N ARG C 177 -1.57 -38.36 -10.46
CA ARG C 177 -1.74 -38.93 -9.12
C ARG C 177 -0.61 -39.92 -8.83
N VAL C 178 -0.45 -40.22 -7.54
CA VAL C 178 0.64 -41.06 -7.05
C VAL C 178 0.10 -42.36 -6.47
N ARG C 179 1.01 -43.24 -6.06
CA ARG C 179 0.65 -44.57 -5.57
C ARG C 179 0.45 -44.57 -4.06
N ASN C 180 -0.43 -45.44 -3.60
CA ASN C 180 -0.55 -45.71 -2.17
C ASN C 180 0.69 -46.47 -1.68
N GLY C 181 1.07 -46.21 -0.44
CA GLY C 181 2.20 -46.89 0.15
C GLY C 181 3.52 -46.39 -0.37
N SER C 182 3.86 -45.14 -0.06
CA SER C 182 5.14 -44.58 -0.46
C SER C 182 5.87 -43.88 0.68
N CYS C 183 5.57 -44.21 1.94
CA CYS C 183 6.33 -43.73 3.09
C CYS C 183 7.31 -44.80 3.53
N SER C 184 8.09 -44.45 4.54
CA SER C 184 8.62 -45.41 5.50
C SER C 184 7.91 -45.09 6.81
N ILE C 185 6.71 -45.65 6.98
CA ILE C 185 5.83 -45.23 8.08
C ILE C 185 6.50 -45.55 9.41
N PRO C 186 6.53 -44.62 10.36
CA PRO C 186 7.13 -44.93 11.66
C PRO C 186 6.44 -46.11 12.33
N GLN C 187 7.25 -46.95 12.98
CA GLN C 187 6.72 -48.17 13.58
C GLN C 187 5.72 -47.85 14.69
N ASP C 188 5.92 -46.74 15.40
CA ASP C 188 5.00 -46.35 16.45
C ASP C 188 3.62 -46.05 15.89
N LEU C 189 3.56 -45.28 14.81
CA LEU C 189 2.28 -44.94 14.18
C LEU C 189 1.95 -45.93 13.07
N ARG C 190 1.98 -47.22 13.38
CA ARG C 190 1.69 -48.24 12.39
C ARG C 190 0.29 -48.84 12.54
N ASP C 191 -0.27 -48.84 13.75
CA ASP C 191 -1.62 -49.35 13.97
C ASP C 191 -2.69 -48.28 13.81
N GLU C 192 -2.29 -47.02 13.61
CA GLU C 192 -3.25 -45.93 13.49
C GLU C 192 -3.34 -45.42 12.05
N ILE C 193 -2.22 -45.42 11.33
CA ILE C 193 -2.16 -44.99 9.94
C ILE C 193 -1.95 -46.21 9.06
N LYS C 194 -2.67 -46.27 7.94
CA LYS C 194 -2.62 -47.45 7.09
C LYS C 194 -2.06 -47.16 5.71
N GLU C 195 -2.23 -45.94 5.21
CA GLU C 195 -1.83 -45.63 3.84
C GLU C 195 -1.08 -44.31 3.77
N CYS C 196 -0.27 -44.17 2.73
CA CYS C 196 0.43 -42.94 2.39
C CYS C 196 0.24 -42.57 0.94
N TYR C 197 0.52 -41.30 0.66
CA TYR C 197 0.62 -40.77 -0.70
C TYR C 197 1.68 -39.68 -0.66
N ASP C 198 2.89 -40.02 -1.11
CA ASP C 198 4.01 -39.11 -1.03
C ASP C 198 3.79 -37.90 -1.94
N VAL C 199 4.71 -36.93 -1.85
CA VAL C 199 4.69 -35.79 -2.76
C VAL C 199 4.95 -36.28 -4.19
N TYR C 200 4.58 -35.45 -5.15
CA TYR C 200 4.67 -35.86 -6.54
C TYR C 200 6.12 -35.99 -6.99
N SER C 201 6.39 -37.08 -7.72
CA SER C 201 7.67 -37.32 -8.37
C SER C 201 7.45 -38.43 -9.39
N VAL C 202 8.35 -38.50 -10.37
CA VAL C 202 8.22 -39.52 -11.41
C VAL C 202 8.36 -40.92 -10.81
N SER C 203 9.12 -41.04 -9.72
CA SER C 203 9.28 -42.34 -9.06
C SER C 203 8.01 -42.77 -8.34
N SER C 204 7.25 -41.83 -7.77
CA SER C 204 6.04 -42.14 -7.02
C SER C 204 4.79 -42.12 -7.88
N GLU C 205 4.92 -41.88 -9.18
CA GLU C 205 3.76 -41.74 -10.05
C GLU C 205 2.99 -43.05 -10.15
N ASP C 206 1.67 -42.95 -10.24
CA ASP C 206 0.80 -44.10 -10.34
C ASP C 206 0.49 -44.39 -11.81
N ARG C 207 0.36 -45.68 -12.14
CA ARG C 207 0.12 -46.08 -13.52
C ARG C 207 -0.96 -47.15 -13.64
N ALA C 208 -1.62 -47.52 -12.56
CA ALA C 208 -2.63 -48.57 -12.59
C ALA C 208 -4.01 -47.98 -12.77
N PRO C 209 -4.93 -48.70 -13.40
CA PRO C 209 -6.31 -48.22 -13.49
C PRO C 209 -7.00 -48.25 -12.14
N PHE C 210 -8.01 -47.39 -12.01
CA PHE C 210 -8.75 -47.30 -10.77
C PHE C 210 -10.21 -46.98 -11.08
N GLY C 211 -11.09 -47.41 -10.18
CA GLY C 211 -12.50 -47.20 -10.35
C GLY C 211 -13.06 -47.95 -11.54
N PRO C 212 -14.25 -47.57 -12.00
CA PRO C 212 -14.80 -48.17 -13.22
C PRO C 212 -13.99 -47.74 -14.43
N ARG C 213 -13.40 -48.70 -15.13
CA ARG C 213 -12.46 -48.38 -16.19
C ARG C 213 -13.13 -47.57 -17.29
N ASN C 214 -14.04 -48.20 -18.05
CA ASN C 214 -15.01 -47.54 -18.92
C ASN C 214 -14.51 -46.27 -19.60
N GLY C 215 -13.32 -46.30 -20.18
CA GLY C 215 -12.84 -45.17 -20.95
C GLY C 215 -11.45 -44.77 -20.54
N THR C 216 -11.04 -43.58 -20.99
CA THR C 216 -9.69 -43.09 -20.82
C THR C 216 -9.50 -42.24 -19.57
N ALA C 217 -10.58 -41.91 -18.85
CA ALA C 217 -10.45 -41.13 -17.63
C ALA C 217 -9.97 -41.96 -16.45
N TRP C 218 -9.91 -43.28 -16.60
CA TRP C 218 -9.52 -44.18 -15.52
C TRP C 218 -8.38 -45.10 -15.95
N ILE C 219 -7.69 -44.77 -17.04
CA ILE C 219 -6.61 -45.58 -17.55
C ILE C 219 -5.42 -44.66 -17.85
N TYR C 220 -4.25 -45.06 -17.37
CA TYR C 220 -3.05 -44.25 -17.56
C TYR C 220 -2.64 -44.24 -19.03
N THR C 221 -2.23 -43.07 -19.51
CA THR C 221 -1.77 -42.88 -20.89
C THR C 221 -0.42 -42.21 -20.85
N SER C 222 0.55 -42.78 -21.57
CA SER C 222 1.93 -42.30 -21.51
C SER C 222 2.08 -40.92 -22.14
N GLU C 223 3.16 -40.22 -21.80
CA GLU C 223 3.41 -38.88 -22.32
C GLU C 223 3.61 -38.87 -23.84
N LYS C 224 3.94 -40.01 -24.44
CA LYS C 224 4.07 -40.09 -25.89
C LYS C 224 2.71 -40.28 -26.55
N ASP C 225 1.91 -41.22 -26.05
CA ASP C 225 0.55 -41.38 -26.56
C ASP C 225 -0.30 -40.16 -26.22
N LEU C 226 -0.28 -39.73 -24.96
CA LEU C 226 -0.92 -38.49 -24.59
C LEU C 226 -0.09 -37.34 -25.12
N ASN C 227 -0.48 -36.81 -26.26
CA ASN C 227 0.35 -35.96 -27.09
C ASN C 227 0.57 -34.62 -26.39
N GLY C 228 1.70 -34.49 -25.72
CA GLY C 228 1.97 -33.28 -24.94
C GLY C 228 3.33 -33.36 -24.30
N SER C 229 3.62 -32.34 -23.48
CA SER C 229 4.93 -32.20 -22.85
C SER C 229 4.75 -31.85 -21.38
N SER C 230 5.86 -31.56 -20.71
CA SER C 230 5.86 -31.30 -19.28
C SER C 230 5.49 -29.86 -18.98
N HIS C 231 5.41 -29.54 -17.69
CA HIS C 231 5.02 -28.21 -17.24
C HIS C 231 5.64 -27.96 -15.87
N TRP C 232 6.09 -26.73 -15.65
CA TRP C 232 6.78 -26.34 -14.43
C TRP C 232 5.81 -25.61 -13.52
N GLY C 233 5.38 -26.28 -12.44
CA GLY C 233 4.42 -25.72 -11.51
C GLY C 233 5.07 -25.08 -10.31
N ILE C 234 4.22 -24.61 -9.39
CA ILE C 234 4.71 -23.94 -8.19
C ILE C 234 5.39 -24.92 -7.25
N ILE C 235 4.77 -26.09 -7.02
CA ILE C 235 5.32 -27.06 -6.08
C ILE C 235 6.40 -27.91 -6.72
N ALA C 236 6.12 -28.48 -7.89
CA ALA C 236 7.07 -29.37 -8.56
C ALA C 236 6.92 -29.21 -10.07
N THR C 237 7.61 -30.05 -10.81
CA THR C 237 7.53 -30.10 -12.27
C THR C 237 6.77 -31.37 -12.64
N TYR C 238 5.73 -31.23 -13.45
CA TYR C 238 4.83 -32.34 -13.73
C TYR C 238 5.13 -32.97 -15.09
N SER C 239 4.85 -34.27 -15.17
CA SER C 239 5.32 -35.06 -16.31
C SER C 239 4.66 -34.65 -17.61
N GLY C 240 3.33 -34.54 -17.61
CA GLY C 240 2.60 -34.31 -18.84
C GLY C 240 1.77 -35.49 -19.31
N ALA C 241 1.80 -36.61 -18.60
CA ALA C 241 0.96 -37.77 -18.85
C ALA C 241 -0.07 -37.89 -17.74
N GLY C 242 -0.89 -38.92 -17.83
CA GLY C 242 -1.83 -39.18 -16.75
C GLY C 242 -3.17 -39.61 -17.29
N TYR C 243 -4.22 -39.27 -16.54
CA TYR C 243 -5.59 -39.66 -16.84
C TYR C 243 -6.32 -38.42 -17.34
N TYR C 244 -6.77 -38.46 -18.59
CA TYR C 244 -7.38 -37.32 -19.25
C TYR C 244 -8.78 -37.66 -19.74
N LEU C 245 -9.55 -36.62 -20.04
CA LEU C 245 -10.89 -36.77 -20.59
C LEU C 245 -11.18 -35.57 -21.47
N ASP C 246 -11.75 -35.83 -22.65
CA ASP C 246 -12.11 -34.79 -23.60
C ASP C 246 -13.58 -34.47 -23.43
N LEU C 247 -13.89 -33.21 -23.09
CA LEU C 247 -15.27 -32.80 -22.92
C LEU C 247 -15.94 -32.65 -24.28
N SER C 248 -17.20 -32.20 -24.26
CA SER C 248 -17.98 -32.10 -25.48
C SER C 248 -18.07 -30.66 -25.96
N ARG C 249 -18.86 -30.44 -27.01
CA ARG C 249 -19.00 -29.13 -27.63
C ARG C 249 -20.17 -28.33 -27.08
N THR C 250 -21.01 -28.92 -26.23
CA THR C 250 -22.20 -28.26 -25.72
C THR C 250 -22.22 -28.36 -24.20
N ARG C 251 -23.06 -27.53 -23.58
CA ARG C 251 -23.09 -27.40 -22.13
C ARG C 251 -23.63 -28.65 -21.46
N GLU C 252 -24.70 -29.24 -22.01
CA GLU C 252 -25.38 -30.33 -21.33
C GLU C 252 -24.50 -31.55 -21.20
N GLU C 253 -23.80 -31.93 -22.27
CA GLU C 253 -22.98 -33.14 -22.24
C GLU C 253 -21.77 -32.97 -21.32
N THR C 254 -21.15 -31.80 -21.33
CA THR C 254 -20.05 -31.56 -20.40
C THR C 254 -20.54 -31.57 -18.95
N ALA C 255 -21.72 -31.01 -18.71
CA ALA C 255 -22.28 -31.05 -17.36
C ALA C 255 -22.53 -32.49 -16.92
N ALA C 256 -23.06 -33.31 -17.82
CA ALA C 256 -23.29 -34.72 -17.50
C ALA C 256 -21.97 -35.45 -17.23
N GLN C 257 -20.95 -35.18 -18.04
CA GLN C 257 -19.66 -35.84 -17.85
C GLN C 257 -19.03 -35.43 -16.53
N VAL C 258 -19.11 -34.15 -16.18
CA VAL C 258 -18.55 -33.71 -14.90
C VAL C 258 -19.33 -34.30 -13.73
N ALA C 259 -20.66 -34.39 -13.86
CA ALA C 259 -21.45 -35.03 -12.80
C ALA C 259 -21.07 -36.48 -12.63
N SER C 260 -20.85 -37.20 -13.74
CA SER C 260 -20.43 -38.59 -13.66
C SER C 260 -19.05 -38.71 -13.04
N LEU C 261 -18.13 -37.80 -13.37
CA LEU C 261 -16.81 -37.82 -12.77
C LEU C 261 -16.87 -37.55 -11.28
N LYS C 262 -17.80 -36.69 -10.85
CA LYS C 262 -17.93 -36.39 -9.43
C LYS C 262 -18.59 -37.54 -8.67
N LYS C 263 -19.57 -38.21 -9.28
CA LYS C 263 -20.24 -39.32 -8.62
C LYS C 263 -19.26 -40.46 -8.34
N ASN C 264 -18.71 -41.05 -9.39
CA ASN C 264 -17.63 -42.02 -9.24
C ASN C 264 -16.35 -41.25 -8.95
N VAL C 265 -15.92 -41.26 -7.69
CA VAL C 265 -14.88 -40.35 -7.22
C VAL C 265 -13.65 -40.37 -8.10
N TRP C 266 -13.33 -39.23 -8.70
CA TRP C 266 -12.18 -39.09 -9.58
C TRP C 266 -10.99 -38.46 -8.88
N LEU C 267 -11.24 -37.62 -7.88
CA LEU C 267 -10.20 -36.99 -7.08
C LEU C 267 -10.31 -37.52 -5.65
N ASP C 268 -9.38 -38.38 -5.25
CA ASP C 268 -9.48 -38.97 -3.92
C ASP C 268 -8.07 -39.25 -3.37
N ARG C 269 -7.53 -38.26 -2.67
CA ARG C 269 -6.43 -38.48 -1.72
C ARG C 269 -5.14 -38.91 -2.42
N GLY C 270 -5.19 -39.15 -3.72
CA GLY C 270 -4.00 -39.54 -4.46
C GLY C 270 -3.68 -38.52 -5.53
N THR C 271 -4.66 -37.70 -5.87
CA THR C 271 -4.48 -36.66 -6.88
C THR C 271 -3.44 -35.66 -6.41
N ARG C 272 -2.53 -35.28 -7.32
CA ARG C 272 -1.51 -34.29 -7.03
C ARG C 272 -1.59 -33.05 -7.91
N ALA C 273 -2.25 -33.12 -9.06
CA ALA C 273 -2.40 -31.97 -9.93
C ALA C 273 -3.59 -32.19 -10.84
N THR C 274 -4.12 -31.10 -11.39
CA THR C 274 -5.23 -31.16 -12.33
C THR C 274 -5.10 -30.01 -13.32
N PHE C 275 -5.16 -30.34 -14.60
CA PHE C 275 -5.01 -29.36 -15.67
C PHE C 275 -6.31 -29.20 -16.44
N ILE C 276 -6.60 -27.97 -16.83
CA ILE C 276 -7.73 -27.66 -17.71
C ILE C 276 -7.19 -26.84 -18.86
N ASP C 277 -7.40 -27.31 -20.09
CA ASP C 277 -6.84 -26.68 -21.28
C ASP C 277 -7.91 -26.46 -22.33
N PHE C 278 -7.87 -25.29 -22.96
CA PHE C 278 -8.72 -24.96 -24.09
C PHE C 278 -8.11 -23.75 -24.78
N SER C 279 -8.70 -23.36 -25.91
CA SER C 279 -8.19 -22.23 -26.66
C SER C 279 -9.32 -21.61 -27.47
N VAL C 280 -9.23 -20.30 -27.67
CA VAL C 280 -10.22 -19.52 -28.41
C VAL C 280 -9.50 -18.73 -29.50
N TYR C 281 -10.28 -18.27 -30.48
CA TYR C 281 -9.73 -17.53 -31.60
C TYR C 281 -10.63 -16.34 -31.91
N ASN C 282 -10.13 -15.14 -31.68
CA ASN C 282 -10.87 -13.92 -32.00
C ASN C 282 -10.69 -13.61 -33.49
N ALA C 283 -11.80 -13.36 -34.17
CA ALA C 283 -11.77 -13.16 -35.61
C ALA C 283 -11.60 -11.70 -36.02
N ASN C 284 -12.05 -10.75 -35.19
CA ASN C 284 -11.89 -9.34 -35.53
C ASN C 284 -10.42 -8.96 -35.64
N ILE C 285 -9.61 -9.44 -34.71
CA ILE C 285 -8.15 -9.36 -34.82
C ILE C 285 -7.64 -10.79 -34.70
N ASN C 286 -6.92 -11.26 -35.72
CA ASN C 286 -6.57 -12.68 -35.74
C ASN C 286 -5.54 -13.01 -34.67
N LEU C 287 -6.02 -13.51 -33.54
CA LEU C 287 -5.16 -13.89 -32.43
C LEU C 287 -5.78 -15.08 -31.72
N PHE C 288 -4.97 -16.11 -31.48
CA PHE C 288 -5.37 -17.22 -30.64
C PHE C 288 -4.97 -16.93 -29.20
N CYS C 289 -5.71 -17.53 -28.26
CA CYS C 289 -5.40 -17.43 -26.84
C CYS C 289 -5.43 -18.82 -26.26
N VAL C 290 -4.36 -19.21 -25.60
CA VAL C 290 -4.21 -20.54 -25.01
C VAL C 290 -4.35 -20.42 -23.50
N VAL C 291 -5.26 -21.19 -22.92
CA VAL C 291 -5.57 -21.15 -21.50
C VAL C 291 -5.20 -22.50 -20.89
N ARG C 292 -4.46 -22.47 -19.78
CA ARG C 292 -4.07 -23.70 -19.09
C ARG C 292 -4.20 -23.44 -17.58
N LEU C 293 -5.37 -23.75 -17.04
CA LEU C 293 -5.60 -23.64 -15.61
C LEU C 293 -5.05 -24.85 -14.89
N LEU C 294 -4.33 -24.61 -13.79
CA LEU C 294 -3.67 -25.67 -13.04
C LEU C 294 -4.01 -25.54 -11.57
N VAL C 295 -4.38 -26.66 -10.95
CA VAL C 295 -4.66 -26.73 -9.52
C VAL C 295 -3.80 -27.83 -8.93
N GLU C 296 -2.99 -27.48 -7.94
CA GLU C 296 -2.06 -28.42 -7.31
C GLU C 296 -2.59 -28.83 -5.94
N PHE C 297 -2.56 -30.14 -5.68
CA PHE C 297 -2.98 -30.70 -4.41
C PHE C 297 -1.75 -31.15 -3.64
N PRO C 298 -1.29 -30.38 -2.66
CA PRO C 298 -0.08 -30.77 -1.92
C PRO C 298 -0.34 -32.01 -1.07
N ALA C 299 0.75 -32.63 -0.62
CA ALA C 299 0.66 -33.77 0.27
C ALA C 299 0.13 -33.40 1.64
N THR C 300 0.03 -32.11 1.95
CA THR C 300 -0.45 -31.62 3.23
C THR C 300 -1.95 -31.33 3.22
N GLY C 301 -2.47 -30.82 2.12
CA GLY C 301 -3.89 -30.52 2.00
C GLY C 301 -4.09 -29.20 1.27
N GLY C 302 -5.35 -28.95 0.91
CA GLY C 302 -5.69 -27.73 0.22
C GLY C 302 -5.35 -27.78 -1.25
N VAL C 303 -5.46 -26.62 -1.90
CA VAL C 303 -5.21 -26.47 -3.33
C VAL C 303 -4.39 -25.20 -3.56
N ILE C 304 -3.72 -25.14 -4.70
CA ILE C 304 -2.95 -23.98 -5.12
C ILE C 304 -3.21 -23.73 -6.61
N PRO C 305 -3.92 -22.65 -6.97
CA PRO C 305 -4.27 -22.45 -8.38
C PRO C 305 -3.27 -21.62 -9.19
N SER C 306 -3.29 -21.79 -10.50
CA SER C 306 -2.47 -21.01 -11.43
C SER C 306 -3.16 -20.99 -12.78
N TRP C 307 -3.01 -19.89 -13.52
CA TRP C 307 -3.82 -19.69 -14.72
C TRP C 307 -3.04 -19.64 -16.04
N GLN C 308 -2.05 -18.75 -16.17
CA GLN C 308 -1.17 -18.71 -17.34
C GLN C 308 -1.97 -18.54 -18.63
N PHE C 309 -2.56 -17.35 -18.77
CA PHE C 309 -3.18 -16.96 -20.03
C PHE C 309 -2.12 -16.46 -21.00
N GLN C 310 -2.28 -16.80 -22.28
CA GLN C 310 -1.25 -16.46 -23.27
C GLN C 310 -1.83 -16.26 -24.66
N PRO C 311 -1.73 -15.06 -25.22
CA PRO C 311 -2.18 -14.84 -26.61
C PRO C 311 -1.13 -15.26 -27.63
N LEU C 312 -1.63 -15.71 -28.78
CA LEU C 312 -0.79 -16.31 -29.80
C LEU C 312 -1.26 -15.85 -31.17
N LYS C 313 -0.32 -15.80 -32.11
CA LYS C 313 -0.59 -15.36 -33.48
C LYS C 313 -0.02 -16.37 -34.46
N LEU C 314 -0.89 -17.14 -35.11
CA LEU C 314 -0.47 -18.19 -36.03
C LEU C 314 -0.61 -17.77 -37.49
N ILE C 315 -1.81 -17.38 -37.91
CA ILE C 315 -2.08 -17.06 -39.30
C ILE C 315 -1.52 -15.68 -39.63
N ARG C 316 -0.46 -15.65 -40.43
CA ARG C 316 0.20 -14.43 -40.85
C ARG C 316 0.04 -14.24 -42.35
N TYR C 317 0.68 -13.19 -42.87
CA TYR C 317 0.58 -12.79 -44.26
C TYR C 317 -0.88 -12.51 -44.65
N VAL C 318 -1.49 -11.59 -43.90
CA VAL C 318 -2.86 -11.19 -44.16
C VAL C 318 -2.95 -9.82 -44.83
N THR C 319 -2.15 -8.84 -44.41
CA THR C 319 -2.14 -7.51 -44.99
C THR C 319 -0.73 -7.20 -45.48
N THR C 320 -0.60 -6.05 -46.14
CA THR C 320 0.71 -5.63 -46.66
C THR C 320 1.72 -5.42 -45.53
N PHE C 321 1.23 -5.04 -44.35
CA PHE C 321 2.11 -4.84 -43.20
C PHE C 321 2.84 -6.14 -42.85
N ASP C 322 2.18 -7.28 -43.01
CA ASP C 322 2.82 -8.56 -42.74
C ASP C 322 3.97 -8.84 -43.72
N PHE C 323 3.75 -8.54 -44.99
CA PHE C 323 4.83 -8.71 -45.98
C PHE C 323 5.97 -7.76 -45.71
N PHE C 324 5.66 -6.54 -45.25
CA PHE C 324 6.69 -5.60 -44.86
C PHE C 324 7.52 -6.17 -43.71
N LEU C 325 6.86 -6.76 -42.73
CA LEU C 325 7.57 -7.39 -41.62
C LEU C 325 8.42 -8.57 -42.08
N ALA C 326 7.93 -9.36 -43.04
CA ALA C 326 8.72 -10.47 -43.56
C ALA C 326 9.98 -9.95 -44.25
N ALA C 327 9.85 -8.88 -45.04
CA ALA C 327 11.02 -8.28 -45.67
C ALA C 327 11.99 -7.75 -44.62
N CYS C 328 11.47 -7.17 -43.55
CA CYS C 328 12.32 -6.71 -42.46
C CYS C 328 13.08 -7.87 -41.82
N GLU C 329 12.40 -9.00 -41.64
CA GLU C 329 13.06 -10.18 -41.10
C GLU C 329 14.20 -10.65 -42.00
N ILE C 330 13.96 -10.68 -43.32
CA ILE C 330 14.99 -11.13 -44.24
C ILE C 330 16.19 -10.18 -44.21
N ILE C 331 15.93 -8.88 -44.25
CA ILE C 331 17.05 -7.94 -44.26
C ILE C 331 17.79 -7.97 -42.93
N PHE C 332 17.09 -8.20 -41.81
CA PHE C 332 17.76 -8.33 -40.53
C PHE C 332 18.66 -9.56 -40.51
N CYS C 333 18.21 -10.66 -41.12
CA CYS C 333 19.09 -11.80 -41.31
C CYS C 333 20.34 -11.40 -42.08
N PHE C 334 20.17 -10.61 -43.13
CA PHE C 334 21.33 -10.17 -43.91
C PHE C 334 22.28 -9.32 -43.06
N PHE C 335 21.73 -8.41 -42.24
CA PHE C 335 22.59 -7.61 -41.36
C PHE C 335 23.38 -8.49 -40.41
N ILE C 336 22.73 -9.48 -39.78
CA ILE C 336 23.52 -10.25 -38.82
C ILE C 336 24.54 -11.11 -39.54
N PHE C 337 24.24 -11.57 -40.76
CA PHE C 337 25.25 -12.31 -41.52
C PHE C 337 26.45 -11.43 -41.82
N TYR C 338 26.20 -10.18 -42.24
CA TYR C 338 27.31 -9.26 -42.49
C TYR C 338 28.10 -9.00 -41.22
N TYR C 339 27.41 -8.79 -40.10
CA TYR C 339 28.10 -8.55 -38.84
C TYR C 339 28.96 -9.72 -38.43
N VAL C 340 28.43 -10.94 -38.55
CA VAL C 340 29.19 -12.11 -38.11
C VAL C 340 30.38 -12.35 -39.02
N VAL C 341 30.23 -12.13 -40.33
CA VAL C 341 31.37 -12.33 -41.21
C VAL C 341 32.44 -11.28 -40.96
N GLU C 342 32.04 -10.04 -40.69
CA GLU C 342 33.01 -9.00 -40.36
C GLU C 342 33.73 -9.33 -39.06
N GLU C 343 33.00 -9.79 -38.05
CA GLU C 343 33.61 -10.13 -36.78
C GLU C 343 34.57 -11.30 -36.92
N ILE C 344 34.21 -12.29 -37.73
CA ILE C 344 35.07 -13.47 -37.88
C ILE C 344 36.31 -13.12 -38.70
N LEU C 345 36.20 -12.19 -39.65
CA LEU C 345 37.41 -11.77 -40.35
C LEU C 345 38.24 -10.82 -39.50
N GLU C 346 37.67 -10.20 -38.48
CA GLU C 346 38.41 -9.30 -37.60
C GLU C 346 39.04 -10.02 -36.41
N ILE C 347 38.93 -11.34 -36.35
CA ILE C 347 39.46 -12.14 -35.24
C ILE C 347 40.44 -13.19 -35.74
N ARG C 348 40.73 -13.21 -37.05
CA ARG C 348 41.49 -14.31 -37.65
C ARG C 348 42.87 -14.48 -37.04
N ILE C 349 43.74 -13.49 -37.22
CA ILE C 349 45.08 -13.54 -36.63
C ILE C 349 45.34 -12.28 -35.84
N HIS C 350 45.09 -11.12 -36.44
CA HIS C 350 45.24 -9.83 -35.77
C HIS C 350 44.28 -9.71 -34.60
N LYS C 351 44.76 -9.09 -33.51
CA LYS C 351 44.02 -8.99 -32.26
C LYS C 351 43.64 -10.36 -31.72
N LEU C 352 44.65 -11.15 -31.34
CA LEU C 352 44.38 -12.38 -30.59
C LEU C 352 43.88 -12.09 -29.19
N HIS C 353 44.11 -10.89 -28.66
CA HIS C 353 43.54 -10.42 -27.42
C HIS C 353 42.23 -9.68 -27.63
N TYR C 354 41.49 -10.06 -28.68
CA TYR C 354 40.35 -9.28 -29.16
C TYR C 354 39.30 -9.10 -28.08
N PHE C 355 39.17 -10.06 -27.16
CA PHE C 355 38.11 -10.06 -26.14
C PHE C 355 38.48 -9.11 -25.00
N ARG C 356 38.33 -7.82 -25.27
CA ARG C 356 38.55 -6.80 -24.26
C ARG C 356 37.68 -5.58 -24.59
N SER C 357 37.76 -4.56 -23.73
CA SER C 357 37.09 -3.28 -23.90
C SER C 357 35.57 -3.39 -23.74
N PHE C 358 35.09 -4.62 -23.56
CA PHE C 358 33.69 -4.94 -23.26
C PHE C 358 32.78 -4.69 -24.46
N TRP C 359 33.29 -3.98 -25.47
CA TRP C 359 32.53 -3.80 -26.69
C TRP C 359 32.74 -5.00 -27.60
N ASN C 360 33.99 -5.46 -27.68
CA ASN C 360 34.31 -6.67 -28.42
C ASN C 360 33.74 -7.90 -27.74
N CYS C 361 33.40 -7.77 -26.45
CA CYS C 361 32.70 -8.83 -25.75
C CYS C 361 31.20 -8.74 -25.95
N LEU C 362 30.65 -7.53 -26.05
CA LEU C 362 29.21 -7.38 -26.23
C LEU C 362 28.75 -7.72 -27.65
N ASP C 363 29.54 -7.35 -28.66
CA ASP C 363 29.06 -7.49 -30.04
C ASP C 363 29.04 -8.94 -30.51
N VAL C 364 29.71 -9.87 -29.81
CA VAL C 364 29.60 -11.28 -30.16
C VAL C 364 28.40 -11.90 -29.46
N VAL C 365 28.10 -11.44 -28.24
CA VAL C 365 26.88 -11.85 -27.57
C VAL C 365 25.67 -11.44 -28.40
N ILE C 366 25.76 -10.26 -29.03
CA ILE C 366 24.69 -9.77 -29.88
C ILE C 366 24.39 -10.79 -30.99
N VAL C 367 25.43 -11.22 -31.69
CA VAL C 367 25.22 -12.09 -32.86
C VAL C 367 24.80 -13.49 -32.41
N VAL C 368 25.34 -13.96 -31.28
CA VAL C 368 24.93 -15.26 -30.76
C VAL C 368 23.44 -15.25 -30.44
N LEU C 369 22.98 -14.21 -29.74
CA LEU C 369 21.57 -14.11 -29.41
C LEU C 369 20.72 -13.99 -30.66
N SER C 370 21.20 -13.23 -31.65
CA SER C 370 20.45 -13.06 -32.89
C SER C 370 20.27 -14.38 -33.64
N VAL C 371 21.35 -15.16 -33.75
CA VAL C 371 21.24 -16.43 -34.48
C VAL C 371 20.38 -17.41 -33.70
N VAL C 372 20.45 -17.40 -32.37
CA VAL C 372 19.57 -18.24 -31.57
C VAL C 372 18.11 -17.85 -31.80
N ALA C 373 17.84 -16.55 -31.83
CA ALA C 373 16.48 -16.07 -32.04
C ALA C 373 15.95 -16.50 -33.40
N ILE C 374 16.76 -16.39 -34.44
CA ILE C 374 16.30 -16.78 -35.77
C ILE C 374 16.12 -18.29 -35.87
N GLY C 375 17.00 -19.04 -35.22
CA GLY C 375 16.81 -20.48 -35.17
C GLY C 375 15.47 -20.85 -34.56
N ILE C 376 15.15 -20.21 -33.43
CA ILE C 376 13.86 -20.46 -32.79
C ILE C 376 12.71 -20.04 -33.70
N ASN C 377 12.85 -18.88 -34.35
CA ASN C 377 11.77 -18.36 -35.18
C ASN C 377 11.48 -19.27 -36.36
N ILE C 378 12.53 -19.75 -37.05
CA ILE C 378 12.33 -20.63 -38.20
C ILE C 378 11.98 -22.04 -37.78
N TYR C 379 12.27 -22.43 -36.54
CA TYR C 379 11.86 -23.73 -36.04
C TYR C 379 10.37 -23.78 -35.72
N ARG C 380 9.75 -22.64 -35.43
CA ARG C 380 8.34 -22.59 -35.03
C ARG C 380 7.42 -22.07 -36.12
N THR C 381 7.93 -21.38 -37.13
CA THR C 381 7.07 -20.89 -38.20
C THR C 381 6.78 -21.96 -39.23
N SER C 382 7.67 -22.94 -39.37
CA SER C 382 7.46 -24.06 -40.28
C SER C 382 6.82 -25.26 -39.60
N ASN C 383 6.49 -25.15 -38.32
CA ASN C 383 5.89 -26.22 -37.54
C ASN C 383 4.49 -25.82 -37.10
N VAL C 384 3.71 -25.25 -38.02
CA VAL C 384 2.37 -24.76 -37.69
C VAL C 384 1.32 -25.61 -38.39
N GLU C 385 1.44 -25.74 -39.71
CA GLU C 385 0.41 -26.44 -40.49
C GLU C 385 0.27 -27.90 -40.10
N VAL C 386 1.37 -28.59 -39.79
CA VAL C 386 1.28 -29.97 -39.32
C VAL C 386 0.56 -30.04 -37.98
N LEU C 387 0.41 -28.91 -37.30
CA LEU C 387 -0.35 -28.84 -36.06
C LEU C 387 -1.64 -28.04 -36.19
N LEU C 388 -1.78 -27.19 -37.20
CA LEU C 388 -3.03 -26.50 -37.46
C LEU C 388 -4.00 -27.33 -38.29
N GLN C 389 -3.63 -28.57 -38.63
CA GLN C 389 -4.53 -29.48 -39.33
C GLN C 389 -5.84 -29.71 -38.58
N PHE C 390 -5.94 -29.21 -37.35
CA PHE C 390 -7.23 -29.09 -36.67
C PHE C 390 -8.32 -28.53 -37.58
N LEU C 391 -7.94 -27.69 -38.55
CA LEU C 391 -8.95 -27.11 -39.44
C LEU C 391 -9.74 -28.18 -40.18
N GLU C 392 -9.15 -29.34 -40.44
CA GLU C 392 -9.89 -30.38 -41.15
C GLU C 392 -10.86 -31.13 -40.24
N ASP C 393 -10.66 -31.08 -38.93
CA ASP C 393 -11.53 -31.76 -37.97
C ASP C 393 -11.75 -30.87 -36.76
N GLN C 394 -12.88 -30.17 -36.73
CA GLN C 394 -13.22 -29.30 -35.60
C GLN C 394 -14.04 -30.04 -34.56
N ASN C 395 -13.55 -31.21 -34.13
CA ASN C 395 -14.25 -31.98 -33.11
C ASN C 395 -13.27 -32.63 -32.13
N THR C 396 -12.02 -32.20 -32.11
CA THR C 396 -11.02 -32.77 -31.21
C THR C 396 -10.36 -31.68 -30.38
N PHE C 397 -9.34 -32.04 -29.61
CA PHE C 397 -8.63 -31.08 -28.78
C PHE C 397 -7.37 -30.63 -29.51
N PRO C 398 -7.25 -29.35 -29.85
CA PRO C 398 -6.02 -28.89 -30.52
C PRO C 398 -4.89 -28.59 -29.55
N ASN C 399 -3.73 -29.19 -29.77
CA ASN C 399 -2.56 -28.99 -28.92
C ASN C 399 -1.85 -27.72 -29.37
N PHE C 400 -1.85 -26.70 -28.50
CA PHE C 400 -1.17 -25.45 -28.78
C PHE C 400 -0.13 -25.10 -27.72
N GLU C 401 0.20 -26.02 -26.82
CA GLU C 401 1.13 -25.72 -25.74
C GLU C 401 2.53 -25.44 -26.29
N HIS C 402 3.00 -26.23 -27.25
CA HIS C 402 4.34 -26.05 -27.78
C HIS C 402 4.49 -24.70 -28.47
N LEU C 403 3.48 -24.30 -29.24
CA LEU C 403 3.54 -23.02 -29.93
C LEU C 403 3.61 -21.86 -28.93
N ALA C 404 2.82 -21.93 -27.86
CA ALA C 404 2.87 -20.89 -26.84
C ALA C 404 4.22 -20.86 -26.14
N TYR C 405 4.77 -22.03 -25.82
CA TYR C 405 6.07 -22.09 -25.15
C TYR C 405 7.16 -21.46 -26.02
N TRP C 406 7.18 -21.81 -27.31
CA TRP C 406 8.20 -21.26 -28.18
C TRP C 406 7.97 -19.77 -28.46
N GLN C 407 6.72 -19.33 -28.48
CA GLN C 407 6.45 -17.89 -28.59
C GLN C 407 7.00 -17.14 -27.39
N ILE C 408 6.82 -17.68 -26.18
CA ILE C 408 7.36 -17.03 -24.99
C ILE C 408 8.87 -16.98 -25.05
N GLN C 409 9.51 -18.09 -25.45
CA GLN C 409 10.96 -18.11 -25.55
C GLN C 409 11.46 -17.08 -26.57
N PHE C 410 10.80 -17.00 -27.72
CA PHE C 410 11.20 -16.02 -28.73
C PHE C 410 11.04 -14.60 -28.23
N ASN C 411 9.95 -14.32 -27.52
CA ASN C 411 9.73 -12.98 -26.99
C ASN C 411 10.85 -12.60 -26.02
N ASN C 412 11.19 -13.51 -25.10
CA ASN C 412 12.25 -13.22 -24.15
C ASN C 412 13.57 -12.97 -24.85
N ILE C 413 13.92 -13.82 -25.81
CA ILE C 413 15.19 -13.68 -26.51
C ILE C 413 15.24 -12.35 -27.26
N ALA C 414 14.15 -12.00 -27.96
CA ALA C 414 14.13 -10.77 -28.72
C ALA C 414 14.24 -9.55 -27.83
N ALA C 415 13.57 -9.57 -26.68
CA ALA C 415 13.67 -8.46 -25.74
C ALA C 415 15.11 -8.29 -25.25
N VAL C 416 15.77 -9.40 -24.92
CA VAL C 416 17.15 -9.31 -24.45
C VAL C 416 18.05 -8.76 -25.55
N THR C 417 17.87 -9.23 -26.79
CA THR C 417 18.71 -8.74 -27.89
C THR C 417 18.52 -7.25 -28.11
N VAL C 418 17.28 -6.76 -28.09
CA VAL C 418 17.08 -5.34 -28.34
C VAL C 418 17.63 -4.51 -27.19
N PHE C 419 17.53 -5.00 -25.95
CA PHE C 419 18.13 -4.28 -24.84
C PHE C 419 19.64 -4.14 -25.02
N PHE C 420 20.30 -5.24 -25.40
CA PHE C 420 21.76 -5.18 -25.59
C PHE C 420 22.13 -4.31 -26.78
N VAL C 421 21.36 -4.38 -27.87
CA VAL C 421 21.62 -3.53 -29.02
C VAL C 421 21.50 -2.06 -28.64
N TRP C 422 20.48 -1.73 -27.84
CA TRP C 422 20.30 -0.34 -27.42
C TRP C 422 21.46 0.14 -26.55
N ILE C 423 21.90 -0.69 -25.60
CA ILE C 423 22.98 -0.23 -24.73
C ILE C 423 24.31 -0.23 -25.46
N LYS C 424 24.41 -0.91 -26.60
CA LYS C 424 25.67 -0.85 -27.36
C LYS C 424 25.88 0.53 -28.05
N LEU C 425 24.96 1.48 -27.91
CA LEU C 425 25.09 2.76 -28.60
C LEU C 425 26.24 3.59 -28.04
N PHE C 426 26.69 3.29 -26.82
CA PHE C 426 27.72 4.11 -26.20
C PHE C 426 29.04 4.07 -26.98
N LYS C 427 29.22 3.07 -27.83
CA LYS C 427 30.47 2.87 -28.55
C LYS C 427 30.82 4.08 -29.43
N PHE C 428 29.81 4.83 -29.84
CA PHE C 428 30.00 5.92 -30.78
C PHE C 428 30.05 7.30 -30.12
N ILE C 429 29.26 7.52 -29.07
CA ILE C 429 29.24 8.81 -28.40
C ILE C 429 30.56 9.14 -27.73
N ASN C 430 31.35 8.14 -27.35
CA ASN C 430 32.62 8.40 -26.71
C ASN C 430 33.70 8.85 -27.69
N PHE C 431 33.45 8.71 -28.99
CA PHE C 431 34.44 9.15 -29.97
C PHE C 431 34.63 10.65 -29.94
N ASN C 432 33.63 11.39 -29.45
CA ASN C 432 33.73 12.83 -29.30
C ASN C 432 34.48 13.14 -28.00
N ARG C 433 34.45 14.41 -27.58
CA ARG C 433 35.16 14.85 -26.39
C ARG C 433 34.56 14.31 -25.09
N THR C 434 33.59 13.41 -25.18
CA THR C 434 33.00 12.79 -24.01
C THR C 434 33.86 11.66 -23.44
N MET C 435 34.89 11.22 -24.17
CA MET C 435 35.72 10.10 -23.72
C MET C 435 36.43 10.41 -22.41
N SER C 436 36.74 11.68 -22.14
CA SER C 436 37.36 12.07 -20.88
C SER C 436 36.39 12.00 -19.71
N GLN C 437 35.09 11.83 -19.98
CA GLN C 437 34.09 11.70 -18.93
C GLN C 437 33.79 10.25 -18.60
N LEU C 438 34.14 9.36 -19.52
CA LEU C 438 33.89 7.94 -19.39
C LEU C 438 35.12 7.20 -18.90
N SER C 439 36.22 7.93 -18.76
CA SER C 439 37.46 7.34 -18.27
C SER C 439 37.24 7.03 -16.80
N THR C 440 37.18 8.07 -15.98
CA THR C 440 36.95 7.91 -14.55
C THR C 440 35.65 7.13 -14.34
N THR C 441 34.60 7.62 -14.99
CA THR C 441 33.28 7.00 -14.99
C THR C 441 33.30 5.47 -15.15
N MET C 442 34.02 4.97 -16.15
CA MET C 442 33.93 3.54 -16.44
C MET C 442 35.20 2.77 -16.10
N SER C 443 36.08 3.39 -15.32
CA SER C 443 37.30 2.70 -14.92
C SER C 443 37.71 3.02 -13.50
N ARG C 444 37.88 4.30 -13.17
CA ARG C 444 38.28 4.62 -11.82
C ARG C 444 37.41 3.92 -10.77
N CYS C 445 36.45 3.10 -11.20
CA CYS C 445 35.68 2.28 -10.28
C CYS C 445 35.77 0.79 -10.60
N ALA C 446 36.66 0.39 -11.52
CA ALA C 446 36.73 -1.01 -11.92
C ALA C 446 37.12 -1.89 -10.75
N LYS C 447 38.10 -1.46 -9.96
CA LYS C 447 38.50 -2.16 -8.75
C LYS C 447 38.17 -1.36 -7.49
N ASP C 448 37.34 -0.33 -7.61
CA ASP C 448 36.99 0.52 -6.48
C ASP C 448 35.58 0.24 -5.97
N LEU C 449 34.57 0.34 -6.84
CA LEU C 449 33.23 -0.05 -6.42
C LEU C 449 33.10 -1.57 -6.38
N PHE C 450 33.73 -2.27 -7.32
CA PHE C 450 33.70 -3.72 -7.32
C PHE C 450 34.69 -4.33 -6.35
N GLY C 451 35.46 -3.53 -5.62
CA GLY C 451 36.38 -4.07 -4.64
C GLY C 451 35.92 -3.81 -3.22
N PHE C 452 35.24 -2.69 -3.00
CA PHE C 452 34.70 -2.36 -1.70
C PHE C 452 33.34 -2.99 -1.45
N ALA C 453 32.71 -3.58 -2.46
CA ALA C 453 31.36 -4.10 -2.35
C ALA C 453 31.31 -5.56 -1.90
N ILE C 454 32.46 -6.18 -1.64
CA ILE C 454 32.45 -7.56 -1.15
C ILE C 454 31.79 -7.64 0.22
N MET C 455 32.10 -6.70 1.12
CA MET C 455 31.50 -6.71 2.46
C MET C 455 29.99 -6.55 2.42
N PRO C 456 29.42 -5.55 1.72
CA PRO C 456 27.95 -5.49 1.65
C PRO C 456 27.34 -6.71 1.00
N PHE C 457 28.00 -7.28 -0.01
CA PHE C 457 27.47 -8.46 -0.68
C PHE C 457 27.42 -9.66 0.26
N ILE C 458 28.45 -9.82 1.11
CA ILE C 458 28.42 -10.92 2.07
C ILE C 458 27.39 -10.68 3.15
N ILE C 459 27.29 -9.45 3.65
CA ILE C 459 26.32 -9.16 4.70
C ILE C 459 24.89 -9.36 4.19
N PHE C 460 24.64 -9.01 2.93
CA PHE C 460 23.33 -9.19 2.34
C PHE C 460 22.92 -10.65 2.34
N LEU C 461 23.83 -11.53 1.90
CA LEU C 461 23.51 -12.95 1.86
C LEU C 461 23.38 -13.54 3.25
N ALA C 462 24.19 -13.06 4.20
CA ALA C 462 24.06 -13.52 5.58
C ALA C 462 22.69 -13.16 6.15
N TYR C 463 22.24 -11.94 5.90
CA TYR C 463 20.93 -11.53 6.37
C TYR C 463 19.82 -12.32 5.68
N ALA C 464 19.98 -12.60 4.38
CA ALA C 464 18.99 -13.41 3.68
C ALA C 464 18.91 -14.81 4.28
N GLN C 465 20.06 -15.40 4.59
CA GLN C 465 20.07 -16.72 5.21
C GLN C 465 19.39 -16.68 6.58
N LEU C 466 19.68 -15.66 7.37
CA LEU C 466 19.05 -15.53 8.69
C LEU C 466 17.54 -15.39 8.58
N ALA C 467 17.08 -14.55 7.63
CA ALA C 467 15.65 -14.36 7.45
C ALA C 467 14.97 -15.63 6.99
N TYR C 468 15.61 -16.36 6.07
CA TYR C 468 15.02 -17.61 5.59
C TYR C 468 14.94 -18.65 6.70
N LEU C 469 15.93 -18.68 7.58
CA LEU C 469 15.90 -19.66 8.67
C LEU C 469 14.89 -19.27 9.76
N VAL C 470 14.82 -17.99 10.11
CA VAL C 470 13.89 -17.56 11.15
C VAL C 470 12.46 -17.58 10.64
N PHE C 471 12.19 -16.79 9.60
CA PHE C 471 10.89 -16.76 8.95
C PHE C 471 10.84 -17.90 7.93
N GLY C 472 9.88 -17.87 7.03
CA GLY C 472 9.78 -18.83 5.96
C GLY C 472 8.87 -20.01 6.26
N THR C 473 8.49 -20.20 7.51
CA THR C 473 7.46 -21.15 7.88
C THR C 473 6.14 -20.46 8.21
N GLN C 474 6.12 -19.13 8.27
CA GLN C 474 4.93 -18.39 8.66
C GLN C 474 4.62 -17.28 7.66
N VAL C 475 5.62 -16.82 6.92
CA VAL C 475 5.49 -15.68 6.02
C VAL C 475 5.76 -16.15 4.60
N ASP C 476 4.84 -15.82 3.69
CA ASP C 476 4.99 -16.23 2.30
C ASP C 476 6.14 -15.54 1.60
N ASP C 477 6.52 -14.34 2.05
CA ASP C 477 7.59 -13.58 1.42
C ASP C 477 8.97 -14.06 1.82
N PHE C 478 9.07 -15.00 2.75
CA PHE C 478 10.37 -15.46 3.23
C PHE C 478 10.57 -16.97 3.07
N SER C 479 9.65 -17.66 2.41
CA SER C 479 9.89 -19.04 1.99
C SER C 479 10.79 -19.01 0.75
N THR C 480 11.06 -20.19 0.19
CA THR C 480 11.75 -20.33 -1.11
C THR C 480 12.94 -19.39 -1.22
N PHE C 481 14.01 -19.70 -0.50
CA PHE C 481 15.09 -18.79 -0.10
C PHE C 481 15.39 -17.65 -1.07
N GLN C 482 15.44 -17.95 -2.37
CA GLN C 482 15.73 -16.90 -3.34
C GLN C 482 14.77 -15.73 -3.20
N GLU C 483 13.49 -16.02 -2.91
CA GLU C 483 12.51 -14.94 -2.77
C GLU C 483 12.90 -14.00 -1.64
N CYS C 484 13.48 -14.52 -0.57
CA CYS C 484 13.96 -13.68 0.51
C CYS C 484 14.86 -12.58 -0.03
N ILE C 485 15.77 -12.95 -0.94
CA ILE C 485 16.63 -11.96 -1.60
C ILE C 485 15.77 -10.81 -2.12
N PHE C 486 14.78 -11.13 -2.95
CA PHE C 486 13.93 -10.10 -3.54
C PHE C 486 13.25 -9.29 -2.46
N THR C 487 12.78 -9.95 -1.39
CA THR C 487 12.11 -9.23 -0.33
C THR C 487 13.01 -8.16 0.25
N GLN C 488 14.29 -8.47 0.44
CA GLN C 488 15.20 -7.47 0.97
C GLN C 488 15.33 -6.28 0.03
N PHE C 489 15.36 -6.55 -1.28
CA PHE C 489 15.39 -5.45 -2.24
C PHE C 489 14.19 -4.54 -2.08
N ARG C 490 13.04 -5.11 -1.69
CA ARG C 490 11.85 -4.30 -1.49
C ARG C 490 11.81 -3.64 -0.12
N ILE C 491 12.66 -4.06 0.82
CA ILE C 491 12.65 -3.42 2.13
C ILE C 491 13.46 -2.14 2.10
N ILE C 492 14.59 -2.14 1.38
CA ILE C 492 15.39 -0.93 1.26
C ILE C 492 14.62 0.18 0.55
N LEU C 493 13.94 -0.17 -0.54
CA LEU C 493 13.21 0.84 -1.30
C LEU C 493 12.03 1.39 -0.51
N GLY C 494 11.31 0.54 0.21
CA GLY C 494 10.20 1.02 1.02
C GLY C 494 8.94 0.18 0.94
N ASP C 495 9.00 -0.93 0.21
CA ASP C 495 7.88 -1.86 0.11
C ASP C 495 7.96 -2.83 1.28
N ILE C 496 7.25 -2.52 2.36
CA ILE C 496 7.38 -3.26 3.61
C ILE C 496 6.00 -3.78 4.03
N ASN C 497 6.01 -4.96 4.62
CA ASN C 497 4.83 -5.62 5.16
C ASN C 497 5.07 -5.98 6.63
N PHE C 498 5.50 -4.98 7.39
CA PHE C 498 6.02 -5.18 8.74
C PHE C 498 5.03 -5.87 9.67
N ALA C 499 3.73 -5.76 9.40
CA ALA C 499 2.74 -6.33 10.31
C ALA C 499 2.93 -7.84 10.46
N GLU C 500 2.99 -8.56 9.35
CA GLU C 500 3.11 -10.01 9.43
C GLU C 500 4.49 -10.45 9.92
N ILE C 501 5.53 -9.69 9.58
CA ILE C 501 6.87 -10.01 10.08
C ILE C 501 6.91 -9.91 11.59
N GLU C 502 6.34 -8.83 12.14
CA GLU C 502 6.31 -8.68 13.58
C GLU C 502 5.39 -9.69 14.24
N GLU C 503 4.29 -10.05 13.58
CA GLU C 503 3.36 -11.04 14.15
C GLU C 503 4.01 -12.42 14.20
N ALA C 504 4.79 -12.79 13.19
CA ALA C 504 5.38 -14.13 13.14
C ALA C 504 6.35 -14.34 14.30
N ASN C 505 7.21 -13.37 14.57
CA ASN C 505 8.17 -13.43 15.67
C ASN C 505 8.23 -12.06 16.31
N ARG C 506 7.79 -11.97 17.57
CA ARG C 506 7.66 -10.67 18.22
C ARG C 506 8.98 -10.15 18.78
N VAL C 507 10.04 -10.96 18.79
CA VAL C 507 11.34 -10.54 19.29
C VAL C 507 12.37 -10.45 18.17
N LEU C 508 12.54 -11.52 17.40
CA LEU C 508 13.54 -11.54 16.34
C LEU C 508 13.12 -10.72 15.12
N GLY C 509 11.82 -10.53 14.90
CA GLY C 509 11.34 -9.81 13.75
C GLY C 509 11.80 -8.35 13.72
N PRO C 510 11.37 -7.57 14.72
CA PRO C 510 11.81 -6.17 14.78
C PRO C 510 13.31 -6.02 14.88
N ILE C 511 13.98 -6.91 15.60
CA ILE C 511 15.45 -6.85 15.69
C ILE C 511 16.07 -7.00 14.32
N TYR C 512 15.64 -8.02 13.57
CA TYR C 512 16.13 -8.23 12.22
C TYR C 512 15.88 -7.01 11.35
N PHE C 513 14.66 -6.48 11.39
CA PHE C 513 14.29 -5.37 10.53
C PHE C 513 15.16 -4.14 10.81
N THR C 514 15.23 -3.74 12.08
CA THR C 514 15.99 -2.53 12.42
C THR C 514 17.48 -2.71 12.16
N THR C 515 18.04 -3.86 12.57
CA THR C 515 19.47 -4.07 12.34
C THR C 515 19.81 -4.09 10.87
N PHE C 516 18.96 -4.73 10.04
CA PHE C 516 19.21 -4.77 8.62
C PHE C 516 19.18 -3.37 8.01
N VAL C 517 18.10 -2.62 8.28
CA VAL C 517 17.97 -1.31 7.65
C VAL C 517 19.00 -0.33 8.18
N PHE C 518 19.55 -0.57 9.38
CA PHE C 518 20.58 0.33 9.88
C PHE C 518 21.95 -0.04 9.32
N PHE C 519 22.30 -1.34 9.35
CA PHE C 519 23.61 -1.78 8.89
C PHE C 519 23.79 -1.58 7.39
N MET C 520 22.74 -1.76 6.59
CA MET C 520 22.89 -1.54 5.15
C MET C 520 23.33 -0.12 4.86
N PHE C 521 22.62 0.86 5.43
CA PHE C 521 22.97 2.25 5.18
C PHE C 521 24.30 2.61 5.81
N PHE C 522 24.59 2.05 6.99
CA PHE C 522 25.88 2.31 7.63
C PHE C 522 27.03 1.84 6.75
N ILE C 523 26.93 0.63 6.20
CA ILE C 523 27.99 0.10 5.36
C ILE C 523 28.07 0.86 4.05
N LEU C 524 26.94 1.29 3.48
CA LEU C 524 26.99 2.06 2.25
C LEU C 524 27.69 3.40 2.46
N LEU C 525 27.36 4.09 3.55
CA LEU C 525 28.01 5.36 3.86
C LEU C 525 29.50 5.15 4.13
N ASN C 526 29.85 4.06 4.82
CA ASN C 526 31.26 3.75 5.04
C ASN C 526 31.98 3.51 3.72
N MET C 527 31.36 2.78 2.80
CA MET C 527 31.94 2.57 1.49
C MET C 527 32.19 3.89 0.79
N PHE C 528 31.21 4.79 0.82
CA PHE C 528 31.31 6.03 0.10
C PHE C 528 32.40 6.93 0.70
N LEU C 529 32.44 7.02 2.03
CA LEU C 529 33.51 7.78 2.69
C LEU C 529 34.88 7.19 2.38
N ALA C 530 35.00 5.86 2.42
CA ALA C 530 36.30 5.23 2.18
C ALA C 530 36.76 5.47 0.75
N ILE C 531 35.85 5.38 -0.22
CA ILE C 531 36.26 5.57 -1.60
C ILE C 531 36.63 7.03 -1.85
N ILE C 532 35.90 7.96 -1.25
CA ILE C 532 36.22 9.37 -1.45
C ILE C 532 37.61 9.66 -0.90
N ASN C 533 37.82 9.33 0.37
CA ASN C 533 39.11 9.54 1.01
C ASN C 533 40.24 8.92 0.22
N ASP C 534 40.08 7.64 -0.11
CA ASP C 534 41.11 6.91 -0.87
C ASP C 534 41.47 7.64 -2.15
N THR C 535 40.47 7.93 -2.98
CA THR C 535 40.71 8.63 -4.24
C THR C 535 41.45 9.95 -4.00
N TYR C 536 40.98 10.72 -3.04
CA TYR C 536 41.60 12.00 -2.70
C TYR C 536 43.09 11.84 -2.38
N SER C 537 43.39 10.90 -1.49
CA SER C 537 44.76 10.64 -1.09
C SER C 537 45.62 10.22 -2.29
N GLU C 538 45.08 9.34 -3.11
CA GLU C 538 45.79 8.87 -4.29
C GLU C 538 46.15 10.04 -5.20
N VAL C 539 45.18 10.91 -5.46
CA VAL C 539 45.42 12.07 -6.33
C VAL C 539 45.73 13.33 -5.54
N LYS C 540 46.40 13.18 -4.40
CA LYS C 540 46.76 14.33 -3.58
C LYS C 540 48.01 15.01 -4.11
CA LYS D 67 54.79 -22.08 7.35
C LYS D 67 53.65 -21.14 7.72
N TYR D 68 53.95 -19.84 7.75
CA TYR D 68 52.95 -18.82 8.05
C TYR D 68 51.78 -18.91 7.07
N LEU D 69 52.09 -18.90 5.77
CA LEU D 69 51.05 -19.09 4.76
C LEU D 69 50.43 -20.47 4.89
N LYS D 70 51.22 -21.48 5.23
CA LYS D 70 50.67 -22.81 5.45
C LYS D 70 49.73 -22.82 6.65
N SER D 71 50.09 -22.10 7.72
CA SER D 71 49.21 -22.03 8.88
C SER D 71 47.90 -21.35 8.56
N VAL D 72 47.95 -20.22 7.86
CA VAL D 72 46.70 -19.55 7.51
C VAL D 72 45.90 -20.38 6.52
N LEU D 73 46.57 -21.17 5.68
CA LEU D 73 45.85 -22.02 4.74
C LEU D 73 45.14 -23.17 5.44
N ARG D 74 45.79 -23.78 6.43
CA ARG D 74 45.13 -24.85 7.17
C ARG D 74 43.99 -24.31 8.01
N GLU D 75 44.16 -23.10 8.58
CA GLU D 75 43.05 -22.46 9.27
C GLU D 75 41.89 -22.21 8.31
N LEU D 76 42.21 -21.74 7.09
CA LEU D 76 41.18 -21.51 6.09
C LEU D 76 40.44 -22.80 5.76
N VAL D 77 41.17 -23.90 5.52
CA VAL D 77 40.50 -25.11 5.08
C VAL D 77 39.65 -25.69 6.21
N THR D 78 40.13 -25.63 7.45
CA THR D 78 39.30 -26.14 8.54
C THR D 78 38.07 -25.25 8.72
N TYR D 79 38.19 -23.94 8.48
CA TYR D 79 37.02 -23.08 8.56
C TYR D 79 36.00 -23.42 7.49
N LEU D 80 36.45 -23.69 6.26
CA LEU D 80 35.49 -24.08 5.23
C LEU D 80 34.85 -25.44 5.51
N LEU D 81 35.59 -26.40 6.08
CA LEU D 81 34.94 -27.64 6.48
C LEU D 81 33.87 -27.39 7.54
N PHE D 82 34.18 -26.55 8.53
CA PHE D 82 33.18 -26.21 9.55
C PHE D 82 31.96 -25.56 8.92
N LEU D 83 32.20 -24.61 8.00
CA LEU D 83 31.10 -23.88 7.38
C LEU D 83 30.23 -24.78 6.54
N ILE D 84 30.83 -25.70 5.78
CA ILE D 84 30.04 -26.59 4.94
C ILE D 84 29.25 -27.57 5.79
N VAL D 85 29.83 -28.02 6.91
CA VAL D 85 29.09 -28.89 7.83
C VAL D 85 27.87 -28.15 8.38
N LEU D 86 28.07 -26.89 8.80
CA LEU D 86 26.96 -26.10 9.33
C LEU D 86 25.89 -25.87 8.27
N CYS D 87 26.31 -25.58 7.03
CA CYS D 87 25.35 -25.37 5.96
C CYS D 87 24.55 -26.62 5.67
N ILE D 88 25.21 -27.78 5.67
CA ILE D 88 24.49 -29.05 5.48
C ILE D 88 23.47 -29.25 6.58
N LEU D 89 23.87 -28.97 7.83
CA LEU D 89 22.94 -29.12 8.95
C LEU D 89 21.72 -28.23 8.79
N THR D 90 21.95 -26.96 8.42
CA THR D 90 20.84 -26.02 8.26
C THR D 90 19.93 -26.42 7.12
N TYR D 91 20.50 -26.85 5.99
CA TYR D 91 19.67 -27.28 4.87
C TYR D 91 18.83 -28.50 5.25
N GLY D 92 19.43 -29.46 5.95
CA GLY D 92 18.68 -30.64 6.35
C GLY D 92 17.57 -30.34 7.34
N MET D 93 17.87 -29.48 8.32
CA MET D 93 16.87 -29.19 9.34
C MET D 93 15.72 -28.36 8.80
N MET D 94 15.94 -27.65 7.70
CA MET D 94 14.90 -26.80 7.10
C MET D 94 14.14 -27.63 6.07
N SER D 95 12.93 -28.05 6.43
CA SER D 95 12.12 -28.85 5.52
C SER D 95 11.61 -27.99 4.37
N SER D 96 11.35 -28.64 3.24
CA SER D 96 10.91 -27.95 2.04
C SER D 96 9.39 -27.92 1.97
N ASN D 97 8.85 -26.76 1.57
CA ASN D 97 7.42 -26.58 1.39
C ASN D 97 6.63 -26.92 2.65
N VAL D 98 7.22 -26.60 3.80
CA VAL D 98 6.50 -26.72 5.07
C VAL D 98 5.66 -25.50 5.36
N TYR D 99 5.86 -24.41 4.61
CA TYR D 99 5.03 -23.23 4.77
C TYR D 99 3.58 -23.50 4.39
N TYR D 100 3.35 -24.29 3.35
CA TYR D 100 1.98 -24.51 2.87
C TYR D 100 1.14 -25.27 3.87
N TYR D 101 1.76 -26.15 4.66
CA TYR D 101 1.06 -26.86 5.72
C TYR D 101 0.45 -25.88 6.72
N THR D 102 1.28 -24.98 7.25
CA THR D 102 0.78 -24.00 8.20
C THR D 102 -0.19 -23.04 7.53
N ARG D 103 0.01 -22.72 6.26
CA ARG D 103 -0.87 -21.76 5.61
C ARG D 103 -2.26 -22.34 5.43
N MET D 104 -2.34 -23.62 5.04
CA MET D 104 -3.63 -24.29 4.96
C MET D 104 -4.30 -24.36 6.33
N MET D 105 -3.53 -24.71 7.37
CA MET D 105 -4.13 -24.78 8.71
C MET D 105 -4.70 -23.43 9.12
N SER D 106 -3.92 -22.36 8.92
CA SER D 106 -4.37 -21.03 9.33
C SER D 106 -5.56 -20.56 8.51
N GLN D 107 -5.56 -20.84 7.20
CA GLN D 107 -6.70 -20.44 6.38
C GLN D 107 -7.96 -21.18 6.81
N LEU D 108 -7.83 -22.47 7.15
CA LEU D 108 -9.00 -23.23 7.58
C LEU D 108 -9.54 -22.71 8.90
N PHE D 109 -8.66 -22.41 9.86
CA PHE D 109 -9.13 -22.10 11.21
C PHE D 109 -9.27 -20.61 11.51
N LEU D 110 -8.89 -19.72 10.59
CA LEU D 110 -8.90 -18.30 10.86
C LEU D 110 -9.68 -17.46 9.86
N ASP D 111 -9.83 -17.92 8.61
CA ASP D 111 -10.44 -17.11 7.57
C ASP D 111 -11.87 -17.49 7.24
N THR D 112 -12.29 -18.71 7.50
CA THR D 112 -13.67 -19.09 7.25
C THR D 112 -14.58 -18.31 8.20
N PRO D 113 -15.73 -17.81 7.72
CA PRO D 113 -16.66 -17.13 8.62
C PRO D 113 -17.17 -18.08 9.69
N VAL D 114 -17.46 -17.51 10.88
CA VAL D 114 -17.86 -18.34 12.02
C VAL D 114 -19.13 -19.11 11.72
N SER D 115 -19.98 -18.59 10.83
CA SER D 115 -21.12 -19.33 10.31
C SER D 115 -21.54 -18.70 8.99
N LYS D 116 -22.61 -19.24 8.40
CA LYS D 116 -22.93 -18.90 7.01
C LYS D 116 -23.37 -17.45 6.85
N THR D 117 -24.12 -16.93 7.82
CA THR D 117 -24.77 -15.63 7.62
C THR D 117 -23.84 -14.45 7.85
N GLU D 118 -23.34 -14.27 9.07
CA GLU D 118 -22.49 -13.13 9.39
C GLU D 118 -21.09 -13.28 8.79
N LYS D 119 -20.40 -12.15 8.62
CA LYS D 119 -19.17 -12.08 7.85
C LYS D 119 -17.90 -12.16 8.70
N THR D 120 -18.02 -12.09 10.03
CA THR D 120 -16.86 -12.05 10.90
C THR D 120 -16.21 -13.43 11.02
N ASN D 121 -14.88 -13.42 11.16
CA ASN D 121 -14.10 -14.63 11.39
C ASN D 121 -13.30 -14.47 12.67
N PHE D 122 -12.44 -15.46 12.93
CA PHE D 122 -11.64 -15.43 14.15
C PHE D 122 -10.67 -14.26 14.15
N LYS D 123 -10.08 -13.94 13.00
CA LYS D 123 -9.11 -12.84 12.94
C LYS D 123 -9.74 -11.50 13.27
N THR D 124 -11.06 -11.35 13.10
CA THR D 124 -11.77 -10.12 13.44
C THR D 124 -12.93 -10.49 14.36
N LEU D 125 -12.65 -10.57 15.66
CA LEU D 125 -13.64 -10.82 16.68
C LEU D 125 -13.80 -9.56 17.53
N SER D 126 -15.02 -9.31 17.97
CA SER D 126 -15.34 -8.05 18.65
C SER D 126 -16.04 -8.22 19.99
N SER D 127 -16.78 -9.31 20.22
CA SER D 127 -17.56 -9.43 21.45
C SER D 127 -17.48 -10.88 21.94
N MET D 128 -18.10 -11.13 23.09
CA MET D 128 -18.15 -12.47 23.64
C MET D 128 -19.10 -13.36 22.86
N GLU D 129 -20.20 -12.80 22.37
CA GLU D 129 -21.13 -13.59 21.56
C GLU D 129 -20.49 -14.06 20.27
N ASP D 130 -19.60 -13.25 19.68
CA ASP D 130 -18.86 -13.70 18.51
C ASP D 130 -17.99 -14.89 18.85
N PHE D 131 -17.34 -14.87 20.02
CA PHE D 131 -16.53 -16.01 20.44
C PHE D 131 -17.38 -17.26 20.63
N TRP D 132 -18.56 -17.10 21.23
CA TRP D 132 -19.45 -18.25 21.42
C TRP D 132 -19.91 -18.80 20.08
N LYS D 133 -20.21 -17.93 19.12
CA LYS D 133 -20.58 -18.39 17.78
C LYS D 133 -19.44 -19.11 17.10
N PHE D 134 -18.21 -18.60 17.25
CA PHE D 134 -17.06 -19.26 16.64
C PHE D 134 -16.80 -20.64 17.25
N THR D 135 -16.91 -20.75 18.57
CA THR D 135 -16.53 -21.98 19.25
C THR D 135 -17.48 -23.14 19.00
N GLU D 136 -18.67 -22.87 18.48
CA GLU D 136 -19.60 -23.94 18.08
C GLU D 136 -19.94 -23.87 16.60
N GLY D 137 -19.29 -23.00 15.85
CA GLY D 137 -19.52 -22.87 14.43
C GLY D 137 -18.36 -23.34 13.60
N SER D 138 -17.53 -22.40 13.13
CA SER D 138 -16.42 -22.75 12.25
C SER D 138 -15.39 -23.62 12.95
N LEU D 139 -15.30 -23.55 14.29
CA LEU D 139 -14.33 -24.37 15.01
C LEU D 139 -14.66 -25.84 14.90
N LEU D 140 -15.91 -26.21 15.19
CA LEU D 140 -16.29 -27.62 15.11
C LEU D 140 -16.33 -28.09 13.66
N ASP D 141 -16.76 -27.23 12.74
CA ASP D 141 -16.82 -27.61 11.33
C ASP D 141 -15.46 -27.91 10.74
N GLY D 142 -14.43 -27.14 11.10
CA GLY D 142 -13.09 -27.36 10.62
C GLY D 142 -12.24 -28.28 11.46
N LEU D 143 -12.79 -28.88 12.51
CA LEU D 143 -12.04 -29.76 13.39
C LEU D 143 -12.50 -31.21 13.34
N TYR D 144 -13.77 -31.46 13.07
CA TYR D 144 -14.30 -32.82 12.97
C TYR D 144 -14.82 -33.03 11.55
N TRP D 145 -14.12 -33.85 10.78
CA TRP D 145 -14.50 -34.14 9.41
C TRP D 145 -15.28 -35.45 9.37
N LYS D 146 -16.45 -35.42 8.73
CA LYS D 146 -17.46 -36.46 8.87
C LYS D 146 -16.96 -37.85 8.52
N MET D 147 -16.60 -38.07 7.26
CA MET D 147 -16.27 -39.40 6.78
C MET D 147 -15.29 -39.30 5.63
N GLN D 148 -14.42 -40.32 5.51
CA GLN D 148 -13.41 -40.30 4.46
C GLN D 148 -14.00 -40.61 3.09
N PRO D 149 -14.72 -41.73 2.88
CA PRO D 149 -15.31 -41.89 1.55
C PRO D 149 -16.48 -40.94 1.29
N ASP D 156 -15.01 -45.66 10.87
CA ASP D 156 -14.55 -45.38 12.23
C ASP D 156 -14.81 -43.92 12.60
N ASN D 157 -14.02 -43.41 13.55
CA ASN D 157 -14.12 -42.01 13.97
C ASN D 157 -12.73 -41.51 14.36
N ARG D 158 -12.06 -40.88 13.39
CA ARG D 158 -10.72 -40.35 13.60
C ARG D 158 -10.56 -38.88 13.25
N SER D 159 -11.45 -38.31 12.45
CA SER D 159 -11.43 -36.88 12.11
C SER D 159 -10.12 -36.48 11.46
N PHE D 160 -9.89 -37.06 10.28
CA PHE D 160 -8.75 -36.69 9.45
C PHE D 160 -9.03 -35.33 8.84
N ILE D 161 -8.41 -34.29 9.39
CA ILE D 161 -8.55 -32.94 8.84
C ILE D 161 -7.96 -32.92 7.43
N PHE D 162 -8.70 -32.33 6.49
CA PHE D 162 -8.35 -32.35 5.07
C PHE D 162 -8.14 -33.77 4.55
N TYR D 163 -8.73 -34.75 5.25
CA TYR D 163 -8.67 -36.18 4.99
C TYR D 163 -7.31 -36.78 5.33
N GLU D 164 -6.30 -35.97 5.68
CA GLU D 164 -4.96 -36.53 5.85
C GLU D 164 -4.16 -35.88 6.99
N ASN D 165 -4.82 -35.45 8.07
CA ASN D 165 -4.11 -34.83 9.17
C ASN D 165 -4.28 -35.47 10.54
N LEU D 166 -5.32 -36.27 10.78
CA LEU D 166 -5.40 -37.12 11.97
C LEU D 166 -5.30 -36.30 13.27
N LEU D 167 -6.36 -35.55 13.54
CA LEU D 167 -6.52 -34.91 14.84
C LEU D 167 -6.16 -35.87 15.96
N LEU D 168 -5.17 -35.47 16.78
CA LEU D 168 -4.63 -36.34 17.82
C LEU D 168 -5.38 -36.12 19.12
N GLY D 169 -5.87 -37.23 19.70
CA GLY D 169 -6.54 -37.15 20.99
C GLY D 169 -7.75 -36.24 20.94
N VAL D 170 -7.85 -35.38 21.95
CA VAL D 170 -8.98 -34.46 22.07
C VAL D 170 -8.43 -33.05 22.28
N PRO D 171 -9.18 -32.04 21.86
CA PRO D 171 -8.80 -30.66 22.16
C PRO D 171 -9.15 -30.30 23.60
N ARG D 172 -8.55 -29.20 24.06
CA ARG D 172 -8.76 -28.74 25.43
C ARG D 172 -8.99 -27.24 25.43
N ILE D 173 -9.94 -26.79 26.26
CA ILE D 173 -10.26 -25.37 26.39
C ILE D 173 -10.03 -24.98 27.85
N ARG D 174 -9.41 -23.82 28.05
CA ARG D 174 -9.00 -23.38 29.37
C ARG D 174 -9.36 -21.91 29.56
N GLN D 175 -9.69 -21.53 30.78
CA GLN D 175 -10.13 -20.18 31.10
C GLN D 175 -9.36 -19.65 32.30
N LEU D 176 -9.00 -18.37 32.25
CA LEU D 176 -8.36 -17.66 33.35
C LEU D 176 -9.24 -16.49 33.75
N ARG D 177 -9.44 -16.30 35.05
CA ARG D 177 -10.35 -15.27 35.53
C ARG D 177 -9.86 -14.71 36.86
N VAL D 178 -10.39 -13.53 37.21
CA VAL D 178 -9.96 -12.78 38.38
C VAL D 178 -11.09 -12.70 39.39
N ARG D 179 -10.82 -12.10 40.55
CA ARG D 179 -11.76 -12.02 41.65
C ARG D 179 -12.59 -10.74 41.59
N ASN D 180 -13.83 -10.84 42.07
CA ASN D 180 -14.64 -9.65 42.28
C ASN D 180 -14.08 -8.84 43.44
N GLY D 181 -14.21 -7.51 43.33
CA GLY D 181 -13.76 -6.64 44.39
C GLY D 181 -12.26 -6.48 44.42
N SER D 182 -11.69 -5.86 43.39
CA SER D 182 -10.26 -5.61 43.32
C SER D 182 -9.92 -4.16 42.96
N CYS D 183 -10.84 -3.22 43.16
CA CYS D 183 -10.54 -1.80 42.99
C CYS D 183 -10.27 -1.17 44.35
N SER D 184 -9.94 0.12 44.32
CA SER D 184 -10.25 1.04 45.39
C SER D 184 -11.31 1.98 44.84
N ILE D 185 -12.57 1.55 44.91
CA ILE D 185 -13.65 2.25 44.20
C ILE D 185 -13.77 3.67 44.75
N PRO D 186 -13.87 4.69 43.90
CA PRO D 186 -14.03 6.06 44.41
C PRO D 186 -15.29 6.18 45.27
N GLN D 187 -15.18 6.97 46.33
CA GLN D 187 -16.29 7.09 47.27
C GLN D 187 -17.50 7.73 46.61
N ASP D 188 -17.28 8.65 45.67
CA ASP D 188 -18.39 9.28 44.96
C ASP D 188 -19.17 8.25 44.14
N LEU D 189 -18.45 7.38 43.44
CA LEU D 189 -19.09 6.36 42.62
C LEU D 189 -19.23 5.06 43.40
N ARG D 190 -19.83 5.12 44.58
CA ARG D 190 -19.97 3.94 45.43
C ARG D 190 -21.40 3.41 45.49
N ASP D 191 -22.41 4.26 45.32
CA ASP D 191 -23.80 3.82 45.39
C ASP D 191 -24.36 3.40 44.05
N GLU D 192 -23.60 3.54 42.96
CA GLU D 192 -24.07 3.07 41.66
C GLU D 192 -23.36 1.80 41.21
N ILE D 193 -22.03 1.77 41.29
CA ILE D 193 -21.26 0.59 40.90
C ILE D 193 -20.98 -0.22 42.15
N LYS D 194 -21.07 -1.55 42.00
CA LYS D 194 -20.99 -2.43 43.17
C LYS D 194 -19.80 -3.37 43.11
N GLU D 195 -19.33 -3.72 41.91
CA GLU D 195 -18.31 -4.74 41.76
C GLU D 195 -17.22 -4.29 40.80
N CYS D 196 -16.03 -4.87 40.97
CA CYS D 196 -14.91 -4.69 40.07
C CYS D 196 -14.31 -6.02 39.65
N TYR D 197 -13.52 -5.94 38.57
CA TYR D 197 -12.68 -7.04 38.12
C TYR D 197 -11.44 -6.39 37.50
N ASP D 198 -10.35 -6.36 38.26
CA ASP D 198 -9.14 -5.68 37.83
C ASP D 198 -8.53 -6.39 36.62
N VAL D 199 -7.49 -5.77 36.05
CA VAL D 199 -6.72 -6.41 34.99
C VAL D 199 -6.04 -7.66 35.54
N TYR D 200 -5.66 -8.55 34.63
CA TYR D 200 -5.11 -9.83 35.04
C TYR D 200 -3.75 -9.67 35.70
N SER D 201 -3.56 -10.38 36.81
CA SER D 201 -2.29 -10.49 37.50
C SER D 201 -2.38 -11.68 38.45
N VAL D 202 -1.22 -12.19 38.86
CA VAL D 202 -1.21 -13.34 39.75
C VAL D 202 -1.83 -12.98 41.10
N SER D 203 -1.73 -11.72 41.51
CA SER D 203 -2.32 -11.29 42.76
C SER D 203 -3.83 -11.21 42.70
N SER D 204 -4.40 -10.88 41.55
CA SER D 204 -5.84 -10.74 41.38
C SER D 204 -6.51 -12.03 40.91
N GLU D 205 -5.74 -13.10 40.74
CA GLU D 205 -6.27 -14.33 40.17
C GLU D 205 -7.30 -14.95 41.11
N ASP D 206 -8.35 -15.53 40.52
CA ASP D 206 -9.42 -16.17 41.26
C ASP D 206 -9.14 -17.65 41.40
N ARG D 207 -9.49 -18.21 42.57
CA ARG D 207 -9.22 -19.61 42.86
C ARG D 207 -10.43 -20.34 43.43
N ALA D 208 -11.58 -19.70 43.54
CA ALA D 208 -12.75 -20.31 44.14
C ALA D 208 -13.64 -20.93 43.08
N PRO D 209 -14.37 -22.00 43.42
CA PRO D 209 -15.32 -22.58 42.47
C PRO D 209 -16.50 -21.65 42.24
N PHE D 210 -17.11 -21.79 41.07
CA PHE D 210 -18.25 -20.97 40.70
C PHE D 210 -19.22 -21.80 39.87
N GLY D 211 -20.48 -21.40 39.93
CA GLY D 211 -21.53 -22.10 39.20
C GLY D 211 -21.73 -23.50 39.71
N PRO D 212 -22.38 -24.35 38.91
CA PRO D 212 -22.52 -25.77 39.28
C PRO D 212 -21.18 -26.46 39.16
N ARG D 213 -20.70 -27.01 40.27
CA ARG D 213 -19.34 -27.54 40.31
C ARG D 213 -19.14 -28.67 39.32
N ASN D 214 -19.79 -29.81 39.57
CA ASN D 214 -20.00 -30.89 38.60
C ASN D 214 -18.86 -31.09 37.60
N GLY D 215 -17.62 -31.13 38.06
CA GLY D 215 -16.51 -31.44 37.19
C GLY D 215 -15.39 -30.44 37.34
N THR D 216 -14.45 -30.49 36.39
CA THR D 216 -13.24 -29.70 36.44
C THR D 216 -13.35 -28.37 35.72
N ALA D 217 -14.44 -28.11 35.01
CA ALA D 217 -14.61 -26.83 34.34
C ALA D 217 -15.01 -25.71 35.28
N TRP D 218 -15.32 -26.03 36.54
CA TRP D 218 -15.78 -25.05 37.52
C TRP D 218 -14.94 -25.11 38.79
N ILE D 219 -13.78 -25.76 38.73
CA ILE D 219 -12.91 -25.91 39.90
C ILE D 219 -11.49 -25.54 39.48
N TYR D 220 -10.85 -24.70 40.28
CA TYR D 220 -9.49 -24.26 39.98
C TYR D 220 -8.51 -25.41 40.11
N THR D 221 -7.57 -25.48 39.18
CA THR D 221 -6.53 -26.49 39.16
C THR D 221 -5.18 -25.80 39.04
N SER D 222 -4.24 -26.14 39.92
CA SER D 222 -2.96 -25.47 39.99
C SER D 222 -2.10 -25.74 38.76
N GLU D 223 -1.11 -24.88 38.52
CA GLU D 223 -0.24 -25.03 37.36
C GLU D 223 0.60 -26.30 37.42
N LYS D 224 0.77 -26.90 38.60
CA LYS D 224 1.48 -28.17 38.72
C LYS D 224 0.58 -29.35 38.39
N ASP D 225 -0.63 -29.38 38.96
CA ASP D 225 -1.59 -30.40 38.60
C ASP D 225 -2.05 -30.25 37.16
N LEU D 226 -2.45 -29.04 36.78
CA LEU D 226 -2.74 -28.76 35.38
C LEU D 226 -1.43 -28.71 34.62
N ASN D 227 -1.08 -29.81 33.99
CA ASN D 227 0.27 -30.07 33.51
C ASN D 227 0.58 -29.13 32.35
N GLY D 228 1.28 -28.05 32.63
CA GLY D 228 1.56 -27.04 31.63
C GLY D 228 2.40 -25.92 32.21
N SER D 229 2.62 -24.90 31.37
CA SER D 229 3.48 -23.79 31.71
C SER D 229 2.80 -22.48 31.32
N SER D 230 3.54 -21.38 31.47
CA SER D 230 2.99 -20.04 31.24
C SER D 230 3.04 -19.70 29.75
N HIS D 231 2.49 -18.52 29.43
CA HIS D 231 2.42 -18.05 28.05
C HIS D 231 2.41 -16.53 28.05
N TRP D 232 3.11 -15.95 27.07
CA TRP D 232 3.28 -14.51 26.97
C TRP D 232 2.30 -13.97 25.92
N GLY D 233 1.25 -13.28 26.39
CA GLY D 233 0.23 -12.76 25.52
C GLY D 233 0.46 -11.30 25.16
N ILE D 234 -0.49 -10.75 24.42
CA ILE D 234 -0.40 -9.36 23.98
C ILE D 234 -0.58 -8.39 25.14
N ILE D 235 -1.57 -8.63 25.99
CA ILE D 235 -1.85 -7.72 27.09
C ILE D 235 -0.96 -8.00 28.29
N ALA D 236 -0.85 -9.26 28.72
CA ALA D 236 -0.06 -9.60 29.88
C ALA D 236 0.52 -11.00 29.68
N THR D 237 1.15 -11.52 30.73
CA THR D 237 1.70 -12.87 30.74
C THR D 237 0.82 -13.72 31.64
N TYR D 238 0.35 -14.85 31.12
CA TYR D 238 -0.65 -15.65 31.82
C TYR D 238 -0.02 -16.85 32.51
N SER D 239 -0.64 -17.25 33.61
CA SER D 239 -0.02 -18.21 34.53
C SER D 239 0.14 -19.58 33.89
N GLY D 240 -0.91 -20.12 33.31
CA GLY D 240 -0.92 -21.48 32.82
C GLY D 240 -1.81 -22.42 33.61
N ALA D 241 -2.43 -21.96 34.67
CA ALA D 241 -3.42 -22.72 35.44
C ALA D 241 -4.80 -22.16 35.18
N GLY D 242 -5.80 -22.75 35.80
CA GLY D 242 -7.13 -22.20 35.70
C GLY D 242 -8.17 -23.32 35.60
N TYR D 243 -9.27 -22.99 34.93
CA TYR D 243 -10.41 -23.89 34.78
C TYR D 243 -10.37 -24.43 33.36
N TYR D 244 -10.25 -25.75 33.22
CA TYR D 244 -10.09 -26.39 31.94
C TYR D 244 -11.15 -27.47 31.74
N LEU D 245 -11.32 -27.88 30.48
CA LEU D 245 -12.24 -28.94 30.13
C LEU D 245 -11.70 -29.66 28.91
N ASP D 246 -11.75 -30.98 28.93
CA ASP D 246 -11.27 -31.82 27.83
C ASP D 246 -12.48 -32.22 26.99
N LEU D 247 -12.46 -31.84 25.71
CA LEU D 247 -13.56 -32.18 24.82
C LEU D 247 -13.47 -33.65 24.42
N SER D 248 -14.38 -34.07 23.54
CA SER D 248 -14.48 -35.47 23.16
C SER D 248 -13.86 -35.69 21.78
N ARG D 249 -13.98 -36.93 21.29
CA ARG D 249 -13.40 -37.33 20.02
C ARG D 249 -14.35 -37.18 18.84
N THR D 250 -15.62 -36.87 19.08
CA THR D 250 -16.62 -36.78 18.03
C THR D 250 -17.33 -35.43 18.11
N ARG D 251 -18.03 -35.08 17.03
CA ARG D 251 -18.65 -33.77 16.90
C ARG D 251 -19.82 -33.59 17.87
N GLU D 252 -20.65 -34.62 18.02
CA GLU D 252 -21.89 -34.46 18.78
C GLU D 252 -21.61 -34.19 20.26
N GLU D 253 -20.68 -34.93 20.86
CA GLU D 253 -20.41 -34.76 22.28
C GLU D 253 -19.75 -33.43 22.57
N THR D 254 -18.83 -32.98 21.71
CA THR D 254 -18.24 -31.66 21.90
C THR D 254 -19.29 -30.57 21.73
N ALA D 255 -20.20 -30.72 20.77
CA ALA D 255 -21.28 -29.75 20.60
C ALA D 255 -22.15 -29.69 21.85
N ALA D 256 -22.47 -30.85 22.41
CA ALA D 256 -23.27 -30.88 23.64
C ALA D 256 -22.53 -30.23 24.79
N GLN D 257 -21.23 -30.50 24.92
CA GLN D 257 -20.45 -29.91 26.02
C GLN D 257 -20.37 -28.39 25.88
N VAL D 258 -20.17 -27.90 24.66
CA VAL D 258 -20.12 -26.45 24.46
C VAL D 258 -21.48 -25.82 24.71
N ALA D 259 -22.56 -26.49 24.32
CA ALA D 259 -23.89 -25.97 24.62
C ALA D 259 -24.13 -25.90 26.12
N SER D 260 -23.69 -26.92 26.86
CA SER D 260 -23.83 -26.91 28.31
C SER D 260 -23.00 -25.79 28.92
N LEU D 261 -21.79 -25.58 28.41
CA LEU D 261 -20.95 -24.49 28.92
C LEU D 261 -21.57 -23.13 28.64
N LYS D 262 -22.25 -22.99 27.51
CA LYS D 262 -22.89 -21.72 27.18
C LYS D 262 -24.15 -21.50 28.01
N LYS D 263 -24.93 -22.56 28.26
CA LYS D 263 -26.15 -22.42 29.06
C LYS D 263 -25.82 -21.95 30.47
N ASN D 264 -25.10 -22.77 31.23
CA ASN D 264 -24.58 -22.36 32.53
C ASN D 264 -23.39 -21.45 32.28
N VAL D 265 -23.58 -20.14 32.47
CA VAL D 265 -22.63 -19.14 31.99
C VAL D 265 -21.22 -19.44 32.47
N TRP D 266 -20.31 -19.66 31.52
CA TRP D 266 -18.92 -19.96 31.82
C TRP D 266 -18.02 -18.75 31.68
N LEU D 267 -18.39 -17.81 30.81
CA LEU D 267 -17.65 -16.57 30.60
C LEU D 267 -18.55 -15.42 31.05
N ASP D 268 -18.24 -14.82 32.20
CA ASP D 268 -19.11 -13.76 32.72
C ASP D 268 -18.26 -12.75 33.50
N ARG D 269 -17.79 -11.73 32.78
CA ARG D 269 -17.36 -10.47 33.40
C ARG D 269 -16.12 -10.63 34.27
N GLY D 270 -15.67 -11.86 34.47
CA GLY D 270 -14.48 -12.10 35.26
C GLY D 270 -13.40 -12.76 34.44
N THR D 271 -13.81 -13.33 33.30
CA THR D 271 -12.87 -14.00 32.41
C THR D 271 -11.87 -12.99 31.86
N ARG D 272 -10.59 -13.37 31.84
CA ARG D 272 -9.54 -12.54 31.31
C ARG D 272 -8.80 -13.16 30.12
N ALA D 273 -8.88 -14.47 29.94
CA ALA D 273 -8.24 -15.13 28.82
C ALA D 273 -8.91 -16.47 28.58
N THR D 274 -8.74 -17.00 27.37
CA THR D 274 -9.27 -18.30 27.01
C THR D 274 -8.35 -18.95 26.00
N PHE D 275 -7.95 -20.19 26.28
CA PHE D 275 -7.03 -20.92 25.42
C PHE D 275 -7.74 -22.12 24.79
N ILE D 276 -7.41 -22.40 23.53
CA ILE D 276 -7.87 -23.59 22.83
C ILE D 276 -6.64 -24.28 22.26
N ASP D 277 -6.46 -25.54 22.63
CA ASP D 277 -5.25 -26.28 22.28
C ASP D 277 -5.60 -27.62 21.65
N PHE D 278 -4.89 -27.98 20.60
CA PHE D 278 -4.99 -29.29 19.96
C PHE D 278 -3.77 -29.45 19.06
N SER D 279 -3.65 -30.64 18.48
CA SER D 279 -2.51 -30.92 17.60
C SER D 279 -2.89 -32.01 16.60
N VAL D 280 -2.29 -31.94 15.42
CA VAL D 280 -2.53 -32.88 14.34
C VAL D 280 -1.20 -33.44 13.87
N TYR D 281 -1.26 -34.56 13.15
CA TYR D 281 -0.06 -35.22 12.65
C TYR D 281 -0.29 -35.67 11.23
N ASN D 282 0.42 -35.06 10.28
CA ASN D 282 0.37 -35.46 8.88
C ASN D 282 1.26 -36.66 8.67
N ALA D 283 0.73 -37.69 8.00
CA ALA D 283 1.46 -38.94 7.82
C ALA D 283 2.26 -39.00 6.52
N ASN D 284 1.83 -38.29 5.48
CA ASN D 284 2.57 -38.31 4.22
C ASN D 284 3.96 -37.73 4.40
N ILE D 285 4.09 -36.64 5.15
CA ILE D 285 5.36 -36.13 5.61
C ILE D 285 5.27 -36.05 7.13
N ASN D 286 6.17 -36.74 7.83
CA ASN D 286 6.00 -36.87 9.28
C ASN D 286 6.28 -35.54 9.97
N LEU D 287 5.21 -34.80 10.27
CA LEU D 287 5.30 -33.52 10.94
C LEU D 287 4.08 -33.34 11.82
N PHE D 288 4.31 -33.01 13.09
CA PHE D 288 3.23 -32.60 13.98
C PHE D 288 3.03 -31.09 13.85
N CYS D 289 1.83 -30.64 14.19
CA CYS D 289 1.50 -29.23 14.19
C CYS D 289 0.75 -28.91 15.48
N VAL D 290 1.23 -27.91 16.21
CA VAL D 290 0.65 -27.54 17.50
C VAL D 290 -0.09 -26.22 17.33
N VAL D 291 -1.35 -26.19 17.72
CA VAL D 291 -2.21 -25.02 17.57
C VAL D 291 -2.63 -24.55 18.95
N ARG D 292 -2.48 -23.24 19.20
CA ARG D 292 -2.86 -22.64 20.48
C ARG D 292 -3.56 -21.32 20.20
N LEU D 293 -4.88 -21.37 20.07
CA LEU D 293 -5.67 -20.16 19.88
C LEU D 293 -5.93 -19.48 21.21
N LEU D 294 -5.69 -18.17 21.26
CA LEU D 294 -5.83 -17.40 22.49
C LEU D 294 -6.72 -16.20 22.24
N VAL D 295 -7.68 -15.98 23.15
CA VAL D 295 -8.56 -14.83 23.11
C VAL D 295 -8.47 -14.13 24.46
N GLU D 296 -8.11 -12.85 24.43
CA GLU D 296 -7.92 -12.07 25.64
C GLU D 296 -9.09 -11.11 25.83
N PHE D 297 -9.61 -11.08 27.06
CA PHE D 297 -10.72 -10.19 27.42
C PHE D 297 -10.16 -9.08 28.30
N PRO D 298 -9.97 -7.88 27.76
CA PRO D 298 -9.42 -6.79 28.57
C PRO D 298 -10.42 -6.34 29.62
N ALA D 299 -9.90 -5.60 30.61
CA ALA D 299 -10.75 -5.02 31.64
C ALA D 299 -11.68 -3.95 31.11
N THR D 300 -11.47 -3.49 29.87
CA THR D 300 -12.30 -2.47 29.24
C THR D 300 -13.44 -3.04 28.42
N GLY D 301 -13.21 -4.16 27.74
CA GLY D 301 -14.24 -4.80 26.93
C GLY D 301 -13.65 -5.31 25.63
N GLY D 302 -14.45 -6.10 24.92
CA GLY D 302 -14.01 -6.65 23.66
C GLY D 302 -13.11 -7.85 23.83
N VAL D 303 -12.53 -8.29 22.72
CA VAL D 303 -11.64 -9.45 22.67
C VAL D 303 -10.45 -9.12 21.79
N ILE D 304 -9.36 -9.86 21.98
CA ILE D 304 -8.14 -9.74 21.18
C ILE D 304 -7.63 -11.14 20.86
N PRO D 305 -7.69 -11.58 19.60
CA PRO D 305 -7.30 -12.96 19.28
C PRO D 305 -5.84 -13.14 18.89
N SER D 306 -5.34 -14.37 19.01
CA SER D 306 -3.98 -14.74 18.59
C SER D 306 -3.97 -16.24 18.30
N TRP D 307 -3.14 -16.65 17.33
CA TRP D 307 -3.22 -18.03 16.85
C TRP D 307 -1.98 -18.89 17.08
N GLN D 308 -0.80 -18.45 16.62
CA GLN D 308 0.47 -19.13 16.93
C GLN D 308 0.43 -20.61 16.48
N PHE D 309 0.41 -20.79 15.17
CA PHE D 309 0.57 -22.12 14.57
C PHE D 309 2.06 -22.48 14.51
N GLN D 310 2.36 -23.75 14.80
CA GLN D 310 3.76 -24.17 14.86
C GLN D 310 3.94 -25.64 14.54
N PRO D 311 4.73 -25.98 13.52
CA PRO D 311 4.98 -27.39 13.19
C PRO D 311 6.17 -27.96 13.94
N LEU D 312 6.14 -29.28 14.12
CA LEU D 312 7.18 -29.99 14.86
C LEU D 312 7.58 -31.25 14.10
N LYS D 313 8.79 -31.74 14.39
CA LYS D 313 9.31 -32.98 13.83
C LYS D 313 9.87 -33.81 14.99
N LEU D 314 9.05 -34.72 15.52
CA LEU D 314 9.44 -35.52 16.68
C LEU D 314 10.06 -36.85 16.27
N ILE D 315 9.36 -37.64 15.46
CA ILE D 315 9.85 -38.95 15.06
C ILE D 315 10.92 -38.80 14.00
N ARG D 316 12.16 -39.08 14.36
CA ARG D 316 13.29 -39.00 13.45
C ARG D 316 13.88 -40.38 13.20
N TYR D 317 14.98 -40.41 12.46
CA TYR D 317 15.65 -41.64 12.05
C TYR D 317 14.70 -42.54 11.25
N VAL D 318 14.16 -41.96 10.17
CA VAL D 318 13.26 -42.68 9.29
C VAL D 318 13.93 -43.11 7.99
N THR D 319 14.72 -42.23 7.37
CA THR D 319 15.42 -42.54 6.13
C THR D 319 16.92 -42.35 6.35
N THR D 320 17.71 -42.70 5.33
CA THR D 320 19.15 -42.57 5.42
C THR D 320 19.57 -41.11 5.60
N PHE D 321 18.76 -40.18 5.07
CA PHE D 321 19.05 -38.76 5.21
C PHE D 321 19.10 -38.35 6.68
N ASP D 322 18.23 -38.96 7.50
CA ASP D 322 18.23 -38.67 8.93
C ASP D 322 19.53 -39.12 9.60
N PHE D 323 20.01 -40.30 9.24
CA PHE D 323 21.29 -40.77 9.79
C PHE D 323 22.44 -39.91 9.31
N PHE D 324 22.37 -39.44 8.06
CA PHE D 324 23.38 -38.50 7.57
C PHE D 324 23.38 -37.22 8.39
N LEU D 325 22.19 -36.70 8.71
CA LEU D 325 22.09 -35.52 9.55
C LEU D 325 22.63 -35.77 10.95
N ALA D 326 22.38 -36.96 11.50
CA ALA D 326 22.92 -37.30 12.81
C ALA D 326 24.45 -37.31 12.79
N ALA D 327 25.03 -37.89 11.73
CA ALA D 327 26.48 -37.88 11.59
C ALA D 327 27.01 -36.46 11.46
N CYS D 328 26.29 -35.61 10.73
CA CYS D 328 26.68 -34.21 10.62
C CYS D 328 26.64 -33.51 11.96
N GLU D 329 25.62 -33.81 12.78
CA GLU D 329 25.56 -33.24 14.12
C GLU D 329 26.76 -33.68 14.96
N ILE D 330 27.13 -34.97 14.88
CA ILE D 330 28.26 -35.47 15.66
C ILE D 330 29.55 -34.78 15.23
N ILE D 331 29.77 -34.67 13.92
CA ILE D 331 31.02 -34.07 13.45
C ILE D 331 31.03 -32.57 13.76
N PHE D 332 29.87 -31.92 13.76
CA PHE D 332 29.81 -30.51 14.17
C PHE D 332 30.18 -30.35 15.64
N CYS D 333 29.70 -31.28 16.49
CA CYS D 333 30.10 -31.27 17.89
C CYS D 333 31.61 -31.43 18.03
N PHE D 334 32.20 -32.34 17.25
CA PHE D 334 33.66 -32.50 17.28
C PHE D 334 34.36 -31.23 16.83
N PHE D 335 33.84 -30.58 15.78
CA PHE D 335 34.44 -29.36 15.27
C PHE D 335 34.45 -28.27 16.35
N ILE D 336 33.32 -28.08 17.02
CA ILE D 336 33.28 -27.00 18.01
C ILE D 336 34.09 -27.36 19.24
N PHE D 337 34.19 -28.65 19.58
CA PHE D 337 35.09 -29.05 20.65
C PHE D 337 36.53 -28.72 20.30
N TYR D 338 36.94 -29.00 19.06
CA TYR D 338 38.28 -28.65 18.62
C TYR D 338 38.50 -27.15 18.67
N TYR D 339 37.50 -26.37 18.24
CA TYR D 339 37.63 -24.92 18.28
C TYR D 339 37.79 -24.41 19.70
N VAL D 340 36.98 -24.92 20.64
CA VAL D 340 37.04 -24.41 22.00
C VAL D 340 38.33 -24.85 22.69
N VAL D 341 38.83 -26.05 22.38
CA VAL D 341 40.08 -26.48 23.01
C VAL D 341 41.26 -25.72 22.42
N GLU D 342 41.18 -25.34 21.14
CA GLU D 342 42.26 -24.56 20.54
C GLU D 342 42.18 -23.10 20.95
N GLU D 343 40.97 -22.58 21.15
CA GLU D 343 40.83 -21.20 21.57
C GLU D 343 41.34 -20.98 22.98
N ILE D 344 41.09 -21.95 23.88
CA ILE D 344 41.45 -21.76 25.28
C ILE D 344 42.97 -21.77 25.46
N LEU D 345 43.68 -22.59 24.69
CA LEU D 345 45.14 -22.60 24.80
C LEU D 345 45.77 -21.33 24.27
N GLU D 346 45.04 -20.52 23.51
CA GLU D 346 45.55 -19.28 22.95
C GLU D 346 45.31 -18.08 23.86
N ILE D 347 44.69 -18.28 25.02
CA ILE D 347 44.42 -17.22 25.99
C ILE D 347 45.09 -17.52 27.33
N ARG D 348 45.84 -18.62 27.42
CA ARG D 348 46.37 -19.10 28.69
C ARG D 348 47.26 -18.06 29.37
N ILE D 349 48.39 -17.72 28.76
CA ILE D 349 49.27 -16.69 29.29
C ILE D 349 49.57 -15.66 28.22
N HIS D 350 50.00 -16.12 27.05
CA HIS D 350 50.27 -15.23 25.92
C HIS D 350 48.98 -14.60 25.41
N LYS D 351 49.09 -13.34 24.99
CA LYS D 351 47.94 -12.52 24.60
C LYS D 351 46.92 -12.41 25.73
N LEU D 352 47.33 -11.77 26.83
CA LEU D 352 46.36 -11.39 27.86
C LEU D 352 45.42 -10.29 27.38
N HIS D 353 45.82 -9.55 26.33
CA HIS D 353 44.95 -8.61 25.64
C HIS D 353 44.24 -9.24 24.46
N TYR D 354 43.95 -10.54 24.55
CA TYR D 354 43.45 -11.33 23.42
C TYR D 354 42.17 -10.73 22.86
N PHE D 355 41.37 -10.06 23.68
CA PHE D 355 40.06 -9.55 23.27
C PHE D 355 40.24 -8.19 22.58
N ARG D 356 40.80 -8.24 21.37
CA ARG D 356 40.97 -7.04 20.56
C ARG D 356 40.88 -7.44 19.09
N SER D 357 40.91 -6.41 18.23
CA SER D 357 40.78 -6.53 16.77
C SER D 357 39.38 -6.98 16.37
N PHE D 358 38.56 -7.29 17.38
CA PHE D 358 37.15 -7.63 17.27
C PHE D 358 36.93 -9.00 16.63
N TRP D 359 37.94 -9.51 15.93
CA TRP D 359 37.78 -10.83 15.31
C TRP D 359 37.75 -11.90 16.39
N ASN D 360 38.69 -11.82 17.32
CA ASN D 360 38.60 -12.65 18.52
C ASN D 360 37.31 -12.38 19.26
N CYS D 361 36.86 -11.12 19.28
CA CYS D 361 35.62 -10.79 19.96
C CYS D 361 34.46 -11.58 19.38
N LEU D 362 34.59 -12.06 18.15
CA LEU D 362 33.58 -12.92 17.57
C LEU D 362 33.84 -14.40 17.86
N ASP D 363 35.08 -14.87 17.75
CA ASP D 363 35.27 -16.31 17.63
C ASP D 363 34.99 -17.06 18.92
N VAL D 364 35.00 -16.38 20.07
CA VAL D 364 34.55 -17.02 21.30
C VAL D 364 33.03 -17.06 21.34
N VAL D 365 32.37 -15.96 20.95
CA VAL D 365 30.91 -15.90 21.02
C VAL D 365 30.32 -17.07 20.25
N ILE D 366 30.86 -17.35 19.08
CA ILE D 366 30.41 -18.49 18.27
C ILE D 366 30.31 -19.73 19.14
N VAL D 367 31.43 -20.15 19.73
CA VAL D 367 31.43 -21.43 20.43
C VAL D 367 30.46 -21.37 21.59
N VAL D 368 30.37 -20.20 22.24
CA VAL D 368 29.40 -20.02 23.31
C VAL D 368 28.02 -20.41 22.80
N LEU D 369 27.54 -19.68 21.79
CA LEU D 369 26.23 -20.00 21.24
C LEU D 369 26.17 -21.46 20.85
N SER D 370 27.25 -21.97 20.27
CA SER D 370 27.27 -23.36 19.81
C SER D 370 26.92 -24.30 20.96
N VAL D 371 27.60 -24.16 22.09
CA VAL D 371 27.36 -25.11 23.17
C VAL D 371 25.93 -24.96 23.67
N VAL D 372 25.42 -23.74 23.68
CA VAL D 372 24.03 -23.52 24.09
C VAL D 372 23.11 -24.37 23.23
N ALA D 373 23.34 -24.36 21.91
CA ALA D 373 22.53 -25.17 21.01
C ALA D 373 22.53 -26.62 21.46
N ILE D 374 23.71 -27.18 21.75
CA ILE D 374 23.79 -28.57 22.16
C ILE D 374 22.88 -28.81 23.36
N GLY D 375 22.95 -27.91 24.33
CA GLY D 375 22.10 -28.02 25.50
C GLY D 375 20.67 -28.25 25.08
N ILE D 376 20.13 -27.31 24.30
CA ILE D 376 18.76 -27.45 23.82
C ILE D 376 18.63 -28.72 23.00
N ASN D 377 19.58 -28.95 22.11
CA ASN D 377 19.49 -30.12 21.22
C ASN D 377 19.55 -31.41 22.02
N ILE D 378 20.12 -31.37 23.23
CA ILE D 378 20.11 -32.55 24.09
C ILE D 378 18.92 -32.54 25.04
N TYR D 379 18.43 -31.37 25.42
CA TYR D 379 17.35 -31.29 26.40
C TYR D 379 15.98 -31.57 25.79
N ARG D 380 15.87 -31.53 24.46
CA ARG D 380 14.59 -31.72 23.79
C ARG D 380 14.49 -33.01 23.00
N THR D 381 15.60 -33.68 22.72
CA THR D 381 15.54 -34.93 21.97
C THR D 381 15.46 -36.15 22.88
N SER D 382 15.98 -36.01 24.11
CA SER D 382 15.98 -37.12 25.06
C SER D 382 14.74 -37.15 25.93
N ASN D 383 13.81 -36.21 25.75
CA ASN D 383 12.61 -36.11 26.55
C ASN D 383 11.36 -36.12 25.67
N VAL D 384 11.37 -36.94 24.62
CA VAL D 384 10.23 -37.04 23.73
C VAL D 384 9.37 -38.24 24.12
N GLU D 385 10.01 -39.38 24.38
CA GLU D 385 9.27 -40.59 24.73
C GLU D 385 8.57 -40.47 26.06
N VAL D 386 9.16 -39.78 27.04
CA VAL D 386 8.46 -39.52 28.30
C VAL D 386 7.22 -38.68 28.08
N LEU D 387 7.11 -38.04 26.92
CA LEU D 387 5.95 -37.24 26.57
C LEU D 387 5.18 -37.75 25.37
N LEU D 388 5.80 -38.58 24.52
CA LEU D 388 5.09 -39.23 23.42
C LEU D 388 4.39 -40.50 23.85
N GLN D 389 4.45 -40.86 25.14
CA GLN D 389 3.71 -41.99 25.67
C GLN D 389 2.21 -41.91 25.40
N PHE D 390 1.74 -40.76 24.90
CA PHE D 390 0.41 -40.66 24.33
C PHE D 390 0.08 -41.82 23.41
N LEU D 391 1.10 -42.41 22.76
CA LEU D 391 0.84 -43.52 21.84
C LEU D 391 0.15 -44.68 22.53
N GLU D 392 0.37 -44.88 23.84
CA GLU D 392 -0.28 -45.98 24.53
C GLU D 392 -1.73 -45.68 24.87
N ASP D 393 -2.13 -44.42 24.88
CA ASP D 393 -3.50 -44.03 25.21
C ASP D 393 -3.92 -42.88 24.29
N GLN D 394 -4.65 -43.19 23.23
CA GLN D 394 -5.14 -42.17 22.30
C GLN D 394 -6.52 -41.68 22.69
N ASN D 395 -6.69 -41.29 23.96
CA ASN D 395 -7.97 -40.77 24.42
C ASN D 395 -7.80 -39.61 25.38
N THR D 396 -6.61 -39.01 25.45
CA THR D 396 -6.35 -37.90 26.35
C THR D 396 -5.81 -36.70 25.58
N PHE D 397 -5.43 -35.66 26.29
CA PHE D 397 -4.88 -34.46 25.66
C PHE D 397 -3.36 -34.52 25.69
N PRO D 398 -2.69 -34.57 24.55
CA PRO D 398 -1.22 -34.60 24.56
C PRO D 398 -0.60 -33.21 24.70
N ASN D 399 0.25 -33.04 25.70
CA ASN D 399 0.91 -31.76 25.94
C ASN D 399 2.13 -31.66 25.03
N PHE D 400 2.10 -30.72 24.09
CA PHE D 400 3.21 -30.49 23.18
C PHE D 400 3.74 -29.06 23.24
N GLU D 401 3.31 -28.27 24.22
CA GLU D 401 3.73 -26.88 24.29
C GLU D 401 5.23 -26.74 24.53
N HIS D 402 5.77 -27.57 25.44
CA HIS D 402 7.19 -27.45 25.76
C HIS D 402 8.06 -27.79 24.56
N LEU D 403 7.69 -28.83 23.81
CA LEU D 403 8.46 -29.21 22.64
C LEU D 403 8.47 -28.09 21.61
N ALA D 404 7.32 -27.46 21.38
CA ALA D 404 7.26 -26.35 20.43
C ALA D 404 8.09 -25.17 20.91
N TYR D 405 8.03 -24.85 22.21
CA TYR D 405 8.79 -23.75 22.74
C TYR D 405 10.29 -23.97 22.55
N TRP D 406 10.76 -25.18 22.87
CA TRP D 406 12.18 -25.45 22.75
C TRP D 406 12.61 -25.55 21.29
N GLN D 407 11.72 -26.02 20.41
CA GLN D 407 12.01 -25.98 18.98
C GLN D 407 12.20 -24.56 18.49
N ILE D 408 11.34 -23.64 18.92
CA ILE D 408 11.48 -22.25 18.52
C ILE D 408 12.79 -21.68 19.03
N GLN D 409 13.13 -21.95 20.29
CA GLN D 409 14.39 -21.46 20.84
C GLN D 409 15.58 -21.99 20.07
N PHE D 410 15.57 -23.28 19.75
CA PHE D 410 16.66 -23.87 18.99
C PHE D 410 16.77 -23.25 17.60
N ASN D 411 15.63 -23.01 16.95
CA ASN D 411 15.65 -22.38 15.64
C ASN D 411 16.30 -21.00 15.69
N ASN D 412 15.90 -20.19 16.67
CA ASN D 412 16.47 -18.86 16.80
C ASN D 412 17.98 -18.92 17.05
N ILE D 413 18.40 -19.80 17.96
CA ILE D 413 19.82 -19.90 18.29
C ILE D 413 20.62 -20.33 17.07
N ALA D 414 20.12 -21.34 16.35
CA ALA D 414 20.84 -21.83 15.18
C ALA D 414 20.95 -20.77 14.09
N ALA D 415 19.86 -20.01 13.87
CA ALA D 415 19.91 -18.94 12.87
C ALA D 415 20.95 -17.89 13.25
N VAL D 416 20.99 -17.49 14.52
CA VAL D 416 21.96 -16.50 14.94
C VAL D 416 23.38 -17.02 14.76
N THR D 417 23.63 -18.28 15.14
CA THR D 417 24.96 -18.84 15.00
C THR D 417 25.40 -18.89 13.54
N VAL D 418 24.52 -19.30 12.64
CA VAL D 418 24.94 -19.39 11.24
C VAL D 418 25.16 -17.99 10.67
N PHE D 419 24.37 -17.00 11.08
CA PHE D 419 24.61 -15.64 10.62
C PHE D 419 26.00 -15.17 11.05
N PHE D 420 26.35 -15.39 12.31
CA PHE D 420 27.66 -14.94 12.78
C PHE D 420 28.80 -15.71 12.12
N VAL D 421 28.61 -17.02 11.93
CA VAL D 421 29.63 -17.81 11.24
C VAL D 421 29.84 -17.29 9.82
N TRP D 422 28.75 -16.95 9.13
CA TRP D 422 28.87 -16.43 7.77
C TRP D 422 29.61 -15.10 7.75
N ILE D 423 29.28 -14.20 8.68
CA ILE D 423 29.95 -12.90 8.64
C ILE D 423 31.39 -13.00 9.11
N LYS D 424 31.75 -14.09 9.80
CA LYS D 424 33.16 -14.24 10.19
C LYS D 424 34.09 -14.56 8.99
N LEU D 425 33.58 -14.60 7.76
CA LEU D 425 34.41 -14.99 6.62
C LEU D 425 35.43 -13.91 6.26
N PHE D 426 35.19 -12.66 6.65
CA PHE D 426 36.07 -11.57 6.25
C PHE D 426 37.49 -11.76 6.78
N LYS D 427 37.67 -12.58 7.81
CA LYS D 427 38.97 -12.76 8.46
C LYS D 427 40.02 -13.26 7.48
N PHE D 428 39.59 -13.97 6.44
CA PHE D 428 40.52 -14.63 5.52
C PHE D 428 40.73 -13.83 4.23
N ILE D 429 39.69 -13.19 3.70
CA ILE D 429 39.84 -12.36 2.51
C ILE D 429 40.71 -11.13 2.78
N ASN D 430 40.90 -10.77 4.05
CA ASN D 430 41.73 -9.61 4.39
C ASN D 430 43.21 -9.90 4.20
N PHE D 431 43.61 -11.17 4.19
CA PHE D 431 45.03 -11.49 4.15
C PHE D 431 45.67 -11.12 2.82
N ASN D 432 44.85 -11.02 1.78
CA ASN D 432 45.32 -10.68 0.45
C ASN D 432 45.88 -9.26 0.37
N ARG D 433 45.12 -8.36 -0.26
CA ARG D 433 45.53 -6.97 -0.40
C ARG D 433 44.34 -6.02 -0.34
N THR D 434 43.48 -6.23 0.64
CA THR D 434 42.29 -5.39 0.80
C THR D 434 42.42 -4.50 2.03
N MET D 435 43.63 -4.39 2.56
CA MET D 435 43.90 -3.58 3.74
C MET D 435 43.37 -2.15 3.57
N SER D 436 43.85 -1.47 2.53
CA SER D 436 43.42 -0.11 2.26
C SER D 436 41.93 -0.04 2.02
N GLN D 437 41.45 -0.86 1.09
CA GLN D 437 40.03 -0.91 0.75
C GLN D 437 39.17 -1.13 1.99
N LEU D 438 39.51 -2.16 2.77
CA LEU D 438 38.77 -2.48 3.98
C LEU D 438 39.45 -1.84 5.19
N SER D 439 40.56 -2.42 5.60
CA SER D 439 41.31 -1.91 6.76
C SER D 439 41.07 -0.42 6.96
N THR D 440 41.47 0.38 5.97
CA THR D 440 41.32 1.83 6.04
C THR D 440 39.88 2.22 6.36
N THR D 441 38.93 1.63 5.65
CA THR D 441 37.52 1.92 5.85
C THR D 441 37.13 1.72 7.32
N MET D 442 37.24 0.47 7.78
CA MET D 442 36.88 0.15 9.16
C MET D 442 37.67 0.95 10.21
N SER D 443 38.80 1.52 9.82
CA SER D 443 39.62 2.31 10.71
C SER D 443 39.37 3.80 10.54
N ARG D 444 38.64 4.17 9.49
CA ARG D 444 38.38 5.59 9.26
C ARG D 444 36.96 5.98 9.62
N CYS D 445 36.40 5.30 10.61
CA CYS D 445 35.05 5.61 11.05
C CYS D 445 34.81 5.21 12.50
N ALA D 446 35.83 4.75 13.21
CA ALA D 446 35.65 4.26 14.58
C ALA D 446 35.13 5.36 15.48
N LYS D 447 35.69 6.56 15.36
CA LYS D 447 35.23 7.71 16.12
C LYS D 447 34.62 8.79 15.23
N ASP D 448 34.32 8.47 13.97
CA ASP D 448 33.69 9.41 13.06
C ASP D 448 32.22 9.07 12.83
N LEU D 449 31.92 7.89 12.31
CA LEU D 449 30.53 7.48 12.16
C LEU D 449 29.89 7.26 13.53
N PHE D 450 30.63 6.68 14.46
CA PHE D 450 30.15 6.50 15.83
C PHE D 450 30.40 7.71 16.70
N GLY D 451 30.90 8.81 16.16
CA GLY D 451 31.14 10.00 16.96
C GLY D 451 30.18 11.13 16.63
N PHE D 452 29.81 11.26 15.36
CA PHE D 452 28.82 12.25 14.94
C PHE D 452 27.39 11.76 15.10
N ALA D 453 27.18 10.50 15.44
CA ALA D 453 25.86 9.90 15.47
C ALA D 453 25.15 10.08 16.80
N ILE D 454 25.78 10.72 17.78
CA ILE D 454 25.09 10.95 19.06
C ILE D 454 23.92 11.90 18.87
N MET D 455 24.10 12.97 18.09
CA MET D 455 23.01 13.92 17.87
C MET D 455 21.82 13.30 17.17
N PRO D 456 21.97 12.60 16.04
CA PRO D 456 20.80 11.93 15.46
C PRO D 456 20.18 10.89 16.38
N PHE D 457 21.00 10.17 17.14
CA PHE D 457 20.45 9.17 18.05
C PHE D 457 19.61 9.81 19.14
N ILE D 458 20.02 10.96 19.66
CA ILE D 458 19.22 11.65 20.66
C ILE D 458 17.95 12.23 20.05
N ILE D 459 18.05 12.84 18.86
CA ILE D 459 16.87 13.42 18.24
C ILE D 459 15.85 12.35 17.89
N PHE D 460 16.32 11.18 17.47
CA PHE D 460 15.42 10.08 17.15
C PHE D 460 14.59 9.67 18.37
N LEU D 461 15.24 9.51 19.52
CA LEU D 461 14.53 9.11 20.73
C LEU D 461 13.61 10.23 21.22
N ALA D 462 14.03 11.48 21.07
CA ALA D 462 13.16 12.60 21.45
C ALA D 462 11.89 12.60 20.62
N TYR D 463 12.03 12.40 19.31
CA TYR D 463 10.86 12.35 18.45
C TYR D 463 9.98 11.16 18.77
N ALA D 464 10.60 10.01 19.08
CA ALA D 464 9.80 8.84 19.48
C ALA D 464 9.01 9.12 20.74
N GLN D 465 9.63 9.77 21.73
CA GLN D 465 8.94 10.12 22.96
C GLN D 465 7.77 11.07 22.68
N LEU D 466 8.02 12.07 21.83
CA LEU D 466 6.96 13.03 21.48
C LEU D 466 5.80 12.33 20.79
N ALA D 467 6.10 11.44 19.84
CA ALA D 467 5.04 10.72 19.14
C ALA D 467 4.26 9.81 20.07
N TYR D 468 4.95 9.13 20.98
CA TYR D 468 4.27 8.26 21.93
C TYR D 468 3.36 9.06 22.86
N LEU D 469 3.79 10.25 23.26
CA LEU D 469 2.96 11.05 24.15
C LEU D 469 1.77 11.67 23.43
N VAL D 470 1.98 12.17 22.21
CA VAL D 470 0.88 12.81 21.47
C VAL D 470 -0.08 11.75 20.96
N PHE D 471 0.41 10.84 20.12
CA PHE D 471 -0.38 9.73 19.62
C PHE D 471 -0.35 8.61 20.65
N GLY D 472 -0.75 7.41 20.27
CA GLY D 472 -0.68 6.26 21.13
C GLY D 472 -1.96 5.96 21.89
N THR D 473 -2.89 6.91 21.92
CA THR D 473 -4.23 6.67 22.43
C THR D 473 -5.25 6.53 21.30
N GLN D 474 -4.85 6.80 20.05
CA GLN D 474 -5.77 6.77 18.92
C GLN D 474 -5.23 5.93 17.78
N VAL D 475 -3.91 5.76 17.72
CA VAL D 475 -3.24 5.08 16.61
C VAL D 475 -2.56 3.84 17.15
N ASP D 476 -2.81 2.69 16.51
CA ASP D 476 -2.20 1.44 16.95
C ASP D 476 -0.70 1.39 16.72
N ASP D 477 -0.20 2.15 15.75
CA ASP D 477 1.22 2.15 15.42
C ASP D 477 2.05 2.97 16.39
N PHE D 478 1.41 3.71 17.29
CA PHE D 478 2.12 4.59 18.20
C PHE D 478 1.86 4.28 19.67
N SER D 479 1.16 3.20 19.98
CA SER D 479 1.09 2.70 21.34
C SER D 479 2.38 1.95 21.65
N THR D 480 2.48 1.37 22.85
CA THR D 480 3.56 0.47 23.24
C THR D 480 4.92 0.99 22.80
N PHE D 481 5.40 2.04 23.49
CA PHE D 481 6.42 2.98 23.03
C PHE D 481 7.48 2.41 22.10
N GLN D 482 7.99 1.22 22.38
CA GLN D 482 9.01 0.64 21.51
C GLN D 482 8.53 0.56 20.07
N GLU D 483 7.25 0.25 19.87
CA GLU D 483 6.73 0.15 18.50
C GLU D 483 6.86 1.48 17.76
N CYS D 484 6.69 2.60 18.48
CA CYS D 484 6.91 3.91 17.88
C CYS D 484 8.26 3.96 17.18
N ILE D 485 9.30 3.45 17.86
CA ILE D 485 10.63 3.37 17.25
C ILE D 485 10.53 2.75 15.86
N PHE D 486 9.96 1.54 15.80
CA PHE D 486 9.85 0.84 14.53
C PHE D 486 9.07 1.66 13.53
N THR D 487 7.99 2.32 13.98
CA THR D 487 7.20 3.12 13.06
C THR D 487 8.05 4.19 12.40
N GLN D 488 8.94 4.83 13.17
CA GLN D 488 9.79 5.85 12.58
C GLN D 488 10.70 5.25 11.52
N PHE D 489 11.22 4.04 11.76
CA PHE D 489 12.03 3.37 10.75
C PHE D 489 11.25 3.17 9.47
N ARG D 490 9.94 2.96 9.57
CA ARG D 490 9.12 2.79 8.38
C ARG D 490 8.70 4.10 7.76
N ILE D 491 8.84 5.22 8.48
CA ILE D 491 8.48 6.51 7.89
C ILE D 491 9.61 7.02 7.00
N ILE D 492 10.86 6.82 7.42
CA ILE D 492 11.99 7.25 6.62
C ILE D 492 12.03 6.49 5.30
N LEU D 493 11.82 5.18 5.35
CA LEU D 493 11.89 4.37 4.13
C LEU D 493 10.76 4.69 3.17
N GLY D 494 9.55 4.89 3.69
CA GLY D 494 8.44 5.25 2.84
C GLY D 494 7.14 4.53 3.15
N ASP D 495 7.14 3.71 4.20
CA ASP D 495 5.93 3.00 4.63
C ASP D 495 5.17 3.93 5.57
N ILE D 496 4.20 4.66 5.02
CA ILE D 496 3.50 5.72 5.76
C ILE D 496 2.00 5.44 5.73
N ASN D 497 1.35 5.78 6.84
CA ASN D 497 -0.09 5.68 7.02
C ASN D 497 -0.65 7.03 7.44
N PHE D 498 -0.29 8.06 6.67
CA PHE D 498 -0.53 9.45 7.05
C PHE D 498 -1.98 9.77 7.33
N ALA D 499 -2.92 9.02 6.75
CA ALA D 499 -4.33 9.34 6.91
C ALA D 499 -4.75 9.31 8.39
N GLU D 500 -4.44 8.21 9.08
CA GLU D 500 -4.84 8.09 10.47
C GLU D 500 -4.06 9.03 11.38
N ILE D 501 -2.78 9.27 11.07
CA ILE D 501 -2.00 10.22 11.86
C ILE D 501 -2.59 11.61 11.78
N GLU D 502 -2.95 12.04 10.57
CA GLU D 502 -3.57 13.35 10.42
C GLU D 502 -4.96 13.41 11.03
N GLU D 503 -5.71 12.30 10.95
CA GLU D 503 -7.05 12.27 11.52
C GLU D 503 -6.99 12.36 13.04
N ALA D 504 -6.02 11.70 13.68
CA ALA D 504 -5.95 11.69 15.14
C ALA D 504 -5.72 13.09 15.70
N ASN D 505 -4.80 13.84 15.11
CA ASN D 505 -4.50 15.21 15.53
C ASN D 505 -4.28 16.04 14.28
N ARG D 506 -5.17 16.99 14.03
CA ARG D 506 -5.13 17.75 12.78
C ARG D 506 -4.10 18.87 12.78
N VAL D 507 -3.48 19.18 13.92
CA VAL D 507 -2.48 20.23 14.01
C VAL D 507 -1.10 19.65 14.31
N LEU D 508 -0.97 18.85 15.36
CA LEU D 508 0.32 18.31 15.74
C LEU D 508 0.78 17.19 14.82
N GLY D 509 -0.14 16.48 14.18
CA GLY D 509 0.21 15.37 13.33
C GLY D 509 1.08 15.76 12.14
N PRO D 510 0.55 16.60 11.25
CA PRO D 510 1.35 17.06 10.12
C PRO D 510 2.62 17.80 10.54
N ILE D 511 2.56 18.58 11.62
CA ILE D 511 3.75 19.27 12.10
C ILE D 511 4.83 18.25 12.47
N TYR D 512 4.46 17.24 13.25
CA TYR D 512 5.40 16.20 13.63
C TYR D 512 5.98 15.51 12.40
N PHE D 513 5.10 15.14 11.46
CA PHE D 513 5.56 14.41 10.29
C PHE D 513 6.57 15.20 9.48
N THR D 514 6.21 16.44 9.13
CA THR D 514 7.09 17.26 8.28
C THR D 514 8.38 17.59 9.00
N THR D 515 8.30 18.00 10.27
CA THR D 515 9.51 18.35 11.00
C THR D 515 10.44 17.16 11.15
N PHE D 516 9.88 15.98 11.42
CA PHE D 516 10.71 14.78 11.56
C PHE D 516 11.41 14.45 10.25
N VAL D 517 10.66 14.38 9.15
CA VAL D 517 11.26 13.98 7.88
C VAL D 517 12.20 15.04 7.35
N PHE D 518 12.07 16.30 7.79
CA PHE D 518 13.01 17.31 7.35
C PHE D 518 14.27 17.31 8.20
N PHE D 519 14.11 17.27 9.52
CA PHE D 519 15.25 17.34 10.42
C PHE D 519 16.14 16.12 10.31
N MET D 520 15.56 14.94 10.10
CA MET D 520 16.40 13.74 9.94
C MET D 520 17.38 13.90 8.79
N PHE D 521 16.87 14.28 7.62
CA PHE D 521 17.74 14.44 6.46
C PHE D 521 18.69 15.61 6.64
N PHE D 522 18.23 16.69 7.27
CA PHE D 522 19.09 17.84 7.50
C PHE D 522 20.30 17.46 8.35
N ILE D 523 20.07 16.73 9.45
CA ILE D 523 21.19 16.36 10.30
C ILE D 523 22.05 15.29 9.66
N LEU D 524 21.46 14.42 8.81
CA LEU D 524 22.28 13.45 8.10
C LEU D 524 23.24 14.15 7.12
N LEU D 525 22.74 15.15 6.39
CA LEU D 525 23.61 15.93 5.52
C LEU D 525 24.67 16.68 6.33
N ASN D 526 24.30 17.23 7.49
CA ASN D 526 25.31 17.86 8.34
C ASN D 526 26.39 16.87 8.74
N MET D 527 25.99 15.66 9.14
CA MET D 527 26.96 14.62 9.45
C MET D 527 27.90 14.38 8.29
N PHE D 528 27.35 14.16 7.10
CA PHE D 528 28.17 13.79 5.95
C PHE D 528 29.13 14.91 5.58
N LEU D 529 28.64 16.15 5.55
CA LEU D 529 29.50 17.29 5.27
C LEU D 529 30.59 17.43 6.31
N ALA D 530 30.25 17.24 7.58
CA ALA D 530 31.25 17.37 8.64
C ALA D 530 32.33 16.32 8.50
N ILE D 531 31.96 15.08 8.16
CA ILE D 531 32.96 14.03 7.97
C ILE D 531 33.87 14.38 6.81
N ILE D 532 33.28 14.80 5.69
CA ILE D 532 34.06 15.15 4.52
C ILE D 532 35.02 16.29 4.81
N ASN D 533 34.49 17.41 5.26
CA ASN D 533 35.31 18.57 5.57
C ASN D 533 36.42 18.24 6.54
N ASP D 534 36.05 17.76 7.71
CA ASP D 534 37.01 17.40 8.75
C ASP D 534 38.10 16.48 8.24
N THR D 535 37.71 15.34 7.67
CA THR D 535 38.67 14.38 7.14
C THR D 535 39.62 15.04 6.15
N TYR D 536 39.07 15.77 5.21
CA TYR D 536 39.86 16.44 4.19
C TYR D 536 40.91 17.35 4.83
N SER D 537 40.47 18.21 5.74
CA SER D 537 41.37 19.13 6.42
C SER D 537 42.47 18.41 7.19
N GLU D 538 42.09 17.33 7.86
CA GLU D 538 43.03 16.54 8.65
C GLU D 538 44.09 15.89 7.76
N VAL D 539 43.68 15.45 6.58
CA VAL D 539 44.60 14.82 5.65
C VAL D 539 45.16 15.79 4.62
N LYS D 540 44.97 17.08 4.87
CA LYS D 540 45.46 18.12 3.97
C LYS D 540 46.87 18.56 4.37
C1 NAG E . -37.86 31.11 0.74
C2 NAG E . -39.32 30.68 0.66
C3 NAG E . -39.93 31.12 -0.66
C4 NAG E . -39.73 32.61 -0.87
C5 NAG E . -38.24 32.96 -0.74
C6 NAG E . -37.98 34.45 -0.82
C7 NAG E . -39.73 28.66 2.00
C8 NAG E . -39.83 27.17 1.99
N2 NAG E . -39.46 29.24 0.84
O3 NAG E . -41.32 30.81 -0.68
O4 NAG E . -40.18 32.99 -2.17
O5 NAG E . -37.77 32.53 0.54
O6 NAG E . -39.07 35.14 -1.41
O7 NAG E . -39.90 29.32 3.03
C1 NAG F . -46.20 18.48 19.24
C2 NAG F . -46.26 17.17 20.03
C3 NAG F . -45.76 16.01 19.18
C4 NAG F . -46.55 15.94 17.87
C5 NAG F . -46.46 17.29 17.14
C6 NAG F . -47.32 17.33 15.90
C7 NAG F . -46.04 17.46 22.46
C8 NAG F . -45.09 17.54 23.62
N2 NAG F . -45.49 17.28 21.26
O3 NAG F . -45.91 14.80 19.89
O4 NAG F . -46.01 14.93 17.04
O5 NAG F . -46.94 18.33 18.01
O6 NAG F . -48.69 17.54 16.22
O7 NAG F . -47.26 17.58 22.60
C1 NAG G . -25.38 25.45 32.51
C2 NAG G . -26.44 24.31 32.43
C3 NAG G . -27.48 24.49 33.53
C4 NAG G . -26.83 24.60 34.90
C5 NAG G . -25.85 25.77 34.88
C6 NAG G . -25.11 25.94 36.19
C7 NAG G . -27.40 23.17 30.47
C8 NAG G . -27.00 21.89 31.12
N2 NAG G . -27.10 24.29 31.13
O3 NAG G . -28.39 23.38 33.51
O4 NAG G . -27.81 24.82 35.89
O5 NAG G . -24.87 25.54 33.87
O6 NAG G . -25.67 25.13 37.21
O7 NAG G . -27.97 23.21 29.38
CA CA H . 11.36 5.02 -0.47
C1 AQV I . -4.30 18.82 -24.26
C2 AQV I . -3.16 19.83 -24.52
C3 AQV I . -2.72 20.14 -25.95
C4 AQV I . -3.42 19.44 -27.11
C5 AQV I . -4.53 18.44 -26.83
C6 AQV I . -4.96 18.14 -25.38
N1 AQV I . -6.00 17.34 -23.33
N2 AQV I . -9.12 15.45 -22.16
O1 AQV I . -8.57 16.90 -23.85
C7 AQV I . -4.94 18.32 -22.97
C8 AQV I . -6.03 17.21 -24.81
C9 AQV I . -6.81 16.64 -22.36
C10 AQV I . -8.22 16.37 -22.87
C11 AQV I . -10.57 15.14 -22.60
C12 AQV I . -11.03 13.70 -22.38
C13 AQV I . -10.14 12.76 -21.59
C14 AQV I . -9.35 13.37 -20.55
C15 AQV I . -8.82 14.72 -20.86
O2 AQV I . -6.75 16.52 -25.44
O3 AQV I . -4.65 18.64 -21.87
C16 AQV I . -7.97 15.44 -19.80
C17 AQV I . -7.66 14.75 -18.46
C18 AQV I . -8.20 13.34 -18.17
C19 AQV I . -9.06 12.63 -19.23
C20 AQV I . -11.05 11.62 -20.92
C22 AQV I . -11.45 16.14 -21.83
C21 AQV I . -10.77 15.39 -24.10
H1 AQV I . -2.66 20.34 -23.69
H2 AQV I . -1.93 20.85 -26.14
H3 AQV I . -3.12 19.65 -28.13
H4 AQV I . -5.04 17.94 -27.65
H5 AQV I . -6.36 15.69 -22.10
H6 AQV I . -6.84 17.26 -21.47
H7 AQV I . -11.06 13.24 -23.36
H8 AQV I . -12.01 13.70 -21.93
H9 AQV I . -9.45 12.30 -22.28
H10 AQV I . -7.59 16.42 -19.99
H11 AQV I . -7.05 15.25 -17.72
H12 AQV I . -7.99 12.84 -17.24
H13 AQV I . -9.45 11.65 -19.04
H14 AQV I . -11.84 11.34 -21.60
H15 AQV I . -10.43 10.75 -20.70
H16 AQV I . -11.48 11.99 -20.00
H17 AQV I . -11.50 17.07 -22.39
H18 AQV I . -12.45 15.75 -21.71
H19 AQV I . -11.00 16.35 -20.87
H20 AQV I . -11.70 14.94 -24.43
H21 AQV I . -10.80 16.45 -24.33
H22 AQV I . -9.94 14.94 -24.66
C1 NAG J . -21.64 -9.67 -42.89
C2 NAG J . -22.97 -10.41 -43.03
C3 NAG J . -22.74 -11.78 -43.67
C4 NAG J . -21.98 -11.64 -44.98
C5 NAG J . -20.70 -10.85 -44.76
C6 NAG J . -19.95 -10.59 -46.04
C7 NAG J . -24.57 -9.71 -41.31
C8 NAG J . -25.14 -10.00 -39.96
N2 NAG J . -23.63 -10.55 -41.74
O3 NAG J . -23.99 -12.42 -43.89
O4 NAG J . -21.67 -12.93 -45.50
O5 NAG J . -21.00 -9.59 -44.17
O6 NAG J . -20.37 -11.45 -47.09
O7 NAG J . -24.94 -8.75 -41.98
C1 NAG K . -40.91 1.48 -34.22
C2 NAG K . -41.74 1.96 -33.02
C3 NAG K . -41.33 1.21 -31.76
C4 NAG K . -41.43 -0.29 -31.98
C5 NAG K . -40.61 -0.70 -33.20
C6 NAG K . -40.75 -2.15 -33.56
C7 NAG K . -42.53 4.28 -33.22
C8 NAG K . -42.22 5.71 -32.93
N2 NAG K . -41.59 3.39 -32.83
O3 NAG K . -42.18 1.60 -30.68
O4 NAG K . -40.96 -0.99 -30.84
O5 NAG K . -41.04 0.06 -34.35
O6 NAG K . -41.97 -2.40 -34.25
O7 NAG K . -43.57 3.93 -33.75
C1 NAG L . -27.01 23.02 -32.96
C2 NAG L . -28.24 22.33 -32.31
C3 NAG L . -29.53 22.93 -32.85
C4 NAG L . -29.54 24.45 -32.72
C5 NAG L . -28.33 25.01 -33.44
C6 NAG L . -28.23 26.52 -33.33
C7 NAG L . -28.57 19.99 -31.61
C8 NAG L . -28.94 20.53 -30.26
N2 NAG L . -28.22 20.89 -32.54
O3 NAG L . -30.65 22.37 -32.16
O4 NAG L . -30.73 24.98 -33.28
O5 NAG L . -27.15 24.47 -32.86
O6 NAG L . -29.41 27.08 -32.77
O7 NAG L . -28.55 18.79 -31.84
C1 AQV M . 13.30 -20.48 -19.10
C2 AQV M . 14.70 -20.08 -19.62
C3 AQV M . 15.78 -21.14 -19.74
C4 AQV M . 15.49 -22.58 -19.34
C5 AQV M . 14.10 -22.95 -18.83
C6 AQV M . 13.01 -21.87 -18.72
N1 AQV M . 10.98 -20.58 -18.34
N2 AQV M . 7.24 -21.11 -17.75
O1 AQV M . 8.92 -22.18 -18.89
C7 AQV M . 12.03 -19.67 -18.86
C8 AQV M . 11.57 -21.95 -18.24
C9 AQV M . 9.64 -20.15 -18.00
C10 AQV M . 8.60 -21.22 -18.27
C11 AQV M . 6.11 -22.15 -18.00
C12 AQV M . 5.15 -22.38 -16.83
C13 AQV M . 5.24 -21.46 -15.62
C14 AQV M . 5.64 -20.10 -15.89
C15 AQV M . 6.67 -19.95 -16.96
O2 AQV M . 11.01 -22.92 -17.87
O3 AQV M . 11.90 -18.51 -19.06
C16 AQV M . 7.15 -18.51 -17.31
C17 AQV M . 6.60 -17.30 -16.54
C18 AQV M . 5.54 -17.50 -15.43
C19 AQV M . 5.07 -18.91 -15.10
C20 AQV M . 3.81 -21.41 -14.90
C22 AQV M . 5.37 -21.65 -19.25
C21 AQV M . 6.69 -23.54 -18.30
H1 AQV M . 14.91 -19.05 -19.89
H2 AQV M . 16.78 -20.88 -20.11
H3 AQV M . 16.25 -23.34 -19.43
H4 AQV M . 13.87 -23.97 -18.56
H5 AQV M . 9.44 -19.27 -18.60
H6 AQV M . 9.60 -19.89 -16.95
H7 AQV M . 5.41 -23.35 -16.42
H8 AQV M . 4.14 -22.37 -17.19
H9 AQV M . 5.96 -21.88 -14.95
H10 AQV M . 7.88 -18.38 -18.08
H11 AQV M . 6.93 -16.31 -16.78
H12 AQV M . 5.15 -16.65 -14.90
H13 AQV M . 4.32 -19.07 -14.32
H14 AQV M . 3.35 -22.39 -14.93
H15 AQV M . 3.93 -21.11 -13.86
H16 AQV M . 3.15 -20.70 -15.40
H17 AQV M . 4.34 -21.95 -19.22
H18 AQV M . 5.45 -20.58 -19.30
H19 AQV M . 5.83 -22.08 -20.13
H20 AQV M . 5.91 -24.28 -18.24
H21 AQV M . 7.11 -23.58 -19.30
H22 AQV M . 7.47 -23.77 -17.58
C1 NAG N . -2.45 -48.94 0.94
C2 NAG N . -3.75 -49.73 1.14
C3 NAG N . -3.74 -50.43 2.49
C4 NAG N . -2.48 -51.28 2.64
C5 NAG N . -1.24 -50.42 2.39
C6 NAG N . 0.04 -51.23 2.40
C7 NAG N . -5.60 -48.71 -0.10
C8 NAG N . -6.78 -47.78 -0.04
N2 NAG N . -4.91 -48.86 1.02
O3 NAG N . -4.89 -51.24 2.62
O4 NAG N . -2.41 -51.83 3.95
O5 NAG N . -1.33 -49.82 1.09
O6 NAG N . -0.14 -52.48 3.05
O7 NAG N . -5.31 -49.31 -1.13
C1 NAG O . -18.66 -47.18 -16.54
C2 NAG O . -19.71 -46.36 -17.29
C3 NAG O . -20.18 -45.18 -16.44
C4 NAG O . -20.66 -45.67 -15.08
C5 NAG O . -19.57 -46.49 -14.40
C6 NAG O . -20.02 -47.11 -13.10
C7 NAG O . -19.51 -46.47 -19.74
C8 NAG O . -18.90 -45.86 -20.96
N2 NAG O . -19.20 -45.89 -18.56
O3 NAG O . -21.23 -44.50 -17.11
O4 NAG O . -21.00 -44.56 -14.25
O5 NAG O . -19.18 -47.58 -15.26
O6 NAG O . -20.82 -48.28 -13.32
O7 NAG O . -20.26 -47.44 -19.80
C1 NAG P . -0.48 -36.86 -31.43
C2 NAG P . -2.03 -36.88 -31.25
C3 NAG P . -2.67 -37.81 -32.28
C4 NAG P . -2.22 -37.47 -33.69
C5 NAG P . -0.70 -37.53 -33.76
C6 NAG P . -0.16 -37.15 -35.12
C7 NAG P . -3.39 -36.74 -29.20
C8 NAG P . -4.11 -35.60 -29.87
N2 NAG P . -2.41 -37.30 -29.91
O3 NAG P . -4.09 -37.75 -32.18
O4 NAG P . -2.78 -38.39 -34.62
O5 NAG P . -0.15 -36.61 -32.82
O6 NAG P . -1.19 -37.05 -36.08
O7 NAG P . -3.69 -37.13 -28.08
C1 AQV Q . 12.68 -15.09 23.93
C2 AQV Q . 14.21 -14.93 24.07
C3 AQV Q . 14.82 -14.76 25.46
C4 AQV Q . 13.92 -14.77 26.70
C5 AQV Q . 12.41 -14.93 26.53
C6 AQV Q . 11.80 -15.09 25.11
N1 AQV Q . 10.38 -15.37 23.16
N2 AQV Q . 6.81 -16.45 22.27
O1 AQV Q . 8.37 -16.97 23.89
C7 AQV Q . 11.79 -15.27 22.70
C8 AQV Q . 10.37 -15.27 24.66
C9 AQV Q . 9.25 -15.55 22.27
C10 AQV Q . 8.14 -16.39 22.89
C11 AQV Q . 5.64 -17.31 22.83
C12 AQV Q . 4.25 -16.68 22.68
C13 AQV Q . 4.10 -15.41 21.85
C14 AQV Q . 5.00 -15.27 20.75
C15 AQV Q . 6.38 -15.78 20.98
O2 AQV Q . 9.42 -15.32 25.35
O3 AQV Q . 12.14 -15.31 21.58
C16 AQV Q . 7.41 -15.67 19.83
C17 AQV Q . 7.01 -15.02 18.51
C18 AQV Q . 5.58 -14.47 18.29
C19 AQV Q . 4.57 -14.60 19.42
C20 AQV Q . 2.60 -15.34 21.28
C22 AQV Q . 5.74 -18.65 22.10
C21 AQV Q . 5.79 -17.57 24.32
H1 AQV Q . 14.84 -14.92 23.21
H2 AQV Q . 15.89 -14.65 25.58
H3 AQV Q . 14.34 -14.66 27.68
H4 AQV Q . 11.76 -14.94 27.38
H5 AQV Q . 9.62 -16.02 21.38
H6 AQV Q . 8.85 -14.58 22.01
H7 AQV Q . 3.96 -16.37 23.68
H8 AQV Q . 3.56 -17.42 22.30
H9 AQV Q . 4.27 -14.58 22.52
H10 AQV Q . 8.41 -16.05 19.97
H11 AQV Q . 7.73 -14.93 17.70
H12 AQV Q . 5.30 -14.01 17.36
H13 AQV Q . 3.56 -14.23 19.30
H14 AQV Q . 1.91 -15.71 22.02
H15 AQV Q . 2.36 -14.31 21.05
H16 AQV Q . 2.52 -15.93 20.38
H17 AQV Q . 4.75 -19.09 21.96
H18 AQV Q . 6.19 -18.49 21.12
H19 AQV Q . 6.36 -19.33 22.66
H20 AQV Q . 6.05 -16.64 24.84
H21 AQV Q . 6.58 -18.29 24.52
H22 AQV Q . 4.86 -17.95 24.72
C1 NAG R . -18.67 -8.16 44.57
C2 NAG R . -20.10 -8.64 44.83
C3 NAG R . -20.92 -7.53 45.48
C4 NAG R . -20.22 -7.02 46.74
C5 NAG R . -18.79 -6.61 46.41
C6 NAG R . -18.00 -6.20 47.63
C7 NAG R . -20.77 -10.34 43.21
C8 NAG R . -21.47 -10.61 41.91
N2 NAG R . -20.73 -9.06 43.59
O3 NAG R . -22.21 -8.02 45.81
O4 NAG R . -20.92 -5.91 47.27
O5 NAG R . -18.09 -7.70 45.81
O6 NAG R . -18.84 -5.89 48.72
O7 NAG R . -20.28 -11.25 43.87
C1 NAG S . -23.97 -30.16 36.92
C2 NAG S . -24.25 -31.14 35.77
C3 NAG S . -24.63 -30.37 34.51
C4 NAG S . -25.78 -29.42 34.78
C5 NAG S . -25.44 -28.51 35.95
C6 NAG S . -26.59 -27.62 36.37
C7 NAG S . -23.05 -33.27 35.95
C8 NAG S . -21.80 -34.02 35.60
N2 NAG S . -23.12 -32.00 35.52
O3 NAG S . -24.98 -31.29 33.47
O4 NAG S . -26.07 -28.63 33.63
O5 NAG S . -25.10 -29.29 37.11
O6 NAG S . -27.53 -28.33 37.16
O7 NAG S . -23.96 -33.78 36.59
C1 NAG T . 1.17 -34.46 34.06
C2 NAG T . -0.21 -34.92 33.50
C3 NAG T . -0.61 -36.27 34.12
C4 NAG T . 0.50 -37.29 33.93
C5 NAG T . 1.78 -36.77 34.56
C6 NAG T . 2.95 -37.71 34.38
C7 NAG T . -2.20 -33.60 32.91
C8 NAG T . -2.15 -34.28 31.57
N2 NAG T . -1.24 -33.93 33.78
O3 NAG T . -1.82 -36.73 33.53
O4 NAG T . 0.13 -38.51 34.57
O5 NAG T . 2.14 -35.54 33.91
O6 NAG T . 2.53 -38.98 33.90
O7 NAG T . -3.07 -32.76 33.18
C1 AQV U . -4.89 24.21 18.74
C2 AQV U . -3.63 24.99 19.15
C3 AQV U . -3.67 26.51 19.23
C4 AQV U . -4.96 27.24 18.91
C5 AQV U . -6.20 26.46 18.50
C6 AQV U . -6.13 24.92 18.42
N1 AQV U . -6.57 22.54 18.15
N2 AQV U . -9.51 20.11 17.84
O1 AQV U . -9.09 22.10 18.90
C7 AQV U . -5.16 22.72 18.57
C8 AQV U . -7.19 23.88 18.06
C9 AQV U . -7.17 21.25 17.90
C10 AQV U . -8.64 21.20 18.27
C11 AQV U . -11.01 19.99 18.20
C12 AQV U . -11.90 19.38 17.10
C13 AQV U . -11.25 18.79 15.87
C14 AQV U . -9.96 18.19 16.07
C15 AQV U . -9.08 18.87 17.06
O2 AQV U . -8.31 24.12 17.75
O3 AQV U . -4.38 21.84 18.74
C16 AQV U . -7.69 18.29 17.33
C17 AQV U . -7.21 17.04 16.57
C18 AQV U . -8.13 16.35 15.55
C19 AQV U . -9.52 16.94 15.29
C20 AQV U . -12.23 17.69 15.24
C22 AQV U . -11.06 19.14 19.48
C21 AQV U . -11.63 21.35 18.50
H1 AQV U . -2.70 24.46 19.39
H2 AQV U . -2.79 27.08 19.52
H3 AQV U . -5.00 28.32 18.97
H4 AQV U . -7.12 26.96 18.26
H5 AQV U . -7.10 21.01 16.85
H6 AQV U . -6.62 20.52 18.47
H7 AQV U . -12.48 20.22 16.71
H8 AQV U . -12.56 18.64 17.53
H9 AQV U . -11.12 19.59 15.16
H10 AQV U . -7.04 18.75 18.05
H11 AQV U . -6.23 16.63 16.76
H12 AQV U . -7.81 15.47 15.01
H13 AQV U . -10.19 16.47 14.57
H14 AQV U . -13.26 18.00 15.33
H15 AQV U . -11.99 17.54 14.19
H16 AQV U . -12.10 16.74 15.76
H17 AQV U . -11.01 19.80 20.35
H18 AQV U . -11.98 18.58 19.53
H19 AQV U . -10.20 18.48 19.50
H20 AQV U . -12.72 21.27 18.51
H21 AQV U . -11.31 21.73 19.47
H22 AQV U . -11.33 22.07 17.74
#